data_8AVG
#
_entry.id   8AVG
#
_cell.length_a   1.00
_cell.length_b   1.00
_cell.length_c   1.00
_cell.angle_alpha   90.00
_cell.angle_beta   90.00
_cell.angle_gamma   90.00
#
_symmetry.space_group_name_H-M   'P 1'
#
loop_
_entity.id
_entity.type
_entity.pdbx_description
1 polymer 'Elongator complex protein 1'
2 polymer 'Elongator complex protein 2'
3 polymer 'Elongator complex protein 3'
4 non-polymer 'IRON/SULFUR CLUSTER'
5 non-polymer S-ADENOSYLMETHIONINE
#
loop_
_entity_poly.entity_id
_entity_poly.type
_entity_poly.pdbx_seq_one_letter_code
_entity_poly.pdbx_strand_id
1 'polypeptide(L)'
;MRNLKLHRTLEFRDIQAPGKPQCFCLRAEQGTVLIGSERGLTEVDPVRREVKTEISLVAEGFLPEDGSGCIVGIQDLLDQ
ESVCVATASGDVIVCNLSTQQLECVGSVASGISVMSWSPDQELLLLATAQQTLIMMTKDFEVIAEEQIHQDDFGEGKFVT
VGWGSKQTQFHGSEGRPTAFPVQLPENALPWDDRRPHITWRGDGQYFAVSVVCRQTEARKIRVWNREFALQSTSESVPGL
GPALAWKPSGSLIASTQDKPNQQDVVFFEKNGLLHGHFTLPFLKDEVKVNDLLWNADSSVLAIWLEDLPKEDSSTLKSYV
QLWTVGNYHWYLKQSLPFSTTGKNQIVSLLWDPVTPCRLHVLCTGWRYLCCDWHWTTDRSSGNSANDLANVAVIDGNRVL
VTVFRQTVVPPPMCTYRLLIPHPVNQVIFSAHLGNDLAVLDASNQISVYKCGDKPNMDSTVKLGAVGGNGFKVPLTTPHL
EKRYSIQFGNNEEEEEEEVNALQLSFLTWVEDDTFLAISYSHSSSQSIIHHLTVTHSEVDEEQGQLDVSSSVTVDGVVIG
LCCCSKTKSLAVQLADGQVLKYLWESPSLAVEPWKNSEGIPVRFVHPCTQMEVATIGGEECVLGLTDRCRFFINDTEVAS
NITSFAVCDDFLLVTTHSHTCQVFSLSGASLKMLQAALSGSHEASGEILRKVERGSRIVTVVPQDTKLILQMPRGNLEVV
HHRALVLAQIRKWLDKLMFKEAFECMRKLRINLNLIHDHNPKVFLENVETFVKQIDSVNHINLFFTELREEDVTKTMYPP
PITKSVQVSTHPDGKKLDLICDAMRAAMEAINPRKFCLSILTSHVKKTTPELEIVLQKVQELQGNLPFDPESVSVEEALK
YLLLLVDVNELFNHSLGTYDFNLVLMVAEKSQKDPKEYLPFLNTLKKMETNYQRFTIDKYLKRYEKALGHLSKCGPEYFT
ECLNLIKDKNLYKEALKLYRPDSPQYQAVSMAYGEHLMQEHLYEPAGLVFARCGAQEKALEAFLACGSWQQALCVAAQLQ
MSKDKVAGLARTLAGKLVEQRKHSEAATVLEQYAQDYEEAVLLLLEGSAWEEALRLVYKYDRVDIIETSVKPSILEAQKN
YMDFLDSETATFIRHKNRLQVVRALRRQAPQVHVDHEVAHGPESDLFSETSSIMSGSEMSGRYSHSNSRISARSSKNRRK
AERKKHSLKEGSPLEGLALLEALSEVVQSVEKLKDEVRAILKVLFLFEFEEQAKELQRAFESTLQLMERAVPEIWTPAGQ
QSSTTPVLGPSSTANSITASYQQQKTCVPALDAGVYMPPKMDPRSQWKLSLLE
;
A
2 'polypeptide(L)'
;MVSSVLEVSHVFCCPNRVRGALSWNTGPGGLLAFGTSCSVVLYDPQKKVVITNLNGHTARVNCLQWIRTEDGSPSNELVS
GGSDNRVIHWELENNQVLKSVRLQGHEGPVCAVHAIYQSGPSEGEQHALIASAASDSTVRIWSKKGSEVKYLQTLSFRDG
FVLSVCLAILPGTNVPVLACGDDDCRIHLYIQQDDQFQKALSLCGHEDWIRGVEWATFGRDLFLASCSQDCLIRIWRLYM
KPASFETKDGSLRLKENTFTIKDGGVRTTVAVTLETVLAGHENWVNAVHWQPSFYKDGVLQQPVRLLSASMDKTMILWAP
DEESGVWLEQVRVGEVGGNTLGFYDCQFGENGTMIIAHAFHGALHLWKQSTVNPRQWAPEIVISGHFDGVQDLMWDPEGE
FIITTSTDQTTRLFAPWKKKDQKDRSQVTWHEIARPQIHGYNIKCLAMIDRFQFVSGADEKVLRVFSAPRNFVENFSVIS
RQSLSHMLCDDQDLPEGATVPALGLSNKALFQGDIASQPFEEDELISPAFGSPQVTFQPAVLNEPPTEDHLLQNTLWPEI
QKLYGHGYEIVCVACNNSKTLLASACKASQKEHAAIILWSTASWKQVQSLAFHTLTVTQMTFSPDDKFLLAVSRDRTWSL
WKRQDATSSEFDPFFSLFAFTNKITSVHSRIIWSCDWSPDNKYFFTGSRDKKVVVWGECKSSHNPMEHPIRPCSSILDVG
SSVTAVSVCPVLNPAQRYIVAIGLESGKICIYSWNKTNQEINDWTSCVETNPSQSHSLGIRRLCWKSCSDDDDDDDDDDT
EQSEEGPEWLHFASCGEDHTVKIYRVNRRAL
;
B
3 'polypeptide(L)'
;MRQKRKGDLSPAELMMLTIGDVIKQLVEAHEQGKDVDLNKMKTKTAAKYGLASQPRLVDIIAAVPPHYRKILIPKLKAKP
VRTASGIAVVAVMCKPHRCPHISFTGNICIYCPGGPDSDFEYSTQSYTGYEPTSMRAIRARYDPFLQTRHRIEQLKQLGH
SVDKVEFIVMGGTFMALPEEYRDYFIRSLHDALSGHTSNNIHEAIKYSERSFTKCVGITIETRPDYCMKRHLSDMLTYGC
TRLEIGVQSVYEDVARDTNRGHTVKAACESFHLAKDSGFKVVTHMMPDLPNVGLERDIEQFIEFFENPAFRPDGLKLYPT
LVIRGTGLYELWKSGRYRSYSPSDLIELVARILALVPPWTRVYRVQRDIPMPLVSSGVEHGNLRELAFARMKDLGIQCRD
VRTREVGIQEIHHRVRPYQVELVRRDYVANGGWETFLSYEDPDQDILIGLLRLRKCSEETFRFELGGGVSIVRELHVYGS
VVPVSSRDPTKFQHQGFGMLLMEEAERIAREEHGSGKMAVISGVGTRNYYRKIGYRLQGPYMVKMLK
;
C
#
# COMPACT_ATOMS: atom_id res chain seq x y z
N MET A 1 0.03 -10.50 32.78
CA MET A 1 0.53 -11.83 32.47
C MET A 1 0.67 -12.64 33.76
N ARG A 2 1.91 -13.04 34.05
CA ARG A 2 2.28 -13.58 35.34
C ARG A 2 2.53 -12.43 36.31
N ASN A 3 2.56 -12.74 37.60
CA ASN A 3 2.83 -11.73 38.60
C ASN A 3 3.81 -12.27 39.63
N LEU A 4 4.87 -11.50 39.89
CA LEU A 4 5.82 -11.87 40.92
C LEU A 4 5.15 -11.84 42.29
N LYS A 5 5.58 -12.74 43.17
CA LYS A 5 5.10 -12.77 44.54
C LYS A 5 6.24 -13.17 45.46
N LEU A 6 6.06 -12.91 46.74
CA LEU A 6 7.10 -13.19 47.71
C LEU A 6 7.25 -14.69 47.91
N HIS A 7 8.37 -15.08 48.52
CA HIS A 7 8.74 -16.47 48.68
C HIS A 7 9.56 -16.57 49.97
N ARG A 8 10.31 -17.66 50.11
CA ARG A 8 11.19 -17.84 51.26
C ARG A 8 12.05 -16.60 51.50
N THR A 9 11.85 -15.97 52.65
CA THR A 9 12.54 -14.75 53.02
C THR A 9 13.61 -15.08 54.07
N LEU A 10 14.79 -14.49 53.89
CA LEU A 10 15.91 -14.71 54.80
C LEU A 10 16.38 -13.39 55.38
N GLU A 11 16.74 -13.43 56.65
CA GLU A 11 17.26 -12.26 57.34
C GLU A 11 18.28 -12.71 58.37
N PHE A 12 19.42 -12.02 58.42
CA PHE A 12 20.50 -12.37 59.33
C PHE A 12 20.96 -11.13 60.08
N ARG A 13 21.35 -11.33 61.33
CA ARG A 13 21.97 -10.29 62.15
C ARG A 13 23.19 -10.91 62.81
N ASP A 14 24.38 -10.61 62.29
CA ASP A 14 25.59 -11.32 62.67
C ASP A 14 26.28 -10.70 63.87
N ILE A 15 26.64 -9.42 63.76
CA ILE A 15 27.30 -8.67 64.88
C ILE A 15 27.88 -7.39 64.30
N GLN A 16 28.00 -6.34 65.12
CA GLN A 16 28.51 -5.04 64.62
C GLN A 16 30.04 -5.09 64.59
N ALA A 17 30.60 -5.57 63.49
CA ALA A 17 32.08 -5.61 63.35
C ALA A 17 32.59 -4.17 63.19
N PRO A 18 33.90 -3.93 63.04
CA PRO A 18 34.44 -2.56 63.01
C PRO A 18 33.72 -1.52 62.13
N GLY A 19 33.44 -0.34 62.68
CA GLY A 19 32.88 0.77 61.88
C GLY A 19 31.77 0.41 60.90
N LYS A 20 31.89 0.85 59.64
CA LYS A 20 30.76 0.66 58.68
C LYS A 20 31.15 -0.13 57.43
N PRO A 21 30.16 -0.71 56.73
CA PRO A 21 30.35 -1.56 55.54
C PRO A 21 30.36 -0.70 54.28
N GLN A 22 31.17 -1.12 53.31
CA GLN A 22 31.31 -0.37 52.07
C GLN A 22 30.81 -1.15 50.86
N CYS A 23 31.35 -2.34 50.61
CA CYS A 23 30.96 -3.14 49.46
C CYS A 23 31.09 -4.61 49.81
N PHE A 24 30.11 -5.41 49.40
CA PHE A 24 30.06 -6.82 49.76
C PHE A 24 30.02 -7.67 48.50
N CYS A 25 30.11 -8.98 48.70
CA CYS A 25 30.07 -9.94 47.61
C CYS A 25 29.52 -11.26 48.12
N LEU A 26 29.09 -12.09 47.18
CA LEU A 26 28.45 -13.38 47.49
C LEU A 26 29.30 -14.51 46.95
N ARG A 27 29.60 -15.48 47.82
CA ARG A 27 30.33 -16.69 47.46
C ARG A 27 29.31 -17.80 47.29
N ALA A 28 29.24 -18.36 46.08
CA ALA A 28 28.13 -19.21 45.70
C ALA A 28 28.30 -20.64 46.22
N GLU A 29 29.38 -21.31 45.79
CA GLU A 29 29.55 -22.72 46.12
C GLU A 29 29.62 -22.98 47.61
N GLN A 30 30.13 -22.04 48.39
CA GLN A 30 30.10 -22.14 49.85
C GLN A 30 28.96 -21.34 50.46
N GLY A 31 28.15 -20.67 49.64
CA GLY A 31 26.93 -20.01 50.08
C GLY A 31 27.10 -19.07 51.26
N THR A 32 27.80 -17.95 51.05
CA THR A 32 28.02 -17.00 52.12
C THR A 32 28.17 -15.60 51.55
N VAL A 33 28.21 -14.62 52.44
CA VAL A 33 28.39 -13.22 52.07
C VAL A 33 29.66 -12.74 52.75
N LEU A 34 30.53 -12.09 52.00
CA LEU A 34 31.72 -11.48 52.57
C LEU A 34 31.67 -9.97 52.38
N ILE A 35 31.95 -9.23 53.45
CA ILE A 35 31.76 -7.78 53.50
C ILE A 35 33.09 -7.12 53.79
N GLY A 36 33.36 -6.03 53.07
CA GLY A 36 34.52 -5.20 53.34
C GLY A 36 34.14 -3.97 54.16
N SER A 37 35.04 -3.59 55.06
CA SER A 37 34.79 -2.49 55.96
C SER A 37 36.03 -1.59 56.04
N GLU A 38 35.79 -0.32 56.33
CA GLU A 38 36.93 0.62 56.51
C GLU A 38 37.85 0.02 57.58
N ARG A 39 39.07 0.54 57.70
CA ARG A 39 40.03 -0.03 58.67
C ARG A 39 40.36 -1.47 58.26
N GLY A 40 40.64 -1.69 56.98
CA GLY A 40 41.05 -3.03 56.49
C GLY A 40 40.25 -4.15 57.11
N LEU A 41 39.18 -4.59 56.44
CA LEU A 41 38.30 -5.60 57.09
C LEU A 41 37.57 -6.47 56.07
N THR A 42 38.04 -7.71 55.83
CA THR A 42 37.23 -8.61 55.01
C THR A 42 36.64 -9.66 55.95
N GLU A 43 35.35 -9.57 56.21
CA GLU A 43 34.67 -10.48 57.14
C GLU A 43 33.71 -11.34 56.34
N VAL A 44 33.95 -12.65 56.33
CA VAL A 44 32.92 -13.59 55.93
C VAL A 44 32.16 -14.00 57.19
N ASP A 45 31.30 -13.10 57.65
CA ASP A 45 30.54 -13.26 58.89
C ASP A 45 29.22 -14.02 58.67
N PRO A 46 28.49 -13.78 57.55
CA PRO A 46 27.24 -14.50 57.25
C PRO A 46 27.26 -16.03 57.30
N VAL A 47 26.07 -16.65 57.41
CA VAL A 47 25.95 -18.14 57.46
C VAL A 47 26.66 -18.67 58.72
N ARG A 48 27.42 -19.77 58.60
CA ARG A 48 28.11 -20.39 59.77
C ARG A 48 29.28 -19.50 60.22
N ARG A 49 29.60 -18.45 59.46
CA ARG A 49 30.64 -17.46 59.85
C ARG A 49 32.03 -18.07 60.02
N GLU A 50 32.66 -18.56 58.93
CA GLU A 50 34.05 -18.96 59.07
C GLU A 50 34.91 -17.70 59.07
N VAL A 51 34.52 -16.73 59.90
CA VAL A 51 35.04 -15.37 59.87
C VAL A 51 36.56 -15.36 59.94
N LYS A 52 37.18 -14.67 58.98
CA LYS A 52 38.64 -14.51 58.93
C LYS A 52 38.92 -13.02 58.73
N THR A 53 38.95 -12.28 59.82
CA THR A 53 39.19 -10.84 59.74
C THR A 53 40.68 -10.55 59.64
N GLU A 54 41.03 -9.66 58.72
CA GLU A 54 42.42 -9.29 58.51
C GLU A 54 42.53 -7.78 58.42
N ILE A 55 43.71 -7.26 58.73
CA ILE A 55 44.00 -5.84 58.64
C ILE A 55 44.60 -5.58 57.26
N SER A 56 43.81 -4.99 56.38
CA SER A 56 44.25 -4.74 55.01
C SER A 56 45.36 -3.68 54.99
N LEU A 57 46.28 -3.86 54.05
CA LEU A 57 47.43 -2.98 53.91
C LEU A 57 47.01 -1.57 53.52
N ASP A 66 46.25 2.47 58.46
CA ASP A 66 45.68 3.70 57.92
C ASP A 66 45.33 3.53 56.44
N GLY A 67 46.11 4.15 55.57
CA GLY A 67 45.84 4.09 54.15
C GLY A 67 44.58 4.86 53.80
N SER A 68 44.04 4.54 52.63
CA SER A 68 42.81 5.15 52.16
C SER A 68 41.64 4.71 53.03
N GLY A 69 40.67 5.61 53.21
CA GLY A 69 39.53 5.31 54.05
C GLY A 69 38.41 4.57 53.34
N CYS A 70 38.62 4.18 52.09
CA CYS A 70 37.60 3.51 51.29
C CYS A 70 38.22 2.35 50.51
N ILE A 71 37.47 1.26 50.42
CA ILE A 71 37.79 0.15 49.54
C ILE A 71 36.66 0.02 48.53
N VAL A 72 37.04 -0.22 47.27
CA VAL A 72 36.11 -0.16 46.16
C VAL A 72 35.75 -1.54 45.64
N GLY A 73 36.68 -2.48 45.68
CA GLY A 73 36.50 -3.77 45.03
C GLY A 73 36.52 -4.92 46.02
N ILE A 74 35.56 -5.83 45.87
CA ILE A 74 35.55 -7.10 46.59
C ILE A 74 34.90 -8.14 45.70
N GLN A 75 35.62 -9.21 45.40
CA GLN A 75 35.16 -10.18 44.41
C GLN A 75 35.65 -11.57 44.76
N ASP A 76 34.76 -12.54 44.66
CA ASP A 76 35.13 -13.94 44.82
C ASP A 76 35.76 -14.47 43.54
N LEU A 77 36.55 -15.53 43.69
CA LEU A 77 37.13 -16.23 42.55
C LEU A 77 36.55 -17.61 42.34
N LEU A 78 36.44 -18.42 43.40
CA LEU A 78 35.78 -19.71 43.39
C LEU A 78 36.54 -20.74 42.55
N ASP A 79 37.62 -20.30 41.92
CA ASP A 79 38.45 -21.20 41.13
C ASP A 79 39.93 -21.11 41.50
N GLN A 80 40.42 -19.91 41.81
CA GLN A 80 41.78 -19.74 42.32
C GLN A 80 41.83 -19.76 43.84
N GLU A 81 40.69 -19.92 44.50
CA GLU A 81 40.58 -20.01 45.95
C GLU A 81 41.22 -18.81 46.64
N SER A 82 40.65 -17.65 46.34
CA SER A 82 41.08 -16.40 46.95
C SER A 82 39.99 -15.35 46.71
N VAL A 83 40.15 -14.22 47.39
CA VAL A 83 39.24 -13.08 47.24
C VAL A 83 40.11 -11.87 46.92
N CYS A 84 39.75 -11.15 45.85
CA CYS A 84 40.54 -10.00 45.44
C CYS A 84 39.89 -8.71 45.94
N VAL A 85 40.71 -7.86 46.57
CA VAL A 85 40.25 -6.61 47.15
C VAL A 85 41.10 -5.47 46.60
N ALA A 86 40.48 -4.30 46.49
CA ALA A 86 41.18 -3.10 46.03
C ALA A 86 40.67 -1.92 46.83
N THR A 87 41.59 -1.02 47.21
CA THR A 87 41.25 0.14 48.02
C THR A 87 41.44 1.41 47.19
N ALA A 88 41.00 2.53 47.75
CA ALA A 88 41.06 3.81 47.05
C ALA A 88 42.49 4.24 46.77
N SER A 89 43.46 3.73 47.52
CA SER A 89 44.86 4.05 47.26
C SER A 89 45.45 3.22 46.13
N GLY A 90 44.69 2.28 45.58
CA GLY A 90 45.18 1.47 44.47
C GLY A 90 46.06 0.32 44.91
N ASP A 91 45.51 -0.60 45.70
CA ASP A 91 46.26 -1.75 46.20
C ASP A 91 45.43 -3.00 45.97
N VAL A 92 45.60 -3.62 44.80
CA VAL A 92 44.94 -4.89 44.50
C VAL A 92 45.66 -5.98 45.27
N ILE A 93 45.02 -6.46 46.34
CA ILE A 93 45.63 -7.39 47.28
C ILE A 93 44.94 -8.74 47.20
N VAL A 94 45.67 -9.76 46.76
CA VAL A 94 45.12 -11.11 46.76
C VAL A 94 45.21 -11.68 48.16
N CYS A 95 44.07 -12.12 48.69
CA CYS A 95 43.98 -12.64 50.05
C CYS A 95 43.26 -13.97 50.05
N ASN A 96 43.77 -14.90 50.84
CA ASN A 96 43.13 -16.19 51.06
C ASN A 96 42.72 -16.27 52.52
N LEU A 97 41.43 -16.53 52.75
CA LEU A 97 40.87 -16.46 54.10
C LEU A 97 41.33 -17.64 54.96
N SER A 98 41.47 -18.83 54.37
CA SER A 98 41.75 -20.02 55.17
C SER A 98 43.13 -19.98 55.80
N THR A 99 44.03 -19.15 55.27
CA THR A 99 45.42 -19.11 55.74
C THR A 99 45.83 -17.77 56.32
N GLN A 100 44.99 -16.74 56.22
CA GLN A 100 45.31 -15.40 56.71
C GLN A 100 46.59 -14.87 56.06
N GLN A 101 46.53 -14.72 54.74
CA GLN A 101 47.67 -14.29 53.94
C GLN A 101 47.31 -13.01 53.19
N LEU A 102 48.26 -12.08 53.13
CA LEU A 102 48.07 -10.81 52.44
C LEU A 102 49.24 -10.57 51.51
N GLU A 103 48.97 -9.97 50.35
CA GLU A 103 49.99 -9.66 49.36
C GLU A 103 49.46 -8.61 48.39
N CYS A 104 50.14 -7.48 48.34
CA CYS A 104 49.78 -6.39 47.44
C CYS A 104 50.30 -6.74 46.05
N VAL A 105 49.54 -7.58 45.34
CA VAL A 105 49.97 -8.06 44.03
C VAL A 105 50.03 -6.91 43.03
N GLY A 106 49.01 -6.05 43.02
CA GLY A 106 48.98 -4.92 42.11
C GLY A 106 48.94 -3.61 42.87
N SER A 107 49.61 -2.61 42.31
CA SER A 107 49.62 -1.30 42.97
C SER A 107 49.97 -0.23 41.95
N VAL A 108 49.17 0.82 41.92
CA VAL A 108 49.42 2.00 41.09
C VAL A 108 49.32 3.23 41.98
N ALA A 109 50.31 4.11 41.87
CA ALA A 109 50.39 5.29 42.72
C ALA A 109 49.37 6.36 42.36
N SER A 110 48.44 6.07 41.46
CA SER A 110 47.43 7.04 41.03
C SER A 110 46.12 6.91 41.81
N GLY A 111 45.73 5.70 42.19
CA GLY A 111 44.44 5.47 42.81
C GLY A 111 43.49 4.70 41.89
N ILE A 112 42.49 4.09 42.51
CA ILE A 112 41.54 3.24 41.80
C ILE A 112 40.14 3.72 42.12
N SER A 113 39.32 3.89 41.07
CA SER A 113 37.96 4.40 41.26
C SER A 113 36.90 3.31 41.17
N VAL A 114 37.16 2.22 40.46
CA VAL A 114 36.19 1.14 40.32
C VAL A 114 36.91 -0.13 39.86
N MET A 115 36.34 -1.28 40.19
CA MET A 115 36.90 -2.57 39.81
C MET A 115 35.78 -3.46 39.30
N SER A 116 36.04 -4.11 38.16
CA SER A 116 35.06 -4.97 37.52
C SER A 116 35.76 -6.21 36.98
N TRP A 117 34.99 -7.26 36.76
CA TRP A 117 35.52 -8.54 36.31
C TRP A 117 34.70 -9.08 35.15
N SER A 118 35.34 -9.93 34.36
CA SER A 118 34.67 -10.57 33.24
C SER A 118 33.65 -11.59 33.73
N PRO A 119 32.60 -11.85 32.94
CA PRO A 119 31.60 -12.84 33.37
C PRO A 119 32.19 -14.22 33.63
N ASP A 120 33.16 -14.65 32.84
CA ASP A 120 33.87 -15.90 33.09
C ASP A 120 35.07 -15.71 33.99
N GLN A 121 35.30 -14.48 34.48
CA GLN A 121 36.38 -14.17 35.41
C GLN A 121 37.74 -14.56 34.84
N GLU A 122 37.97 -14.17 33.60
CA GLU A 122 39.24 -14.41 32.93
C GLU A 122 40.08 -13.14 32.76
N LEU A 123 39.43 -11.99 32.56
CA LEU A 123 40.12 -10.72 32.39
C LEU A 123 39.53 -9.72 33.38
N LEU A 124 40.21 -8.59 33.56
CA LEU A 124 39.67 -7.54 34.41
C LEU A 124 40.31 -6.23 34.00
N LEU A 125 39.70 -5.13 34.44
CA LEU A 125 40.22 -3.81 34.09
C LEU A 125 39.98 -2.86 35.24
N LEU A 126 40.84 -1.86 35.35
CA LEU A 126 40.79 -0.90 36.44
C LEU A 126 40.78 0.51 35.88
N ALA A 127 40.15 1.41 36.64
CA ALA A 127 40.03 2.82 36.28
C ALA A 127 40.89 3.63 37.25
N THR A 128 42.07 4.04 36.79
CA THR A 128 42.95 4.83 37.64
C THR A 128 42.35 6.21 37.88
N ALA A 129 42.73 6.81 39.01
CA ALA A 129 42.23 8.12 39.37
C ALA A 129 42.80 9.22 38.47
N GLN A 130 43.78 8.92 37.64
CA GLN A 130 44.37 9.89 36.72
C GLN A 130 43.67 9.85 35.36
N GLN A 131 42.39 9.46 35.35
CA GLN A 131 41.56 9.45 34.14
C GLN A 131 42.15 8.55 33.06
N THR A 132 42.57 7.36 33.47
CA THR A 132 43.07 6.35 32.54
C THR A 132 42.45 5.01 32.90
N LEU A 133 42.45 4.10 31.92
CA LEU A 133 41.87 2.78 32.08
C LEU A 133 42.91 1.75 31.66
N ILE A 134 43.14 0.74 32.50
CA ILE A 134 44.14 -0.28 32.27
C ILE A 134 43.49 -1.65 32.29
N MET A 135 44.12 -2.60 31.60
CA MET A 135 43.55 -3.93 31.41
C MET A 135 44.56 -5.00 31.81
N MET A 136 44.14 -5.92 32.67
CA MET A 136 44.98 -7.03 33.11
C MET A 136 44.28 -8.36 32.88
N THR A 137 45.09 -9.42 32.82
CA THR A 137 44.59 -10.78 32.77
C THR A 137 44.58 -11.34 34.21
N LYS A 138 44.37 -12.65 34.36
CA LYS A 138 44.36 -13.26 35.68
C LYS A 138 45.64 -12.96 36.45
N ASP A 139 46.79 -13.11 35.79
CA ASP A 139 48.04 -12.62 36.34
C ASP A 139 48.01 -11.09 36.33
N PHE A 140 48.11 -10.48 37.51
CA PHE A 140 47.85 -9.05 37.65
C PHE A 140 48.98 -8.23 37.06
N GLU A 141 49.14 -8.30 35.74
CA GLU A 141 50.14 -7.54 35.01
C GLU A 141 49.47 -6.74 33.91
N VAL A 142 49.87 -5.48 33.77
CA VAL A 142 49.24 -4.59 32.81
C VAL A 142 49.64 -4.97 31.40
N ILE A 143 48.66 -5.07 30.51
CA ILE A 143 48.92 -5.31 29.10
C ILE A 143 48.56 -4.13 28.21
N ALA A 144 47.62 -3.26 28.61
CA ALA A 144 47.26 -2.11 27.79
C ALA A 144 46.60 -1.07 28.68
N GLU A 145 46.68 0.18 28.22
CA GLU A 145 46.14 1.32 28.95
C GLU A 145 45.84 2.46 27.99
N GLU A 146 44.62 3.00 28.10
CA GLU A 146 44.27 4.23 27.39
C GLU A 146 43.69 5.25 28.35
N GLN A 147 43.10 6.32 27.81
CA GLN A 147 42.45 7.34 28.62
C GLN A 147 41.16 7.74 27.91
N ILE A 148 40.56 8.85 28.35
CA ILE A 148 39.36 9.38 27.70
C ILE A 148 39.83 10.30 26.57
N HIS A 149 39.34 10.03 25.35
CA HIS A 149 39.79 10.74 24.18
C HIS A 149 38.66 10.86 23.16
N GLN A 150 38.84 11.81 22.24
CA GLN A 150 37.93 12.02 21.13
C GLN A 150 38.38 11.14 19.95
N ASP A 151 37.84 11.41 18.76
CA ASP A 151 38.24 10.71 17.53
C ASP A 151 37.93 9.21 17.63
N ASP A 152 36.63 8.91 17.62
CA ASP A 152 36.13 7.55 17.68
C ASP A 152 36.52 6.73 16.45
N PHE A 153 37.29 7.33 15.53
CA PHE A 153 37.93 6.65 14.40
C PHE A 153 36.91 6.26 13.33
N GLY A 154 35.85 7.05 13.19
CA GLY A 154 34.92 6.91 12.09
C GLY A 154 34.23 5.56 11.98
N GLU A 155 33.74 5.03 13.09
CA GLU A 155 33.04 3.75 13.05
C GLU A 155 31.71 3.90 12.33
N GLY A 156 31.45 2.96 11.41
CA GLY A 156 30.25 3.00 10.60
C GLY A 156 30.33 4.07 9.53
N LYS A 157 29.28 4.19 8.72
CA LYS A 157 29.24 5.25 7.71
C LYS A 157 28.91 6.61 8.32
N PHE A 158 28.80 6.69 9.65
CA PHE A 158 28.43 7.93 10.30
C PHE A 158 29.44 9.05 10.07
N VAL A 159 30.73 8.74 10.15
CA VAL A 159 31.76 9.75 9.93
C VAL A 159 32.42 9.54 8.57
N PRO A 185 26.51 25.31 26.23
CA PRO A 185 26.18 25.85 27.55
C PRO A 185 26.57 24.89 28.67
N GLU A 186 25.96 25.06 29.84
CA GLU A 186 26.17 24.18 30.98
C GLU A 186 25.00 23.20 31.07
N ASN A 187 25.29 21.92 30.92
CA ASN A 187 24.25 20.89 30.93
C ASN A 187 24.65 19.72 31.82
N ALA A 188 25.23 20.00 32.97
CA ALA A 188 25.58 18.98 33.95
C ALA A 188 24.59 19.00 35.10
N LEU A 189 24.39 17.83 35.70
CA LEU A 189 23.44 17.74 36.81
C LEU A 189 24.00 18.45 38.04
N PRO A 190 23.13 19.09 38.82
CA PRO A 190 23.60 19.71 40.07
C PRO A 190 24.19 18.71 41.04
N TRP A 191 23.67 17.48 41.06
CA TRP A 191 24.13 16.44 41.97
C TRP A 191 25.01 15.40 41.28
N ASP A 192 25.44 15.65 40.04
CA ASP A 192 26.19 14.65 39.31
C ASP A 192 27.52 14.34 39.99
N ASP A 193 27.82 13.06 40.07
CA ASP A 193 29.10 12.60 40.59
C ASP A 193 30.03 12.26 39.43
N ARG A 194 31.31 12.60 39.59
CA ARG A 194 32.27 12.44 38.52
C ARG A 194 32.84 11.03 38.43
N ARG A 195 32.45 10.14 39.32
CA ARG A 195 32.98 8.78 39.30
C ARG A 195 32.46 8.04 38.07
N PRO A 196 33.35 7.52 37.21
CA PRO A 196 32.89 6.80 36.03
C PRO A 196 32.24 5.47 36.40
N HIS A 197 31.40 4.98 35.50
CA HIS A 197 30.72 3.70 35.69
C HIS A 197 31.13 2.73 34.59
N ILE A 198 31.15 1.45 34.92
CA ILE A 198 31.62 0.41 34.00
C ILE A 198 30.66 -0.77 34.07
N THR A 199 30.29 -1.30 32.90
CA THR A 199 29.43 -2.47 32.85
C THR A 199 29.93 -3.41 31.76
N TRP A 200 29.56 -4.67 31.89
CA TRP A 200 29.95 -5.71 30.94
C TRP A 200 28.70 -6.30 30.30
N ARG A 201 28.89 -7.30 29.44
CA ARG A 201 27.81 -7.96 28.73
C ARG A 201 27.71 -9.40 29.22
N GLY A 202 26.54 -10.00 29.03
CA GLY A 202 26.31 -11.34 29.54
C GLY A 202 27.26 -12.37 28.96
N ASP A 203 27.50 -12.30 27.65
CA ASP A 203 28.41 -13.23 27.00
C ASP A 203 29.87 -12.79 27.10
N GLY A 204 30.15 -11.67 27.73
CA GLY A 204 31.52 -11.24 27.95
C GLY A 204 32.30 -10.91 26.70
N GLN A 205 31.71 -10.17 25.77
CA GLN A 205 32.40 -9.74 24.56
C GLN A 205 32.63 -8.24 24.48
N TYR A 206 31.81 -7.44 25.14
CA TYR A 206 31.91 -5.99 25.07
C TYR A 206 31.75 -5.42 26.47
N PHE A 207 32.31 -4.23 26.68
CA PHE A 207 32.08 -3.55 27.94
C PHE A 207 31.94 -2.05 27.69
N ALA A 208 31.05 -1.43 28.45
CA ALA A 208 30.71 -0.02 28.29
C ALA A 208 31.23 0.78 29.48
N VAL A 209 31.72 1.98 29.17
CA VAL A 209 32.28 2.89 30.17
C VAL A 209 31.61 4.24 30.01
N SER A 210 31.13 4.79 31.12
CA SER A 210 30.49 6.11 31.15
C SER A 210 31.34 7.04 31.99
N VAL A 211 31.72 8.17 31.41
CA VAL A 211 32.59 9.15 32.04
C VAL A 211 32.01 10.55 31.83
N VAL A 212 32.75 11.54 32.31
CA VAL A 212 32.35 12.94 32.21
C VAL A 212 33.34 13.68 31.34
N CYS A 213 32.82 14.49 30.42
CA CYS A 213 33.64 15.36 29.59
C CYS A 213 33.61 16.76 30.19
N ARG A 214 34.79 17.28 30.53
CA ARG A 214 34.90 18.56 31.22
C ARG A 214 34.95 19.75 30.28
N GLN A 215 35.40 19.56 29.03
CA GLN A 215 35.43 20.65 28.07
C GLN A 215 34.02 21.16 27.79
N THR A 216 33.06 20.25 27.65
CA THR A 216 31.66 20.62 27.49
C THR A 216 30.83 20.43 28.75
N GLU A 217 31.39 19.79 29.79
CA GLU A 217 30.70 19.54 31.05
C GLU A 217 29.41 18.74 30.82
N ALA A 218 29.60 17.52 30.34
CA ALA A 218 28.48 16.64 30.05
C ALA A 218 28.91 15.20 30.32
N ARG A 219 28.02 14.26 30.00
CA ARG A 219 28.25 12.85 30.19
C ARG A 219 28.44 12.16 28.85
N LYS A 220 29.36 11.18 28.82
CA LYS A 220 29.61 10.45 27.58
C LYS A 220 29.76 8.96 27.90
N ILE A 221 29.46 8.14 26.89
CA ILE A 221 29.52 6.69 27.00
C ILE A 221 30.32 6.18 25.82
N ARG A 222 30.98 5.04 26.03
CA ARG A 222 31.70 4.43 24.92
C ARG A 222 31.90 2.94 25.18
N VAL A 223 31.93 2.17 24.09
CA VAL A 223 31.95 0.72 24.16
C VAL A 223 33.28 0.22 23.63
N TRP A 224 33.84 -0.78 24.31
CA TRP A 224 35.09 -1.39 23.89
C TRP A 224 34.89 -2.90 23.76
N ASN A 225 35.75 -3.51 22.95
CA ASN A 225 35.67 -4.94 22.68
C ASN A 225 36.55 -5.72 23.66
N ARG A 226 36.56 -7.04 23.50
CA ARG A 226 37.39 -7.88 24.35
C ARG A 226 38.88 -7.60 24.14
N GLU A 227 39.29 -7.44 22.88
CA GLU A 227 40.66 -7.11 22.55
C GLU A 227 41.00 -5.65 22.82
N PHE A 228 40.12 -4.94 23.53
CA PHE A 228 40.41 -3.63 24.11
C PHE A 228 40.69 -2.60 23.02
N ALA A 229 39.71 -2.41 22.14
CA ALA A 229 39.75 -1.40 21.09
C ALA A 229 38.40 -0.73 21.01
N LEU A 230 38.40 0.59 20.80
CA LEU A 230 37.15 1.34 20.71
C LEU A 230 36.29 0.83 19.56
N GLN A 231 34.99 0.70 19.81
CA GLN A 231 34.07 0.20 18.80
C GLN A 231 32.92 1.15 18.50
N SER A 232 32.61 2.10 19.36
CA SER A 232 31.50 3.01 19.15
C SER A 232 31.68 4.21 20.07
N THR A 233 30.66 5.06 20.12
CA THR A 233 30.65 6.22 21.01
C THR A 233 29.20 6.50 21.39
N SER A 234 28.97 7.68 21.94
CA SER A 234 27.63 8.10 22.32
C SER A 234 27.23 9.36 21.58
N GLU A 235 26.00 9.36 21.07
CA GLU A 235 25.45 10.54 20.42
C GLU A 235 25.27 11.67 21.45
N SER A 236 25.07 12.87 20.95
CA SER A 236 24.84 14.02 21.81
C SER A 236 23.48 13.92 22.47
N VAL A 237 23.44 14.08 23.79
CA VAL A 237 22.19 14.01 24.54
C VAL A 237 22.08 15.24 25.44
N PRO A 238 20.89 15.80 25.62
CA PRO A 238 20.70 17.00 26.46
C PRO A 238 20.38 16.66 27.91
N GLY A 239 21.39 16.22 28.66
CA GLY A 239 21.21 15.96 30.07
C GLY A 239 21.07 14.49 30.39
N LEU A 240 22.15 13.88 30.89
CA LEU A 240 22.18 12.46 31.18
C LEU A 240 22.73 12.24 32.59
N GLY A 241 22.20 11.23 33.27
CA GLY A 241 22.67 10.88 34.59
C GLY A 241 23.87 9.98 34.54
N PRO A 242 24.32 9.56 35.73
CA PRO A 242 25.49 8.68 35.83
C PRO A 242 25.19 7.18 35.84
N ALA A 243 23.93 6.78 35.83
CA ALA A 243 23.60 5.37 35.93
C ALA A 243 23.97 4.64 34.63
N LEU A 244 24.16 3.33 34.75
CA LEU A 244 24.50 2.49 33.61
C LEU A 244 24.26 1.04 33.96
N ALA A 245 23.75 0.29 32.99
CA ALA A 245 23.52 -1.15 33.13
C ALA A 245 23.36 -1.75 31.76
N TRP A 246 23.72 -3.04 31.64
CA TRP A 246 23.69 -3.73 30.36
C TRP A 246 22.89 -5.02 30.51
N LYS A 247 22.00 -5.27 29.56
CA LYS A 247 21.18 -6.48 29.56
C LYS A 247 22.07 -7.70 29.34
N PRO A 248 22.00 -8.73 30.18
CA PRO A 248 22.83 -9.92 29.95
C PRO A 248 22.56 -10.62 28.63
N SER A 249 21.38 -10.41 28.03
CA SER A 249 21.17 -10.90 26.68
C SER A 249 22.00 -10.13 25.65
N GLY A 250 22.48 -8.94 26.00
CA GLY A 250 23.34 -8.16 25.13
C GLY A 250 22.63 -7.28 24.13
N SER A 251 21.38 -6.90 24.38
CA SER A 251 20.62 -6.14 23.40
C SER A 251 20.57 -4.64 23.67
N LEU A 252 20.49 -4.22 24.93
CA LEU A 252 20.23 -2.83 25.25
C LEU A 252 21.10 -2.39 26.42
N ILE A 253 21.14 -1.08 26.64
CA ILE A 253 21.88 -0.47 27.75
C ILE A 253 21.01 0.64 28.33
N ALA A 254 20.89 0.68 29.66
CA ALA A 254 20.01 1.64 30.31
C ALA A 254 20.74 2.95 30.60
N SER A 255 19.97 3.97 30.95
CA SER A 255 20.49 5.31 31.25
C SER A 255 19.36 6.13 31.87
N THR A 256 19.68 7.35 32.30
CA THR A 256 18.70 8.20 33.00
C THR A 256 17.98 9.17 32.07
N GLN A 257 18.73 10.13 31.50
CA GLN A 257 18.19 11.13 30.58
C GLN A 257 16.93 11.80 31.13
N ASP A 258 17.13 12.57 32.19
CA ASP A 258 16.03 13.32 32.80
C ASP A 258 15.64 14.46 31.85
N LYS A 259 14.40 14.42 31.36
CA LYS A 259 13.92 15.40 30.41
C LYS A 259 13.67 16.74 31.11
N PRO A 260 13.62 17.83 30.35
CA PRO A 260 13.25 19.11 30.97
C PRO A 260 11.85 19.10 31.58
N ASN A 261 10.92 18.38 30.95
CA ASN A 261 9.54 18.34 31.42
C ASN A 261 9.25 17.13 32.29
N GLN A 262 9.72 15.95 31.91
CA GLN A 262 9.46 14.72 32.65
C GLN A 262 10.79 14.08 32.99
N GLN A 263 10.74 12.85 33.50
CA GLN A 263 11.95 12.08 33.75
C GLN A 263 11.75 10.69 33.19
N ASP A 264 12.76 10.19 32.47
CA ASP A 264 12.63 8.98 31.68
C ASP A 264 13.72 7.99 32.07
N VAL A 265 13.72 6.86 31.38
CA VAL A 265 14.83 5.90 31.38
C VAL A 265 14.98 5.48 29.92
N VAL A 266 16.11 5.81 29.32
CA VAL A 266 16.32 5.61 27.90
C VAL A 266 17.24 4.43 27.68
N PHE A 267 17.40 4.04 26.42
CA PHE A 267 18.20 2.89 26.05
C PHE A 267 19.21 3.28 24.98
N PHE A 268 20.37 2.63 25.02
CA PHE A 268 21.40 2.80 24.01
C PHE A 268 21.74 1.43 23.44
N GLU A 269 21.63 1.30 22.13
CA GLU A 269 22.00 0.04 21.49
C GLU A 269 23.51 -0.11 21.48
N LYS A 270 23.97 -1.21 20.88
CA LYS A 270 25.40 -1.53 20.92
C LYS A 270 26.25 -0.50 20.18
N ASN A 271 25.71 0.11 19.14
CA ASN A 271 26.45 1.09 18.36
C ASN A 271 26.33 2.51 18.89
N GLY A 272 25.64 2.69 20.01
CA GLY A 272 25.59 3.99 20.67
C GLY A 272 24.63 4.98 20.06
N LEU A 273 23.34 4.65 20.08
CA LEU A 273 22.29 5.58 19.66
C LEU A 273 21.10 5.42 20.58
N LEU A 274 20.30 6.48 20.68
CA LEU A 274 19.12 6.49 21.53
C LEU A 274 18.02 5.70 20.84
N HIS A 275 17.61 4.58 21.44
CA HIS A 275 16.65 3.65 20.84
C HIS A 275 15.63 3.23 21.89
N GLY A 276 14.52 3.96 21.99
CA GLY A 276 13.46 3.65 22.90
C GLY A 276 13.67 4.28 24.27
N HIS A 277 12.62 4.22 25.09
CA HIS A 277 12.63 4.77 26.44
C HIS A 277 11.33 4.38 27.13
N PHE A 278 11.30 4.60 28.44
CA PHE A 278 10.06 4.44 29.20
C PHE A 278 10.09 5.39 30.40
N THR A 279 8.91 5.88 30.77
CA THR A 279 8.79 7.02 31.67
C THR A 279 8.51 6.59 33.11
N LEU A 280 9.28 7.15 34.04
CA LEU A 280 9.04 6.99 35.47
C LEU A 280 7.83 7.81 35.91
N PRO A 281 7.02 7.30 36.84
CA PRO A 281 5.77 7.98 37.19
C PRO A 281 5.92 9.06 38.26
N PHE A 282 7.14 9.53 38.51
CA PHE A 282 7.36 10.53 39.54
C PHE A 282 7.44 11.94 38.96
N LEU A 283 7.60 12.90 39.86
CA LEU A 283 7.50 14.32 39.53
C LEU A 283 8.87 14.96 39.41
N LYS A 284 8.88 16.15 38.81
CA LYS A 284 10.14 16.85 38.52
C LYS A 284 10.81 17.33 39.80
N ASP A 285 12.14 17.24 39.82
CA ASP A 285 13.02 17.80 40.84
C ASP A 285 12.72 17.32 42.24
N GLU A 286 12.20 16.10 42.42
CA GLU A 286 11.91 15.56 43.74
C GLU A 286 12.37 14.12 43.91
N VAL A 287 13.16 13.61 42.97
CA VAL A 287 13.69 12.25 43.06
C VAL A 287 14.88 12.16 42.12
N LYS A 288 15.77 11.20 42.38
CA LYS A 288 16.92 10.97 41.53
C LYS A 288 17.16 9.47 41.40
N VAL A 289 17.79 9.09 40.31
CA VAL A 289 18.14 7.70 40.04
C VAL A 289 19.57 7.46 40.50
N ASN A 290 19.81 6.30 41.12
CA ASN A 290 21.13 5.99 41.63
C ASN A 290 21.72 4.68 41.11
N ASP A 291 20.91 3.72 40.71
CA ASP A 291 21.43 2.44 40.25
C ASP A 291 20.44 1.79 39.30
N LEU A 292 20.95 0.89 38.48
CA LEU A 292 20.15 0.09 37.56
C LEU A 292 20.74 -1.30 37.50
N LEU A 293 19.89 -2.32 37.45
CA LEU A 293 20.35 -3.70 37.52
C LEU A 293 19.46 -4.60 36.67
N TRP A 294 20.00 -5.76 36.32
CA TRP A 294 19.27 -6.83 35.66
C TRP A 294 19.53 -8.13 36.41
N ASN A 295 18.55 -9.03 36.37
CA ASN A 295 18.68 -10.30 37.06
C ASN A 295 19.53 -11.25 36.22
N ALA A 296 19.54 -12.53 36.59
CA ALA A 296 20.40 -13.50 35.94
C ALA A 296 19.88 -13.93 34.56
N ASP A 297 18.57 -13.92 34.35
CA ASP A 297 17.99 -14.38 33.10
C ASP A 297 17.42 -13.24 32.26
N SER A 298 17.83 -12.00 32.55
CA SER A 298 17.45 -10.83 31.74
C SER A 298 15.95 -10.65 31.67
N SER A 299 15.25 -10.81 32.79
CA SER A 299 13.79 -10.72 32.78
C SER A 299 13.23 -9.75 33.81
N VAL A 300 14.03 -9.27 34.74
CA VAL A 300 13.57 -8.34 35.77
C VAL A 300 14.56 -7.18 35.84
N LEU A 301 14.05 -5.95 35.87
CA LEU A 301 14.87 -4.76 36.02
C LEU A 301 14.69 -4.17 37.40
N ALA A 302 15.82 -3.92 38.08
CA ALA A 302 15.84 -3.36 39.43
C ALA A 302 16.38 -1.94 39.34
N ILE A 303 15.68 -1.00 39.97
CA ILE A 303 16.05 0.41 39.93
C ILE A 303 16.10 0.95 41.35
N TRP A 304 17.09 1.80 41.63
CA TRP A 304 17.28 2.43 42.92
C TRP A 304 16.98 3.91 42.78
N LEU A 305 16.05 4.42 43.61
CA LEU A 305 15.66 5.81 43.59
C LEU A 305 15.98 6.42 44.94
N GLU A 306 16.61 7.59 44.93
CA GLU A 306 16.94 8.33 46.14
C GLU A 306 16.17 9.63 46.15
N ASP A 307 15.56 9.96 47.29
CA ASP A 307 14.78 11.18 47.43
C ASP A 307 15.67 12.42 47.35
N SER A 318 13.27 7.04 49.57
CA SER A 318 13.95 6.05 48.74
C SER A 318 13.05 4.86 48.43
N TYR A 319 13.17 4.34 47.22
CA TYR A 319 12.37 3.21 46.77
C TYR A 319 13.23 2.30 45.90
N VAL A 320 12.83 1.03 45.83
CA VAL A 320 13.43 0.07 44.90
C VAL A 320 12.29 -0.64 44.19
N GLN A 321 12.28 -0.56 42.86
CA GLN A 321 11.17 -1.07 42.07
C GLN A 321 11.65 -2.13 41.09
N LEU A 322 10.80 -3.14 40.89
CA LEU A 322 11.02 -4.19 39.91
C LEU A 322 9.97 -4.08 38.82
N TRP A 323 10.44 -4.01 37.57
CA TRP A 323 9.62 -3.90 36.37
C TRP A 323 9.80 -5.16 35.52
N THR A 324 9.12 -5.18 34.38
CA THR A 324 9.24 -6.24 33.38
C THR A 324 8.65 -5.73 32.07
N VAL A 325 8.76 -6.55 31.03
CA VAL A 325 8.35 -6.17 29.68
C VAL A 325 7.26 -7.12 29.20
N GLY A 326 6.15 -6.56 28.74
CA GLY A 326 5.13 -7.34 28.06
C GLY A 326 5.34 -7.27 26.56
N ASN A 327 4.44 -6.59 25.85
CA ASN A 327 4.62 -6.31 24.43
C ASN A 327 5.08 -4.86 24.30
N TYR A 328 6.36 -4.64 24.62
CA TYR A 328 6.95 -3.30 24.69
C TYR A 328 6.15 -2.36 25.60
N HIS A 329 5.61 -2.94 26.68
CA HIS A 329 4.96 -2.16 27.73
C HIS A 329 5.59 -2.55 29.05
N TRP A 330 6.13 -1.59 29.77
CA TRP A 330 6.90 -1.85 30.97
C TRP A 330 5.96 -1.90 32.18
N TYR A 331 5.76 -3.11 32.72
CA TYR A 331 4.91 -3.28 33.88
C TYR A 331 5.69 -2.97 35.14
N LEU A 332 5.20 -1.99 35.91
CA LEU A 332 5.76 -1.73 37.25
C LEU A 332 5.24 -2.84 38.15
N LYS A 333 6.01 -3.92 38.26
CA LYS A 333 5.54 -5.09 38.99
C LYS A 333 5.45 -4.81 40.48
N GLN A 334 6.56 -4.44 41.12
CA GLN A 334 6.56 -4.33 42.56
C GLN A 334 7.44 -3.18 43.03
N SER A 335 7.17 -2.71 44.25
CA SER A 335 7.90 -1.59 44.85
C SER A 335 8.21 -1.89 46.30
N LEU A 336 9.32 -1.32 46.79
CA LEU A 336 9.76 -1.50 48.16
C LEU A 336 10.34 -0.20 48.68
N PRO A 337 9.67 0.48 49.61
CA PRO A 337 10.21 1.72 50.16
C PRO A 337 11.06 1.52 51.40
N PHE A 338 12.26 2.07 51.40
CA PHE A 338 13.16 2.04 52.55
C PHE A 338 13.59 3.46 52.90
N SER A 339 13.88 3.68 54.18
CA SER A 339 14.31 4.99 54.65
C SER A 339 15.66 5.37 54.07
N GLN A 345 19.25 4.10 55.36
CA GLN A 345 20.08 4.31 54.17
C GLN A 345 20.67 3.00 53.69
N ILE A 346 20.42 2.65 52.44
CA ILE A 346 20.87 1.39 51.87
C ILE A 346 22.31 1.55 51.40
N VAL A 347 23.17 0.62 51.79
CA VAL A 347 24.55 0.64 51.34
C VAL A 347 24.67 0.11 49.92
N SER A 348 24.12 -1.07 49.67
CA SER A 348 24.32 -1.70 48.37
C SER A 348 23.20 -2.69 48.06
N LEU A 349 23.08 -3.01 46.78
CA LEU A 349 22.16 -4.01 46.27
C LEU A 349 22.94 -5.01 45.42
N LEU A 350 22.41 -6.23 45.30
CA LEU A 350 23.09 -7.23 44.49
C LEU A 350 22.10 -8.30 44.08
N TRP A 351 21.96 -8.52 42.77
CA TRP A 351 21.23 -9.66 42.29
C TRP A 351 22.04 -10.93 42.51
N ASP A 352 21.34 -12.06 42.62
CA ASP A 352 22.03 -13.32 42.77
C ASP A 352 22.69 -13.70 41.44
N PRO A 353 24.01 -13.93 41.44
CA PRO A 353 24.72 -14.24 40.20
C PRO A 353 24.64 -15.69 39.75
N VAL A 354 23.85 -16.53 40.43
CA VAL A 354 23.71 -17.92 40.02
C VAL A 354 22.24 -18.24 39.78
N THR A 355 21.43 -18.14 40.82
CA THR A 355 20.03 -18.46 40.54
C THR A 355 19.22 -17.19 40.31
N PRO A 356 18.26 -17.24 39.39
CA PRO A 356 17.44 -16.05 39.12
C PRO A 356 16.47 -15.76 40.24
N CYS A 357 16.01 -14.51 40.28
CA CYS A 357 14.97 -14.07 41.21
C CYS A 357 15.39 -14.24 42.67
N ARG A 358 16.47 -13.57 43.03
CA ARG A 358 16.93 -13.55 44.41
C ARG A 358 17.78 -12.31 44.61
N LEU A 359 17.37 -11.44 45.52
CA LEU A 359 18.02 -10.15 45.73
C LEU A 359 18.62 -10.09 47.14
N HIS A 360 19.77 -9.40 47.24
CA HIS A 360 20.46 -9.19 48.50
C HIS A 360 20.63 -7.69 48.70
N VAL A 361 20.24 -7.20 49.88
CA VAL A 361 20.31 -5.79 50.21
C VAL A 361 21.16 -5.63 51.46
N LEU A 362 22.12 -4.69 51.42
CA LEU A 362 22.96 -4.37 52.57
C LEU A 362 22.68 -2.93 52.97
N CYS A 363 22.30 -2.73 54.22
CA CYS A 363 21.92 -1.43 54.76
C CYS A 363 23.02 -0.89 55.67
N THR A 364 22.88 0.40 56.01
CA THR A 364 23.89 1.07 56.84
C THR A 364 23.81 0.67 58.30
N GLY A 365 22.68 0.16 58.76
CA GLY A 365 22.54 -0.24 60.15
C GLY A 365 23.00 -1.66 60.39
N TRP A 366 23.97 -2.11 59.61
CA TRP A 366 24.47 -3.48 59.66
C TRP A 366 23.34 -4.49 59.45
N ARG A 367 22.43 -4.15 58.55
CA ARG A 367 21.29 -5.00 58.23
C ARG A 367 21.49 -5.64 56.87
N TYR A 368 21.33 -6.97 56.82
CA TYR A 368 21.49 -7.72 55.58
C TYR A 368 20.21 -8.50 55.32
N LEU A 369 19.64 -8.31 54.14
CA LEU A 369 18.36 -8.92 53.80
C LEU A 369 18.48 -9.70 52.50
N CYS A 370 17.75 -10.81 52.44
CA CYS A 370 17.73 -11.65 51.25
C CYS A 370 16.28 -11.97 50.92
N CYS A 371 15.88 -11.73 49.67
CA CYS A 371 14.50 -11.94 49.24
C CYS A 371 14.47 -12.86 48.02
N ASP A 372 13.54 -13.80 48.02
CA ASP A 372 13.28 -14.66 46.89
C ASP A 372 12.03 -14.17 46.15
N TRP A 373 11.72 -14.84 45.04
CA TRP A 373 10.57 -14.44 44.22
C TRP A 373 9.96 -15.66 43.56
N HIS A 374 8.70 -15.52 43.17
CA HIS A 374 7.95 -16.60 42.53
C HIS A 374 7.30 -16.07 41.26
N TRP A 375 7.07 -16.97 40.31
CA TRP A 375 6.66 -16.61 38.96
C TRP A 375 5.43 -17.43 38.58
N THR A 376 4.24 -16.93 38.92
CA THR A 376 3.00 -17.64 38.67
C THR A 376 1.87 -16.62 38.55
N THR A 377 0.87 -16.96 37.73
CA THR A 377 -0.27 -16.09 37.51
C THR A 377 -1.18 -16.03 38.73
N ASP A 378 -2.15 -15.12 38.69
CA ASP A 378 -3.16 -14.99 39.73
C ASP A 378 -4.52 -15.32 39.12
N ARG A 379 -4.86 -16.60 39.08
CA ARG A 379 -6.08 -17.07 38.42
C ARG A 379 -7.20 -17.21 39.43
N SER A 380 -8.43 -16.99 38.97
CA SER A 380 -9.62 -17.20 39.76
C SER A 380 -10.32 -18.51 39.41
N SER A 381 -9.66 -19.37 38.65
CA SER A 381 -10.26 -20.61 38.18
C SER A 381 -10.53 -21.55 39.35
N GLY A 382 -11.42 -22.50 39.10
CA GLY A 382 -11.79 -23.48 40.11
C GLY A 382 -12.63 -22.88 41.22
N ASN A 383 -13.16 -21.68 40.98
CA ASN A 383 -13.97 -20.97 41.95
C ASN A 383 -15.25 -21.72 42.32
N SER A 384 -15.93 -22.30 41.33
CA SER A 384 -17.18 -23.01 41.60
C SER A 384 -17.51 -23.94 40.44
N ALA A 385 -18.51 -24.80 40.63
CA ALA A 385 -19.01 -25.64 39.55
C ALA A 385 -19.60 -24.82 38.41
N ASN A 386 -20.00 -23.58 38.67
CA ASN A 386 -20.46 -22.70 37.62
C ASN A 386 -19.32 -22.38 36.67
N ASP A 387 -19.69 -22.10 35.42
CA ASP A 387 -18.71 -21.86 34.35
C ASP A 387 -18.11 -20.46 34.55
N LEU A 388 -17.05 -20.41 35.37
CA LEU A 388 -16.40 -19.17 35.74
C LEU A 388 -14.90 -19.25 35.46
N ALA A 389 -14.34 -18.14 34.99
CA ALA A 389 -12.91 -18.02 34.75
C ALA A 389 -12.58 -16.57 34.47
N ASN A 390 -11.43 -16.12 34.97
CA ASN A 390 -10.87 -14.80 34.69
C ASN A 390 -9.51 -14.71 35.35
N VAL A 391 -8.71 -13.74 34.90
CA VAL A 391 -7.32 -13.57 35.36
C VAL A 391 -7.10 -12.12 35.73
N ALA A 392 -6.24 -11.89 36.71
CA ALA A 392 -5.88 -10.56 37.18
C ALA A 392 -4.39 -10.32 36.95
N VAL A 393 -4.04 -9.06 36.64
CA VAL A 393 -2.68 -8.69 36.28
C VAL A 393 -2.33 -7.37 36.95
N ILE A 394 -1.14 -7.29 37.52
CA ILE A 394 -0.66 -6.11 38.23
C ILE A 394 0.13 -5.22 37.29
N ASP A 395 -0.14 -3.91 37.31
CA ASP A 395 0.60 -3.00 36.46
C ASP A 395 0.57 -1.59 37.07
N GLY A 396 1.73 -1.10 37.48
CA GLY A 396 1.85 0.27 37.94
C GLY A 396 0.94 0.61 39.11
N ASN A 397 -0.04 1.48 38.87
CA ASN A 397 -1.00 1.89 39.88
C ASN A 397 -2.39 1.33 39.59
N ARG A 398 -2.47 0.21 38.88
CA ARG A 398 -3.77 -0.35 38.53
C ARG A 398 -3.64 -1.84 38.23
N VAL A 399 -4.80 -2.48 38.06
CA VAL A 399 -4.90 -3.92 37.85
C VAL A 399 -5.82 -4.16 36.66
N LEU A 400 -5.41 -5.10 35.81
CA LEU A 400 -6.09 -5.39 34.55
C LEU A 400 -6.67 -6.79 34.64
N VAL A 401 -7.96 -6.92 34.33
CA VAL A 401 -8.65 -8.20 34.44
C VAL A 401 -9.04 -8.67 33.04
N THR A 402 -9.02 -9.99 32.86
CA THR A 402 -9.44 -10.60 31.61
C THR A 402 -10.45 -11.70 31.91
N VAL A 403 -11.68 -11.52 31.46
CA VAL A 403 -12.75 -12.49 31.64
C VAL A 403 -12.65 -13.47 30.48
N PHE A 404 -12.24 -14.71 30.77
CA PHE A 404 -11.99 -15.69 29.73
C PHE A 404 -13.19 -16.58 29.42
N ARG A 405 -14.31 -16.40 30.12
CA ARG A 405 -15.49 -17.20 29.81
C ARG A 405 -16.35 -16.52 28.75
N GLN A 406 -16.54 -15.21 28.86
CA GLN A 406 -17.36 -14.45 27.93
C GLN A 406 -16.53 -13.60 26.96
N THR A 407 -15.20 -13.65 27.07
CA THR A 407 -14.32 -12.84 26.24
C THR A 407 -12.96 -13.54 26.17
N VAL A 408 -12.15 -13.15 25.19
CA VAL A 408 -10.74 -13.54 25.15
C VAL A 408 -9.95 -12.28 24.86
N VAL A 409 -8.97 -11.96 25.73
CA VAL A 409 -8.30 -10.67 25.66
C VAL A 409 -6.79 -10.85 25.74
N PRO A 410 -6.03 -10.24 24.84
CA PRO A 410 -4.57 -10.34 24.87
C PRO A 410 -3.99 -9.52 26.01
N PRO A 411 -2.72 -9.72 26.35
CA PRO A 411 -2.15 -9.10 27.57
C PRO A 411 -2.36 -7.60 27.62
N PRO A 412 -1.92 -6.81 26.63
CA PRO A 412 -1.97 -5.35 26.80
C PRO A 412 -3.39 -4.79 26.87
N MET A 413 -4.39 -5.50 26.33
CA MET A 413 -5.77 -5.11 26.50
C MET A 413 -6.32 -5.67 27.81
N CYS A 414 -7.55 -5.29 28.15
CA CYS A 414 -8.11 -5.66 29.45
C CYS A 414 -9.63 -5.51 29.40
N THR A 415 -10.28 -6.08 30.40
CA THR A 415 -11.67 -5.82 30.72
C THR A 415 -11.78 -5.56 32.22
N TYR A 416 -12.50 -4.51 32.59
CA TYR A 416 -12.63 -4.08 33.97
C TYR A 416 -11.25 -3.73 34.55
N ARG A 417 -10.69 -2.62 34.06
CA ARG A 417 -9.52 -2.04 34.69
C ARG A 417 -9.90 -1.44 36.04
N LEU A 418 -8.99 -1.53 37.01
CA LEU A 418 -9.24 -0.96 38.32
C LEU A 418 -8.05 -0.12 38.74
N LEU A 419 -8.32 1.11 39.18
CA LEU A 419 -7.27 2.05 39.56
C LEU A 419 -7.13 2.15 41.08
N ILE A 420 -5.89 2.19 41.54
CA ILE A 420 -5.56 2.35 42.96
C ILE A 420 -4.50 3.44 43.07
N PRO A 421 -4.60 4.36 44.04
CA PRO A 421 -3.62 5.45 44.14
C PRO A 421 -2.19 4.97 44.31
N HIS A 422 -1.93 4.19 45.34
CA HIS A 422 -0.61 3.62 45.57
C HIS A 422 -0.42 2.37 44.74
N PRO A 423 0.83 2.01 44.42
CA PRO A 423 1.07 0.77 43.68
C PRO A 423 0.57 -0.44 44.45
N VAL A 424 -0.01 -1.39 43.73
CA VAL A 424 -0.52 -2.61 44.33
C VAL A 424 0.59 -3.63 44.43
N ASN A 425 0.40 -4.63 45.28
CA ASN A 425 1.45 -5.61 45.54
C ASN A 425 0.97 -7.04 45.33
N GLN A 426 -0.29 -7.32 45.63
CA GLN A 426 -0.80 -8.68 45.48
C GLN A 426 -2.30 -8.66 45.28
N VAL A 427 -2.81 -9.71 44.64
CA VAL A 427 -4.24 -9.92 44.45
C VAL A 427 -4.56 -11.38 44.73
N ILE A 428 -5.83 -11.63 45.04
CA ILE A 428 -6.29 -12.99 45.30
C ILE A 428 -7.81 -13.07 45.18
N PHE A 429 -8.33 -14.25 44.86
CA PHE A 429 -9.76 -14.51 44.75
C PHE A 429 -10.21 -15.49 45.82
N SER A 430 -11.52 -15.73 45.87
CA SER A 430 -12.14 -16.44 46.98
C SER A 430 -12.13 -17.95 46.75
N ALA A 431 -12.82 -18.68 47.62
CA ALA A 431 -12.77 -20.14 47.60
C ALA A 431 -13.99 -20.74 46.92
N HIS A 432 -15.18 -20.43 47.41
CA HIS A 432 -16.38 -21.07 46.87
C HIS A 432 -17.51 -20.11 46.57
N LEU A 433 -17.57 -18.97 47.26
CA LEU A 433 -18.67 -18.02 47.09
C LEU A 433 -18.20 -16.83 46.26
N GLY A 434 -18.83 -16.63 45.11
CA GLY A 434 -18.56 -15.47 44.29
C GLY A 434 -17.16 -15.42 43.71
N ASN A 435 -16.79 -14.27 43.15
CA ASN A 435 -15.47 -14.06 42.57
C ASN A 435 -14.90 -12.70 42.95
N ASP A 436 -15.29 -12.21 44.12
CA ASP A 436 -14.79 -10.93 44.61
C ASP A 436 -13.30 -11.05 44.92
N LEU A 437 -12.56 -9.98 44.65
CA LEU A 437 -11.11 -10.02 44.69
C LEU A 437 -10.55 -9.10 45.77
N ALA A 438 -9.52 -9.57 46.46
CA ALA A 438 -8.83 -8.79 47.48
C ALA A 438 -7.45 -8.39 46.99
N VAL A 439 -7.10 -7.12 47.16
CA VAL A 439 -5.85 -6.58 46.67
C VAL A 439 -5.11 -5.90 47.81
N LEU A 440 -3.81 -6.14 47.91
CA LEU A 440 -2.93 -5.48 48.85
C LEU A 440 -1.96 -4.58 48.12
N ASP A 441 -1.84 -3.34 48.58
CA ASP A 441 -0.88 -2.40 48.02
C ASP A 441 0.44 -2.48 48.77
N ALA A 442 1.50 -2.00 48.11
CA ALA A 442 2.85 -2.07 48.66
C ALA A 442 3.28 -0.78 49.34
N SER A 443 2.33 0.06 49.77
CA SER A 443 2.67 1.32 50.41
C SER A 443 2.22 1.36 51.87
N ASN A 444 0.92 1.18 52.13
CA ASN A 444 0.37 1.36 53.47
C ASN A 444 -0.30 0.09 54.00
N GLN A 445 -0.04 -1.05 53.35
CA GLN A 445 -0.56 -2.35 53.79
C GLN A 445 -2.08 -2.36 53.84
N ILE A 446 -2.73 -1.41 53.16
CA ILE A 446 -4.19 -1.36 53.16
C ILE A 446 -4.74 -2.44 52.26
N SER A 447 -5.76 -3.16 52.75
CA SER A 447 -6.43 -4.19 51.97
C SER A 447 -7.69 -3.61 51.36
N VAL A 448 -7.86 -3.83 50.06
CA VAL A 448 -9.03 -3.32 49.33
C VAL A 448 -9.79 -4.49 48.73
N TYR A 449 -11.10 -4.49 48.98
CA TYR A 449 -11.98 -5.58 48.59
C TYR A 449 -12.93 -5.12 47.50
N LYS A 450 -12.97 -5.87 46.39
CA LYS A 450 -13.77 -5.53 45.23
C LYS A 450 -14.82 -6.60 45.02
N CYS A 451 -16.08 -6.18 44.91
CA CYS A 451 -17.22 -7.09 44.80
C CYS A 451 -17.58 -7.25 43.32
N GLY A 452 -17.74 -8.50 42.89
CA GLY A 452 -18.11 -8.79 41.53
C GLY A 452 -19.48 -9.41 41.39
N HIS A 479 -21.02 -0.86 38.82
CA HIS A 479 -20.34 -2.13 38.97
C HIS A 479 -19.13 -2.01 39.88
N LEU A 480 -18.57 -3.16 40.28
CA LEU A 480 -17.33 -3.22 41.07
C LEU A 480 -17.48 -2.48 42.40
N GLU A 481 -18.35 -3.04 43.24
CA GLU A 481 -18.51 -2.53 44.60
C GLU A 481 -17.21 -2.70 45.39
N LYS A 482 -16.83 -1.65 46.11
CA LYS A 482 -15.55 -1.59 46.79
C LYS A 482 -15.73 -1.38 48.29
N ARG A 483 -14.86 -2.02 49.07
CA ARG A 483 -14.81 -1.86 50.51
C ARG A 483 -13.37 -2.02 50.97
N TYR A 484 -12.92 -1.12 51.85
CA TYR A 484 -11.57 -1.19 52.38
C TYR A 484 -11.54 -0.49 53.72
N SER A 485 -10.50 -0.77 54.50
CA SER A 485 -10.34 -0.16 55.82
C SER A 485 -10.19 1.35 55.71
N ILE A 486 -11.16 2.09 56.29
CA ILE A 486 -11.12 3.54 56.22
C ILE A 486 -9.94 4.09 57.01
N GLN A 487 -9.62 3.48 58.14
CA GLN A 487 -8.52 3.93 58.99
C GLN A 487 -7.18 3.88 58.24
N LEU A 502 8.25 -7.47 52.79
CA LEU A 502 8.24 -7.21 54.23
C LEU A 502 7.20 -8.09 54.91
N GLN A 503 6.51 -7.54 55.92
CA GLN A 503 5.46 -8.27 56.60
C GLN A 503 4.25 -8.42 55.69
N LEU A 504 3.27 -9.20 56.15
CA LEU A 504 2.07 -9.50 55.38
C LEU A 504 2.42 -10.14 54.04
N SER A 505 3.08 -11.30 54.10
CA SER A 505 3.67 -11.88 52.91
C SER A 505 2.62 -12.61 52.07
N PHE A 506 2.01 -13.65 52.63
CA PHE A 506 1.00 -14.44 51.93
C PHE A 506 -0.36 -14.12 52.53
N LEU A 507 -1.16 -13.36 51.77
CA LEU A 507 -2.51 -12.98 52.20
C LEU A 507 -3.53 -13.91 51.54
N THR A 508 -3.68 -15.10 52.11
CA THR A 508 -4.72 -16.01 51.67
C THR A 508 -6.08 -15.51 52.12
N TRP A 509 -7.08 -15.74 51.29
CA TRP A 509 -8.42 -15.21 51.50
C TRP A 509 -9.38 -16.34 51.84
N VAL A 510 -10.21 -16.12 52.86
CA VAL A 510 -11.33 -16.99 53.18
C VAL A 510 -12.61 -16.16 53.08
N GLU A 511 -13.65 -16.77 52.51
CA GLU A 511 -14.67 -16.05 51.77
C GLU A 511 -15.36 -14.98 52.59
N ASP A 512 -15.68 -15.25 53.85
CA ASP A 512 -16.52 -14.31 54.60
C ASP A 512 -15.87 -12.95 54.76
N ASP A 513 -14.82 -12.86 55.58
CA ASP A 513 -13.99 -11.66 55.62
C ASP A 513 -12.53 -11.96 55.92
N THR A 514 -12.09 -13.22 55.84
CA THR A 514 -10.94 -13.67 56.60
C THR A 514 -9.65 -13.51 55.80
N PHE A 515 -8.65 -12.89 56.43
CA PHE A 515 -7.30 -12.80 55.89
C PHE A 515 -6.37 -13.69 56.70
N LEU A 516 -5.62 -14.54 56.01
CA LEU A 516 -4.57 -15.36 56.62
C LEU A 516 -3.25 -14.78 56.08
N ALA A 517 -2.52 -14.08 56.95
CA ALA A 517 -1.34 -13.31 56.54
C ALA A 517 -0.13 -13.79 57.33
N ILE A 518 0.62 -14.73 56.76
CA ILE A 518 1.79 -15.30 57.43
C ILE A 518 2.90 -14.27 57.50
N SER A 519 3.91 -14.54 58.32
CA SER A 519 5.04 -13.63 58.50
C SER A 519 6.24 -14.44 58.96
N TYR A 520 7.31 -13.74 59.37
CA TYR A 520 8.53 -14.39 59.82
C TYR A 520 9.04 -13.68 61.07
N SER A 521 9.85 -14.40 61.85
CA SER A 521 10.39 -13.89 63.09
C SER A 521 11.71 -13.18 62.84
N HIS A 522 11.88 -12.01 63.47
CA HIS A 522 13.08 -11.20 63.28
C HIS A 522 14.26 -11.87 63.96
N SER A 523 15.36 -12.00 63.22
CA SER A 523 16.62 -12.53 63.73
C SER A 523 16.50 -14.00 64.15
N SER A 524 15.32 -14.59 63.97
CA SER A 524 15.11 -15.99 64.29
C SER A 524 14.60 -16.81 63.12
N SER A 525 14.07 -16.17 62.09
CA SER A 525 13.62 -16.77 60.84
C SER A 525 12.64 -17.92 61.04
N GLN A 526 11.59 -17.74 61.85
CA GLN A 526 10.59 -18.78 62.01
C GLN A 526 9.23 -18.25 61.58
N SER A 527 8.48 -19.09 60.86
CA SER A 527 7.19 -18.68 60.33
C SER A 527 6.21 -18.36 61.47
N ILE A 528 5.48 -17.26 61.30
CA ILE A 528 4.51 -16.79 62.30
C ILE A 528 3.19 -16.61 61.57
N ILE A 529 2.35 -17.64 61.59
CA ILE A 529 1.03 -17.51 60.99
C ILE A 529 0.22 -16.48 61.77
N HIS A 530 -0.70 -15.82 61.08
CA HIS A 530 -1.55 -14.81 61.71
C HIS A 530 -3.01 -15.11 61.36
N HIS A 531 -3.91 -14.36 61.97
CA HIS A 531 -5.34 -14.51 61.72
C HIS A 531 -5.96 -13.12 61.85
N LEU A 532 -6.11 -12.43 60.73
CA LEU A 532 -6.56 -11.05 60.71
C LEU A 532 -7.93 -10.97 60.04
N THR A 533 -8.83 -10.22 60.66
CA THR A 533 -10.18 -10.03 60.13
C THR A 533 -10.59 -8.58 60.35
N VAL A 534 -11.43 -8.07 59.47
CA VAL A 534 -11.94 -6.71 59.58
C VAL A 534 -12.86 -6.58 60.78
N GLY A 544 -16.41 2.68 61.22
CA GLY A 544 -15.04 2.79 61.71
C GLY A 544 -14.38 1.45 61.98
N GLN A 545 -14.76 0.45 61.20
CA GLN A 545 -14.18 -0.89 61.36
C GLN A 545 -12.70 -0.87 60.98
N LEU A 546 -11.91 -1.57 61.78
CA LEU A 546 -10.46 -1.60 61.60
C LEU A 546 -9.98 -3.04 61.61
N ASP A 547 -8.92 -3.30 60.83
CA ASP A 547 -8.33 -4.62 60.79
C ASP A 547 -7.75 -4.99 62.15
N VAL A 548 -8.04 -6.21 62.58
CA VAL A 548 -7.51 -6.76 63.83
C VAL A 548 -6.93 -8.13 63.55
N SER A 549 -5.71 -8.37 64.00
CA SER A 549 -4.98 -9.60 63.72
C SER A 549 -4.87 -10.46 64.97
N SER A 550 -4.41 -11.69 64.79
CA SER A 550 -4.10 -12.61 65.87
C SER A 550 -2.75 -13.26 65.57
N SER A 551 -2.09 -13.72 66.62
CA SER A 551 -0.72 -14.22 66.48
C SER A 551 -0.62 -15.66 66.97
N VAL A 552 -0.09 -16.52 66.10
CA VAL A 552 0.27 -17.90 66.46
C VAL A 552 1.65 -18.19 65.88
N THR A 553 2.31 -19.19 66.44
CA THR A 553 3.68 -19.52 66.07
C THR A 553 3.78 -20.95 65.57
N VAL A 554 4.86 -21.23 64.84
CA VAL A 554 5.14 -22.56 64.32
C VAL A 554 6.62 -22.66 63.94
N ASP A 555 7.21 -23.83 64.13
CA ASP A 555 8.59 -24.07 63.73
C ASP A 555 8.66 -24.38 62.25
N GLY A 556 9.86 -24.20 61.68
CA GLY A 556 10.09 -24.45 60.28
C GLY A 556 9.89 -23.23 59.41
N VAL A 557 10.35 -23.34 58.17
CA VAL A 557 10.24 -22.28 57.18
C VAL A 557 9.15 -22.68 56.19
N VAL A 558 8.20 -21.79 55.94
CA VAL A 558 7.06 -22.09 55.09
C VAL A 558 7.38 -21.61 53.68
N ILE A 559 7.23 -22.49 52.70
CA ILE A 559 7.55 -22.13 51.32
C ILE A 559 6.34 -21.48 50.66
N GLY A 560 5.24 -22.21 50.55
CA GLY A 560 4.05 -21.69 49.91
C GLY A 560 2.77 -22.29 50.42
N LEU A 561 1.82 -21.44 50.78
CA LEU A 561 0.51 -21.92 51.22
C LEU A 561 -0.23 -22.58 50.07
N CYS A 562 -1.14 -23.48 50.40
CA CYS A 562 -2.00 -24.06 49.39
C CYS A 562 -3.27 -23.21 49.24
N CYS A 563 -4.10 -23.61 48.29
CA CYS A 563 -5.36 -22.92 48.04
C CYS A 563 -6.48 -23.59 48.83
N CYS A 564 -7.23 -22.78 49.58
CA CYS A 564 -8.38 -23.30 50.31
C CYS A 564 -9.48 -23.66 49.34
N SER A 565 -9.67 -24.95 49.12
CA SER A 565 -10.66 -25.47 48.19
C SER A 565 -12.03 -25.42 48.83
N LYS A 566 -13.00 -26.10 48.20
CA LYS A 566 -14.36 -26.14 48.72
C LYS A 566 -14.40 -26.70 50.14
N THR A 567 -15.08 -25.98 51.04
CA THR A 567 -15.23 -26.30 52.47
C THR A 567 -13.97 -26.95 53.04
N LYS A 568 -12.84 -26.29 52.78
CA LYS A 568 -11.55 -26.80 53.21
C LYS A 568 -10.78 -25.70 53.89
N SER A 569 -9.96 -26.08 54.86
CA SER A 569 -9.09 -25.17 55.58
C SER A 569 -7.77 -25.03 54.83
N LEU A 570 -6.80 -24.39 55.49
CA LEU A 570 -5.53 -24.07 54.84
C LEU A 570 -4.68 -25.32 54.67
N ALA A 571 -3.51 -25.15 54.08
CA ALA A 571 -2.51 -26.19 53.89
C ALA A 571 -1.19 -25.55 53.50
N VAL A 572 -0.12 -25.90 54.22
CA VAL A 572 1.14 -25.16 54.11
C VAL A 572 2.25 -26.10 53.66
N GLN A 573 3.23 -25.53 52.96
CA GLN A 573 4.42 -26.22 52.51
C GLN A 573 5.59 -25.87 53.43
N LEU A 574 6.45 -26.84 53.69
CA LEU A 574 7.71 -26.63 54.37
C LEU A 574 8.85 -27.00 53.42
N ALA A 575 10.08 -26.91 53.92
CA ALA A 575 11.23 -27.32 53.13
C ALA A 575 11.25 -28.83 52.87
N ASP A 576 10.47 -29.60 53.62
CA ASP A 576 10.37 -31.05 53.42
C ASP A 576 8.99 -31.48 53.88
N GLY A 577 8.23 -32.12 52.99
CA GLY A 577 6.92 -32.63 53.34
C GLY A 577 5.87 -31.55 53.47
N GLN A 578 4.64 -31.94 53.76
CA GLN A 578 3.53 -31.01 53.90
C GLN A 578 2.83 -31.27 55.23
N VAL A 579 2.64 -30.20 56.00
CA VAL A 579 2.08 -30.32 57.34
C VAL A 579 1.04 -29.22 57.58
N LEU A 580 0.54 -29.14 58.81
CA LEU A 580 -0.33 -28.06 59.28
C LEU A 580 -1.61 -27.98 58.45
N LYS A 581 -2.44 -29.01 58.62
CA LYS A 581 -3.80 -28.95 58.09
C LYS A 581 -4.50 -27.68 58.57
N TYR A 582 -4.28 -27.29 59.82
CA TYR A 582 -4.66 -25.97 60.34
C TYR A 582 -6.13 -25.66 60.06
N LEU A 583 -6.99 -26.40 60.76
CA LEU A 583 -8.43 -26.10 60.74
C LEU A 583 -8.66 -24.61 60.87
N TRP A 584 -9.54 -24.08 60.02
CA TRP A 584 -9.68 -22.63 59.88
C TRP A 584 -10.11 -21.99 61.19
N GLU A 585 -11.04 -22.61 61.90
CA GLU A 585 -11.60 -22.03 63.13
C GLU A 585 -10.95 -22.60 64.38
N SER A 586 -9.84 -23.32 64.24
CA SER A 586 -9.15 -23.88 65.39
C SER A 586 -7.67 -24.11 65.09
N PRO A 587 -6.76 -23.44 65.82
CA PRO A 587 -5.32 -23.71 65.63
C PRO A 587 -5.01 -25.17 65.91
N SER A 588 -4.58 -25.89 64.87
CA SER A 588 -4.48 -27.34 64.97
C SER A 588 -3.05 -27.84 64.81
N LEU A 589 -2.89 -29.16 64.72
CA LEU A 589 -1.57 -29.77 64.68
C LEU A 589 -1.04 -29.83 63.25
N ALA A 590 0.21 -30.27 63.14
CA ALA A 590 0.92 -30.36 61.87
C ALA A 590 1.04 -31.79 61.37
N VAL A 591 0.00 -32.62 61.54
CA VAL A 591 0.08 -34.01 61.12
C VAL A 591 0.06 -34.10 59.60
N GLU A 592 0.56 -35.21 59.09
CA GLU A 592 0.56 -35.45 57.65
C GLU A 592 -0.88 -35.62 57.16
N PRO A 593 -1.18 -35.31 55.88
CA PRO A 593 -2.51 -35.55 55.32
C PRO A 593 -2.90 -37.02 55.34
N VAL A 602 3.56 -36.99 50.99
CA VAL A 602 3.96 -37.06 52.39
C VAL A 602 5.29 -36.35 52.60
N ARG A 603 6.29 -36.73 51.78
CA ARG A 603 7.63 -36.17 51.88
C ARG A 603 8.11 -35.78 50.48
N PHE A 604 8.06 -34.48 50.19
CA PHE A 604 8.51 -34.00 48.89
C PHE A 604 9.97 -34.37 48.64
N VAL A 605 10.25 -34.93 47.46
CA VAL A 605 11.64 -35.16 47.08
C VAL A 605 12.35 -33.82 46.87
N HIS A 606 11.68 -32.86 46.23
CA HIS A 606 12.19 -31.52 46.02
C HIS A 606 11.01 -30.59 46.20
N PRO A 607 11.16 -29.52 47.01
CA PRO A 607 10.03 -28.59 47.20
C PRO A 607 9.48 -28.06 45.89
N CYS A 608 8.23 -28.44 45.58
CA CYS A 608 7.66 -28.14 44.28
C CYS A 608 7.45 -26.65 44.09
N THR A 609 7.81 -26.16 42.90
CA THR A 609 7.56 -24.76 42.57
C THR A 609 6.07 -24.47 42.52
N GLN A 610 5.30 -25.36 41.92
CA GLN A 610 3.85 -25.27 41.89
C GLN A 610 3.25 -26.51 42.53
N MET A 611 2.11 -26.34 43.19
CA MET A 611 1.53 -27.42 43.98
C MET A 611 0.03 -27.22 44.13
N GLU A 612 -0.67 -28.32 44.43
CA GLU A 612 -2.11 -28.28 44.64
C GLU A 612 -2.54 -29.59 45.30
N VAL A 613 -3.75 -29.56 45.84
CA VAL A 613 -4.42 -30.76 46.35
C VAL A 613 -5.75 -30.90 45.63
N ALA A 614 -6.04 -32.10 45.16
CA ALA A 614 -7.23 -32.31 44.33
C ALA A 614 -7.99 -33.53 44.81
N THR A 615 -9.32 -33.40 44.80
CA THR A 615 -10.21 -34.50 45.20
C THR A 615 -10.37 -35.45 44.01
N ILE A 616 -9.35 -36.28 43.80
CA ILE A 616 -9.37 -37.25 42.72
C ILE A 616 -10.27 -38.40 43.14
N GLY A 617 -11.42 -38.53 42.49
CA GLY A 617 -12.37 -39.55 42.88
C GLY A 617 -12.78 -39.37 44.33
N GLY A 618 -12.65 -40.44 45.10
CA GLY A 618 -12.93 -40.40 46.52
C GLY A 618 -11.75 -40.11 47.42
N GLU A 619 -10.58 -39.81 46.85
CA GLU A 619 -9.38 -39.58 47.63
C GLU A 619 -8.79 -38.21 47.32
N GLU A 620 -8.38 -37.50 48.37
CA GLU A 620 -7.75 -36.19 48.21
C GLU A 620 -6.25 -36.38 48.04
N CYS A 621 -5.76 -36.27 46.81
CA CYS A 621 -4.37 -36.50 46.48
C CYS A 621 -3.63 -35.17 46.37
N VAL A 622 -2.30 -35.26 46.37
CA VAL A 622 -1.42 -34.11 46.30
C VAL A 622 -0.67 -34.14 44.97
N LEU A 623 -0.60 -32.99 44.31
CA LEU A 623 0.03 -32.87 43.01
C LEU A 623 1.06 -31.75 43.08
N GLY A 624 2.18 -31.92 42.38
CA GLY A 624 3.21 -30.89 42.38
C GLY A 624 4.07 -30.93 41.14
N LEU A 625 4.74 -29.81 40.89
CA LEU A 625 5.65 -29.65 39.77
C LEU A 625 6.83 -28.79 40.19
N THR A 626 8.03 -29.24 39.83
CA THR A 626 9.27 -28.60 40.23
C THR A 626 9.99 -28.00 39.02
N ASP A 627 11.08 -27.28 39.30
CA ASP A 627 11.88 -26.68 38.24
C ASP A 627 12.57 -27.73 37.37
N ARG A 628 12.73 -28.96 37.89
CA ARG A 628 13.30 -30.05 37.12
C ARG A 628 12.36 -30.57 36.05
N CYS A 629 11.22 -29.92 35.84
CA CYS A 629 10.15 -30.36 34.95
C CYS A 629 9.59 -31.72 35.36
N ARG A 630 9.83 -32.15 36.60
CA ARG A 630 9.35 -33.43 37.07
C ARG A 630 8.00 -33.26 37.77
N PHE A 631 7.03 -34.08 37.37
CA PHE A 631 5.66 -33.96 37.84
C PHE A 631 5.44 -35.02 38.92
N PHE A 632 5.27 -34.57 40.16
CA PHE A 632 5.24 -35.45 41.32
C PHE A 632 3.81 -35.64 41.82
N ILE A 633 3.42 -36.90 41.95
CA ILE A 633 2.14 -37.27 42.54
C ILE A 633 2.43 -38.13 43.76
N ASN A 634 1.84 -37.76 44.89
CA ASN A 634 1.94 -38.49 46.17
C ASN A 634 3.34 -39.07 46.38
N ASP A 635 4.34 -38.21 46.18
CA ASP A 635 5.76 -38.51 46.33
C ASP A 635 6.26 -39.53 45.31
N THR A 636 5.72 -39.52 44.09
CA THR A 636 6.16 -40.41 43.03
C THR A 636 6.50 -39.58 41.80
N GLU A 637 7.62 -39.91 41.16
CA GLU A 637 8.04 -39.24 39.94
C GLU A 637 7.39 -39.93 38.73
N VAL A 638 6.53 -39.20 38.03
CA VAL A 638 5.79 -39.76 36.90
C VAL A 638 6.52 -39.45 35.60
N ALA A 639 6.67 -38.17 35.29
CA ALA A 639 7.34 -37.73 34.08
C ALA A 639 8.29 -36.60 34.42
N SER A 640 9.34 -36.46 33.61
CA SER A 640 10.39 -35.47 33.85
C SER A 640 10.37 -34.33 32.83
N ASN A 641 9.26 -34.16 32.12
CA ASN A 641 9.17 -33.13 31.08
C ASN A 641 7.85 -32.40 31.15
N ILE A 642 7.49 -31.91 32.33
CA ILE A 642 6.25 -31.14 32.49
C ILE A 642 6.59 -29.68 32.73
N THR A 643 6.00 -28.80 31.94
CA THR A 643 6.22 -27.36 32.07
C THR A 643 5.08 -26.64 32.79
N SER A 644 3.83 -26.97 32.48
CA SER A 644 2.69 -26.38 33.18
C SER A 644 1.60 -27.43 33.27
N PHE A 645 0.73 -27.26 34.28
CA PHE A 645 -0.28 -28.26 34.56
C PHE A 645 -1.60 -27.57 34.89
N ALA A 646 -2.70 -28.29 34.66
CA ALA A 646 -4.03 -27.80 34.99
C ALA A 646 -4.91 -28.99 35.36
N VAL A 647 -5.75 -28.81 36.37
CA VAL A 647 -6.67 -29.86 36.80
C VAL A 647 -8.04 -29.24 37.04
N CYS A 648 -9.07 -29.92 36.53
CA CYS A 648 -10.47 -29.56 36.74
C CYS A 648 -11.33 -30.69 36.20
N ASP A 649 -12.48 -30.88 36.83
CA ASP A 649 -13.43 -31.97 36.53
C ASP A 649 -12.68 -33.27 36.23
N ASP A 650 -11.89 -33.68 37.22
CA ASP A 650 -11.02 -34.88 37.23
C ASP A 650 -10.41 -35.18 35.86
N PHE A 651 -9.91 -34.11 35.23
CA PHE A 651 -9.13 -34.21 34.01
C PHE A 651 -7.82 -33.46 34.24
N LEU A 652 -6.70 -34.10 33.90
CA LEU A 652 -5.39 -33.47 33.99
C LEU A 652 -4.92 -33.05 32.62
N LEU A 653 -4.36 -31.85 32.54
CA LEU A 653 -3.81 -31.29 31.32
C LEU A 653 -2.36 -30.93 31.59
N VAL A 654 -1.45 -31.48 30.78
CA VAL A 654 -0.02 -31.28 31.01
C VAL A 654 0.64 -30.89 29.69
N THR A 655 1.81 -30.27 29.81
CA THR A 655 2.63 -29.88 28.67
C THR A 655 3.88 -30.77 28.65
N THR A 656 4.08 -31.48 27.54
CA THR A 656 5.20 -32.40 27.44
C THR A 656 6.53 -31.68 27.29
N HIS A 657 6.53 -30.37 27.04
CA HIS A 657 7.74 -29.59 26.81
C HIS A 657 8.43 -30.05 25.54
N SER A 658 7.87 -31.08 24.90
CA SER A 658 8.40 -31.67 23.67
C SER A 658 7.33 -31.66 22.59
N HIS A 659 6.70 -30.49 22.42
CA HIS A 659 5.80 -30.21 21.30
C HIS A 659 4.49 -31.00 21.39
N THR A 660 3.98 -31.21 22.59
CA THR A 660 2.73 -31.96 22.75
C THR A 660 2.04 -31.52 24.04
N CYS A 661 0.71 -31.44 23.96
CA CYS A 661 -0.14 -31.17 25.12
C CYS A 661 -1.00 -32.40 25.36
N GLN A 662 -1.01 -32.89 26.59
CA GLN A 662 -1.63 -34.17 26.92
C GLN A 662 -2.79 -33.97 27.88
N VAL A 663 -3.83 -34.79 27.68
CA VAL A 663 -5.01 -34.81 28.54
C VAL A 663 -5.21 -36.24 29.04
N PHE A 664 -5.56 -36.37 30.31
CA PHE A 664 -5.77 -37.70 30.89
C PHE A 664 -6.85 -37.62 31.95
N SER A 665 -7.83 -38.52 31.89
CA SER A 665 -8.93 -38.50 32.83
C SER A 665 -8.50 -39.02 34.19
N LEU A 666 -9.13 -38.50 35.24
CA LEU A 666 -8.89 -38.94 36.62
C LEU A 666 -10.07 -39.75 37.15
N SER A 667 -11.01 -40.08 36.26
CA SER A 667 -12.19 -40.85 36.68
C SER A 667 -11.78 -42.21 37.23
N GLY A 668 -10.82 -42.88 36.60
CA GLY A 668 -10.27 -44.10 37.15
C GLY A 668 -9.30 -43.89 38.29
N ALA A 669 -8.90 -42.64 38.55
CA ALA A 669 -7.99 -42.30 39.63
C ALA A 669 -6.69 -43.10 39.54
N SER A 670 -6.20 -43.29 38.32
CA SER A 670 -4.97 -44.03 38.09
C SER A 670 -4.35 -43.60 36.77
N LEU A 671 -3.05 -43.38 36.79
CA LEU A 671 -2.29 -43.03 35.60
C LEU A 671 -0.82 -43.38 35.84
N LYS A 672 -0.13 -43.74 34.76
CA LYS A 672 1.28 -44.10 34.87
C LYS A 672 1.92 -43.94 33.49
N MET A 673 3.16 -43.47 33.50
CA MET A 673 3.92 -43.25 32.27
C MET A 673 4.21 -44.58 31.56
N GLU A 687 -7.53 -39.14 16.92
CA GLU A 687 -6.38 -38.97 17.80
C GLU A 687 -6.83 -38.45 19.16
N ILE A 688 -5.92 -38.52 20.13
CA ILE A 688 -6.16 -38.00 21.49
C ILE A 688 -5.28 -36.80 21.79
N LEU A 689 -3.96 -36.95 21.61
CA LEU A 689 -3.02 -35.86 21.85
C LEU A 689 -3.12 -34.80 20.77
N ARG A 690 -2.56 -33.63 21.01
CA ARG A 690 -2.60 -32.53 20.05
C ARG A 690 -1.29 -31.78 20.13
N LYS A 691 -0.52 -31.77 19.05
CA LYS A 691 0.80 -31.17 19.05
C LYS A 691 0.73 -29.65 19.13
N VAL A 692 1.70 -29.06 19.81
CA VAL A 692 1.72 -27.63 20.12
C VAL A 692 3.13 -27.10 19.82
N GLU A 693 3.22 -25.79 19.61
CA GLU A 693 4.48 -25.12 19.31
C GLU A 693 5.36 -25.04 20.56
N ARG A 694 6.44 -24.27 20.49
CA ARG A 694 7.48 -24.32 21.52
C ARG A 694 7.05 -23.63 22.81
N GLY A 695 6.79 -22.33 22.76
CA GLY A 695 6.65 -21.55 23.98
C GLY A 695 5.31 -21.70 24.69
N SER A 696 4.72 -22.88 24.61
CA SER A 696 3.42 -23.14 25.19
C SER A 696 3.46 -23.03 26.71
N ARG A 697 2.41 -22.47 27.28
CA ARG A 697 2.20 -22.43 28.73
C ARG A 697 0.71 -22.30 29.02
N ILE A 698 0.17 -23.28 29.74
CA ILE A 698 -1.27 -23.40 29.94
C ILE A 698 -1.77 -22.34 30.91
N VAL A 699 -2.94 -21.77 30.59
CA VAL A 699 -3.61 -20.78 31.42
C VAL A 699 -5.01 -21.37 31.63
N THR A 700 -5.93 -20.63 32.25
CA THR A 700 -7.23 -21.13 32.71
C THR A 700 -7.97 -21.98 31.68
N VAL A 701 -8.81 -22.90 32.16
CA VAL A 701 -9.50 -23.87 31.33
C VAL A 701 -11.00 -23.81 31.65
N VAL A 702 -11.80 -24.19 30.67
CA VAL A 702 -13.26 -24.29 30.84
C VAL A 702 -13.63 -25.76 30.93
N PRO A 703 -14.40 -26.17 31.94
CA PRO A 703 -14.69 -27.61 32.13
C PRO A 703 -15.55 -28.20 31.02
N GLN A 704 -16.70 -27.59 30.74
CA GLN A 704 -17.63 -28.15 29.78
C GLN A 704 -17.20 -27.86 28.34
N ASP A 705 -16.89 -26.59 28.04
CA ASP A 705 -16.48 -26.23 26.69
C ASP A 705 -15.11 -26.78 26.33
N THR A 706 -14.35 -27.25 27.31
CA THR A 706 -13.00 -27.80 27.10
C THR A 706 -12.17 -26.77 26.33
N LYS A 707 -12.28 -25.50 26.74
CA LYS A 707 -11.56 -24.41 26.10
C LYS A 707 -10.19 -24.28 26.77
N LEU A 708 -9.21 -24.94 26.16
CA LEU A 708 -7.84 -24.84 26.67
C LEU A 708 -7.16 -23.64 26.02
N ILE A 709 -6.81 -22.65 26.84
CA ILE A 709 -6.15 -21.44 26.38
C ILE A 709 -4.66 -21.63 26.54
N LEU A 710 -3.96 -21.68 25.42
CA LEU A 710 -2.53 -21.83 25.37
C LEU A 710 -1.87 -20.49 25.09
N GLN A 711 -0.64 -20.34 25.55
CA GLN A 711 0.05 -19.07 25.48
C GLN A 711 1.41 -19.25 24.80
N MET A 712 1.79 -18.25 24.00
CA MET A 712 3.02 -18.24 23.25
C MET A 712 3.90 -17.09 23.73
N PRO A 713 5.22 -17.18 23.55
CA PRO A 713 6.10 -16.16 24.15
C PRO A 713 6.01 -14.81 23.46
N ARG A 714 5.57 -14.76 22.20
CA ARG A 714 5.57 -13.49 21.47
C ARG A 714 4.58 -12.49 22.06
N GLY A 715 3.52 -12.98 22.71
CA GLY A 715 2.56 -12.11 23.35
C GLY A 715 1.13 -12.25 22.85
N ASN A 716 0.84 -13.35 22.17
CA ASN A 716 -0.50 -13.65 21.70
C ASN A 716 -1.11 -14.78 22.52
N LEU A 717 -2.34 -15.15 22.18
CA LEU A 717 -3.05 -16.22 22.84
C LEU A 717 -3.40 -17.31 21.83
N GLU A 718 -4.02 -18.39 22.31
CA GLU A 718 -4.58 -19.38 21.41
C GLU A 718 -5.65 -20.15 22.17
N VAL A 719 -6.73 -20.49 21.49
CA VAL A 719 -7.83 -21.26 22.07
C VAL A 719 -7.96 -22.56 21.30
N VAL A 720 -7.89 -23.68 22.02
CA VAL A 720 -8.04 -24.99 21.40
C VAL A 720 -9.08 -25.78 22.19
N HIS A 721 -10.03 -26.35 21.45
CA HIS A 721 -11.06 -27.18 22.06
C HIS A 721 -10.59 -28.62 22.17
N SER B 4 -16.31 39.61 -44.88
CA SER B 4 -15.92 39.10 -46.17
C SER B 4 -16.34 37.65 -46.34
N VAL B 5 -15.39 36.80 -46.73
CA VAL B 5 -15.65 35.39 -46.97
C VAL B 5 -14.63 34.57 -46.20
N LEU B 6 -15.02 33.34 -45.85
CA LEU B 6 -14.16 32.43 -45.10
C LEU B 6 -14.60 31.00 -45.39
N GLU B 7 -13.87 30.31 -46.26
CA GLU B 7 -14.21 28.96 -46.67
C GLU B 7 -13.16 27.98 -46.18
N VAL B 8 -13.61 26.80 -45.78
CA VAL B 8 -12.73 25.75 -45.25
C VAL B 8 -12.39 24.81 -46.39
N SER B 9 -11.09 24.73 -46.72
CA SER B 9 -10.67 23.89 -47.82
C SER B 9 -10.80 22.40 -47.49
N HIS B 10 -10.29 22.00 -46.32
CA HIS B 10 -10.27 20.59 -45.97
C HIS B 10 -10.29 20.43 -44.46
N VAL B 11 -10.71 19.25 -44.02
CA VAL B 11 -10.64 18.84 -42.61
C VAL B 11 -10.11 17.42 -42.55
N PHE B 12 -9.58 17.05 -41.38
CA PHE B 12 -9.08 15.70 -41.13
C PHE B 12 -9.60 15.26 -39.77
N CYS B 13 -10.27 14.10 -39.74
CA CYS B 13 -10.90 13.62 -38.53
C CYS B 13 -10.81 12.10 -38.49
N CYS B 14 -11.37 11.51 -37.43
CA CYS B 14 -11.29 10.08 -37.18
C CYS B 14 -12.43 9.66 -36.27
N PRO B 15 -13.04 8.49 -36.51
CA PRO B 15 -14.19 8.09 -35.70
C PRO B 15 -13.81 7.76 -34.27
N ASN B 16 -14.79 7.92 -33.37
CA ASN B 16 -14.61 7.57 -31.98
C ASN B 16 -14.58 6.04 -31.83
N ARG B 17 -14.17 5.60 -30.65
CA ARG B 17 -13.87 4.18 -30.40
C ARG B 17 -15.05 3.42 -29.81
N VAL B 18 -16.25 4.00 -29.87
CA VAL B 18 -17.46 3.34 -29.41
C VAL B 18 -17.79 2.25 -30.43
N ARG B 19 -18.59 1.26 -30.04
CA ARG B 19 -18.95 0.17 -30.94
C ARG B 19 -19.70 0.66 -32.18
N GLY B 20 -20.91 1.18 -31.99
CA GLY B 20 -21.72 1.62 -33.11
C GLY B 20 -21.55 3.09 -33.42
N ALA B 21 -20.34 3.50 -33.82
CA ALA B 21 -20.02 4.90 -34.04
C ALA B 21 -20.47 5.44 -35.38
N LEU B 22 -20.37 4.65 -36.46
CA LEU B 22 -20.71 5.11 -37.79
C LEU B 22 -21.89 4.31 -38.34
N SER B 23 -22.65 4.96 -39.22
CA SER B 23 -23.77 4.31 -39.88
C SER B 23 -23.83 4.78 -41.32
N TRP B 24 -24.11 3.84 -42.23
CA TRP B 24 -24.15 4.11 -43.66
C TRP B 24 -25.59 4.10 -44.13
N ASN B 25 -25.98 5.13 -44.88
CA ASN B 25 -27.34 5.24 -45.39
C ASN B 25 -27.61 4.15 -46.42
N THR B 26 -28.89 3.78 -46.52
CA THR B 26 -29.34 2.76 -47.46
C THR B 26 -29.85 3.41 -48.75
N GLY B 27 -30.01 2.57 -49.77
CA GLY B 27 -30.53 3.02 -51.04
C GLY B 27 -29.48 3.69 -51.91
N PRO B 28 -29.91 4.24 -53.03
CA PRO B 28 -28.97 4.92 -53.93
C PRO B 28 -28.40 6.18 -53.27
N GLY B 29 -27.16 6.51 -53.63
CA GLY B 29 -26.50 7.67 -53.09
C GLY B 29 -26.30 7.61 -51.59
N GLY B 30 -25.81 6.48 -51.10
CA GLY B 30 -25.58 6.31 -49.68
C GLY B 30 -24.54 7.28 -49.15
N LEU B 31 -24.67 7.59 -47.86
CA LEU B 31 -23.84 8.59 -47.22
C LEU B 31 -23.32 8.03 -45.89
N LEU B 32 -22.17 8.55 -45.47
CA LEU B 32 -21.51 8.09 -44.25
C LEU B 32 -21.50 9.19 -43.21
N ALA B 33 -21.72 8.83 -41.95
CA ALA B 33 -21.69 9.77 -40.85
C ALA B 33 -21.11 9.09 -39.62
N PHE B 34 -20.05 9.68 -39.07
CA PHE B 34 -19.39 9.12 -37.88
C PHE B 34 -19.20 10.25 -36.88
N GLY B 35 -18.46 9.98 -35.81
CA GLY B 35 -18.34 10.94 -34.72
C GLY B 35 -16.91 11.16 -34.31
N THR B 36 -16.61 12.41 -33.96
CA THR B 36 -15.34 12.83 -33.37
C THR B 36 -15.62 13.51 -32.03
N SER B 37 -14.54 14.02 -31.42
CA SER B 37 -14.49 14.33 -29.99
C SER B 37 -15.80 14.87 -29.44
N CYS B 38 -16.34 15.90 -30.09
CA CYS B 38 -17.57 16.54 -29.62
C CYS B 38 -18.52 16.84 -30.78
N SER B 39 -18.42 16.09 -31.88
CA SER B 39 -19.18 16.46 -33.06
C SER B 39 -19.43 15.22 -33.91
N VAL B 40 -20.27 15.39 -34.93
CA VAL B 40 -20.58 14.35 -35.90
C VAL B 40 -20.15 14.85 -37.27
N VAL B 41 -19.34 14.03 -37.96
CA VAL B 41 -18.74 14.39 -39.23
C VAL B 41 -19.39 13.58 -40.34
N LEU B 42 -19.78 14.26 -41.41
CA LEU B 42 -20.35 13.66 -42.61
C LEU B 42 -19.23 13.34 -43.60
N TYR B 43 -19.53 12.42 -44.52
CA TYR B 43 -18.53 11.96 -45.47
C TYR B 43 -19.24 11.26 -46.62
N ASP B 44 -18.89 11.65 -47.85
CA ASP B 44 -19.50 11.10 -49.06
C ASP B 44 -18.57 10.04 -49.65
N PRO B 45 -18.95 8.77 -49.64
CA PRO B 45 -18.09 7.73 -50.23
C PRO B 45 -17.83 7.92 -51.71
N GLN B 46 -18.78 8.49 -52.47
CA GLN B 46 -18.56 8.70 -53.89
C GLN B 46 -17.39 9.64 -54.13
N LYS B 47 -17.35 10.75 -53.39
CA LYS B 47 -16.25 11.69 -53.42
C LYS B 47 -15.25 11.32 -52.32
N LYS B 48 -14.34 12.24 -52.01
CA LYS B 48 -13.33 12.03 -50.98
C LYS B 48 -13.29 13.22 -50.03
N VAL B 49 -14.44 13.87 -49.81
CA VAL B 49 -14.47 15.14 -49.12
C VAL B 49 -15.50 15.09 -48.00
N VAL B 50 -15.26 15.92 -46.98
CA VAL B 50 -16.18 16.09 -45.85
C VAL B 50 -16.95 17.38 -46.08
N ILE B 51 -18.28 17.31 -45.94
CA ILE B 51 -19.11 18.48 -46.20
C ILE B 51 -19.12 19.41 -44.99
N THR B 52 -19.66 18.94 -43.88
CA THR B 52 -19.79 19.76 -42.68
C THR B 52 -20.01 18.85 -41.49
N ASN B 53 -19.83 19.42 -40.29
CA ASN B 53 -19.97 18.69 -39.05
C ASN B 53 -21.15 19.24 -38.25
N LEU B 54 -21.77 18.37 -37.45
CA LEU B 54 -22.95 18.73 -36.67
C LEU B 54 -22.50 19.09 -35.26
N ASN B 55 -21.95 20.30 -35.12
CA ASN B 55 -21.45 20.78 -33.84
C ASN B 55 -22.61 21.19 -32.96
N GLY B 56 -23.09 20.26 -32.12
CA GLY B 56 -24.20 20.58 -31.24
C GLY B 56 -24.05 20.10 -29.81
N HIS B 57 -23.05 19.26 -29.54
CA HIS B 57 -22.92 18.61 -28.25
C HIS B 57 -21.93 19.34 -27.36
N THR B 58 -21.78 18.82 -26.14
CA THR B 58 -20.81 19.32 -25.17
C THR B 58 -19.90 18.20 -24.68
N ALA B 59 -20.30 16.95 -24.87
CA ALA B 59 -19.50 15.80 -24.48
C ALA B 59 -19.32 14.91 -25.70
N ARG B 60 -18.78 13.72 -25.48
CA ARG B 60 -18.50 12.79 -26.57
C ARG B 60 -19.78 12.18 -27.11
N VAL B 61 -19.82 11.98 -28.43
CA VAL B 61 -20.98 11.42 -29.12
C VAL B 61 -20.75 9.92 -29.31
N ASN B 62 -21.73 9.10 -28.97
CA ASN B 62 -21.55 7.66 -28.89
C ASN B 62 -22.45 6.84 -29.79
N CYS B 63 -23.49 7.41 -30.38
CA CYS B 63 -24.33 6.60 -31.25
C CYS B 63 -24.89 7.46 -32.37
N LEU B 64 -24.88 6.92 -33.58
CA LEU B 64 -25.48 7.55 -34.76
C LEU B 64 -26.42 6.56 -35.43
N GLN B 65 -27.47 7.10 -36.04
CA GLN B 65 -28.41 6.25 -36.77
C GLN B 65 -29.22 7.03 -37.81
N TRP B 66 -29.24 6.55 -39.05
CA TRP B 66 -30.07 7.14 -40.09
C TRP B 66 -31.53 6.73 -39.89
N ILE B 67 -32.44 7.70 -40.01
CA ILE B 67 -33.87 7.41 -39.98
C ILE B 67 -34.26 6.79 -41.31
N ARG B 68 -34.49 5.48 -41.32
CA ARG B 68 -34.72 4.76 -42.56
C ARG B 68 -36.02 5.20 -43.23
N THR B 69 -35.98 5.33 -44.55
CA THR B 69 -37.18 5.62 -45.32
C THR B 69 -37.63 4.36 -46.05
N GLU B 70 -38.92 4.08 -45.98
CA GLU B 70 -39.44 2.77 -46.40
C GLU B 70 -39.30 2.55 -47.90
N ASP B 71 -39.48 3.60 -48.71
CA ASP B 71 -39.61 3.43 -50.15
C ASP B 71 -38.27 3.38 -50.88
N GLY B 72 -37.18 3.06 -50.20
CA GLY B 72 -35.89 2.95 -50.85
C GLY B 72 -35.34 4.24 -51.41
N SER B 73 -35.41 5.34 -50.67
CA SER B 73 -34.91 6.63 -51.09
C SER B 73 -34.05 7.26 -50.00
N PRO B 74 -33.12 8.14 -50.36
CA PRO B 74 -32.31 8.82 -49.34
C PRO B 74 -33.18 9.60 -48.37
N SER B 75 -32.79 9.56 -47.09
CA SER B 75 -33.58 10.14 -46.01
C SER B 75 -33.05 11.51 -45.58
N ASN B 76 -31.77 11.58 -45.22
CA ASN B 76 -31.12 12.81 -44.77
C ASN B 76 -31.74 13.36 -43.48
N GLU B 77 -32.23 12.48 -42.62
CA GLU B 77 -32.53 12.81 -41.24
C GLU B 77 -31.99 11.69 -40.35
N LEU B 78 -31.40 12.07 -39.22
CA LEU B 78 -30.64 11.13 -38.40
C LEU B 78 -30.81 11.44 -36.93
N VAL B 79 -30.29 10.56 -36.10
CA VAL B 79 -30.36 10.68 -34.65
C VAL B 79 -28.99 10.37 -34.06
N SER B 80 -28.57 11.17 -33.08
CA SER B 80 -27.27 11.01 -32.45
C SER B 80 -27.40 11.13 -30.94
N GLY B 81 -26.86 10.15 -30.23
CA GLY B 81 -26.85 10.17 -28.78
C GLY B 81 -25.42 10.31 -28.28
N GLY B 82 -25.23 11.23 -27.33
CA GLY B 82 -23.90 11.56 -26.84
C GLY B 82 -23.69 11.13 -25.40
N SER B 83 -22.59 11.61 -24.84
CA SER B 83 -22.28 11.42 -23.43
C SER B 83 -22.59 12.64 -22.59
N ASP B 84 -23.33 13.61 -23.15
CA ASP B 84 -23.84 14.74 -22.41
C ASP B 84 -25.24 14.49 -21.88
N ASN B 85 -25.65 13.22 -21.79
CA ASN B 85 -27.01 12.83 -21.40
C ASN B 85 -28.04 13.35 -22.40
N ARG B 86 -27.62 13.45 -23.67
CA ARG B 86 -28.46 14.09 -24.68
C ARG B 86 -28.61 13.21 -25.92
N VAL B 87 -29.86 13.02 -26.33
CA VAL B 87 -30.21 12.44 -27.61
C VAL B 87 -30.78 13.56 -28.48
N ILE B 88 -30.27 13.66 -29.71
CA ILE B 88 -30.63 14.76 -30.60
C ILE B 88 -31.07 14.20 -31.94
N HIS B 89 -32.12 14.79 -32.50
CA HIS B 89 -32.61 14.48 -33.82
C HIS B 89 -32.25 15.60 -34.79
N TRP B 90 -31.62 15.24 -35.90
CA TRP B 90 -31.11 16.20 -36.86
C TRP B 90 -31.79 15.98 -38.20
N GLU B 91 -32.05 17.09 -38.90
CA GLU B 91 -32.64 17.08 -40.23
C GLU B 91 -31.71 17.80 -41.19
N LEU B 92 -31.42 17.19 -42.33
CA LEU B 92 -30.62 17.83 -43.37
C LEU B 92 -31.41 18.08 -44.64
N GLU B 93 -31.93 17.04 -45.28
CA GLU B 93 -32.59 17.10 -46.58
C GLU B 93 -31.74 17.81 -47.64
N ASN B 94 -30.45 18.01 -47.36
CA ASN B 94 -29.54 18.77 -48.20
C ASN B 94 -28.15 18.57 -47.63
N ASN B 95 -27.18 19.31 -48.20
CA ASN B 95 -25.80 19.22 -47.75
C ASN B 95 -25.43 20.29 -46.73
N GLN B 96 -26.35 21.20 -46.41
CA GLN B 96 -26.02 22.33 -45.55
C GLN B 96 -26.99 22.56 -44.40
N VAL B 97 -28.26 22.17 -44.53
CA VAL B 97 -29.28 22.53 -43.54
C VAL B 97 -28.89 21.91 -42.20
N LEU B 98 -28.65 22.77 -41.21
CA LEU B 98 -28.25 22.36 -39.87
C LEU B 98 -29.35 22.78 -38.90
N LYS B 99 -30.32 21.89 -38.70
CA LYS B 99 -31.43 22.13 -37.77
C LYS B 99 -31.48 20.98 -36.78
N SER B 100 -31.41 21.30 -35.50
CA SER B 100 -31.40 20.32 -34.43
C SER B 100 -32.52 20.63 -33.44
N VAL B 101 -32.86 19.63 -32.62
CA VAL B 101 -33.95 19.73 -31.67
C VAL B 101 -33.47 19.75 -30.23
N ARG B 102 -32.39 19.03 -29.93
CA ARG B 102 -31.71 19.13 -28.63
C ARG B 102 -32.65 18.76 -27.49
N LEU B 103 -33.01 17.47 -27.45
CA LEU B 103 -33.92 16.95 -26.44
C LEU B 103 -33.36 17.13 -25.04
N GLN B 104 -34.21 16.87 -24.04
CA GLN B 104 -33.90 17.09 -22.64
C GLN B 104 -33.05 15.94 -22.10
N GLY B 105 -32.62 16.08 -20.85
CA GLY B 105 -31.69 15.15 -20.22
C GLY B 105 -32.19 13.73 -20.04
N HIS B 106 -31.26 12.78 -20.13
CA HIS B 106 -31.55 11.36 -19.97
C HIS B 106 -31.06 10.78 -18.65
N GLU B 107 -30.27 11.55 -17.89
CA GLU B 107 -29.64 11.10 -16.65
C GLU B 107 -28.75 9.88 -16.90
N GLY B 108 -27.71 10.08 -17.71
CA GLY B 108 -26.77 9.04 -18.02
C GLY B 108 -26.29 9.10 -19.46
N PRO B 109 -25.02 8.79 -19.68
CA PRO B 109 -24.49 8.73 -21.04
C PRO B 109 -25.07 7.55 -21.80
N VAL B 110 -25.79 7.84 -22.89
CA VAL B 110 -26.38 6.79 -23.70
C VAL B 110 -25.28 6.01 -24.40
N CYS B 111 -25.54 4.74 -24.69
CA CYS B 111 -24.60 3.91 -25.43
C CYS B 111 -25.07 3.58 -26.84
N ALA B 112 -26.37 3.33 -27.01
CA ALA B 112 -26.93 3.03 -28.32
C ALA B 112 -28.42 3.35 -28.30
N VAL B 113 -28.90 3.90 -29.41
CA VAL B 113 -30.29 4.27 -29.60
C VAL B 113 -30.76 3.75 -30.95
N HIS B 114 -32.03 4.00 -31.26
CA HIS B 114 -32.57 3.64 -32.56
C HIS B 114 -33.82 4.47 -32.83
N ALA B 115 -34.21 4.52 -34.10
CA ALA B 115 -35.41 5.25 -34.51
C ALA B 115 -35.88 4.66 -35.83
N ILE B 116 -37.17 4.87 -36.13
CA ILE B 116 -37.78 4.34 -37.34
C ILE B 116 -39.09 5.10 -37.57
N TYR B 117 -39.54 5.12 -38.82
CA TYR B 117 -40.78 5.79 -39.16
C TYR B 117 -41.99 4.94 -38.79
N GLN B 118 -43.03 5.58 -38.24
CA GLN B 118 -44.20 4.81 -37.73
C GLN B 118 -44.96 4.10 -38.87
N SER B 119 -44.92 4.66 -40.08
CA SER B 119 -45.68 4.06 -41.21
C SER B 119 -47.18 4.12 -40.93
N GLY B 120 -47.63 5.15 -40.20
CA GLY B 120 -49.07 5.33 -39.95
C GLY B 120 -49.69 6.29 -40.96
N PRO B 121 -50.20 5.82 -42.11
CA PRO B 121 -50.73 6.72 -43.15
C PRO B 121 -52.06 7.35 -42.74
N SER B 122 -52.92 6.59 -42.05
CA SER B 122 -54.26 7.12 -41.68
C SER B 122 -54.10 8.51 -41.08
N GLU B 123 -53.14 8.69 -40.18
CA GLU B 123 -52.87 10.03 -39.60
C GLU B 123 -52.03 10.82 -40.60
N GLY B 124 -52.50 10.89 -41.85
CA GLY B 124 -51.73 11.60 -42.90
C GLY B 124 -50.29 11.18 -42.88
N GLU B 125 -49.37 12.11 -43.18
CA GLU B 125 -47.93 11.76 -43.06
C GLU B 125 -47.69 11.32 -41.62
N GLN B 126 -47.08 10.15 -41.42
CA GLN B 126 -46.74 9.71 -40.04
C GLN B 126 -45.34 10.21 -39.69
N HIS B 127 -44.91 9.97 -38.44
CA HIS B 127 -43.59 10.47 -38.01
C HIS B 127 -42.79 9.34 -37.36
N ALA B 128 -41.61 9.66 -36.85
CA ALA B 128 -40.73 8.67 -36.24
C ALA B 128 -40.84 8.67 -34.71
N LEU B 129 -40.23 7.66 -34.11
CA LEU B 129 -40.14 7.51 -32.67
C LEU B 129 -38.72 7.11 -32.29
N ILE B 130 -38.34 7.35 -31.04
CA ILE B 130 -36.98 7.09 -30.58
C ILE B 130 -37.04 6.36 -29.25
N ALA B 131 -36.30 5.26 -29.15
CA ALA B 131 -36.16 4.49 -27.90
C ALA B 131 -34.68 4.52 -27.50
N SER B 132 -34.41 5.00 -26.29
CA SER B 132 -33.04 5.23 -25.84
C SER B 132 -32.77 4.53 -24.52
N ALA B 133 -31.55 4.00 -24.38
CA ALA B 133 -31.09 3.35 -23.16
C ALA B 133 -29.85 4.08 -22.66
N ALA B 134 -29.65 4.09 -21.34
CA ALA B 134 -28.58 4.90 -20.77
C ALA B 134 -27.84 4.18 -19.65
N SER B 135 -27.06 4.92 -18.87
CA SER B 135 -26.21 4.33 -17.85
C SER B 135 -27.02 3.81 -16.66
N ASP B 136 -28.10 4.51 -16.30
CA ASP B 136 -28.91 4.14 -15.15
C ASP B 136 -29.90 3.02 -15.46
N SER B 137 -29.66 2.26 -16.53
CA SER B 137 -30.45 1.07 -16.87
C SER B 137 -31.94 1.40 -17.03
N THR B 138 -32.23 2.36 -17.91
CA THR B 138 -33.60 2.73 -18.22
C THR B 138 -33.79 2.79 -19.73
N VAL B 139 -35.04 2.63 -20.15
CA VAL B 139 -35.43 2.77 -21.55
C VAL B 139 -36.50 3.85 -21.63
N ARG B 140 -36.29 4.83 -22.52
CA ARG B 140 -37.17 5.98 -22.60
C ARG B 140 -37.57 6.21 -24.06
N ILE B 141 -38.82 6.61 -24.26
CA ILE B 141 -39.39 6.77 -25.60
C ILE B 141 -39.55 8.25 -25.90
N TRP B 142 -38.96 8.69 -27.01
CA TRP B 142 -39.13 10.04 -27.53
C TRP B 142 -39.74 9.93 -28.92
N SER B 143 -40.81 10.66 -29.17
CA SER B 143 -41.51 10.59 -30.44
C SER B 143 -41.52 11.95 -31.13
N LYS B 144 -41.74 11.93 -32.43
CA LYS B 144 -41.90 13.16 -33.20
C LYS B 144 -43.24 13.15 -33.90
N LYS B 145 -43.92 14.29 -33.87
CA LYS B 145 -45.19 14.46 -34.59
C LYS B 145 -45.22 15.84 -35.24
N GLY B 146 -44.09 16.26 -35.79
CA GLY B 146 -43.97 17.55 -36.43
C GLY B 146 -42.85 18.37 -35.82
N SER B 147 -43.14 19.65 -35.57
CA SER B 147 -42.13 20.56 -35.05
C SER B 147 -41.83 20.32 -33.58
N GLU B 148 -42.82 19.84 -32.82
CA GLU B 148 -42.67 19.67 -31.39
C GLU B 148 -42.44 18.21 -31.02
N VAL B 149 -41.43 17.98 -30.18
CA VAL B 149 -41.12 16.63 -29.72
C VAL B 149 -42.20 16.18 -28.74
N LYS B 150 -42.32 14.86 -28.58
CA LYS B 150 -43.34 14.27 -27.70
C LYS B 150 -42.62 13.35 -26.72
N TYR B 151 -42.83 13.61 -25.43
CA TYR B 151 -42.33 12.75 -24.37
C TYR B 151 -43.42 11.72 -24.05
N LEU B 152 -43.45 10.62 -24.80
CA LEU B 152 -44.54 9.66 -24.71
C LEU B 152 -44.62 9.00 -23.34
N GLN B 153 -43.57 8.29 -22.94
CA GLN B 153 -43.57 7.64 -21.64
C GLN B 153 -42.14 7.35 -21.22
N THR B 154 -41.99 7.01 -19.94
CA THR B 154 -40.73 6.53 -19.38
C THR B 154 -40.92 5.12 -18.84
N LEU B 155 -39.86 4.32 -18.96
CA LEU B 155 -39.87 2.96 -18.47
C LEU B 155 -38.54 2.70 -17.76
N SER B 156 -38.57 2.68 -16.43
CA SER B 156 -37.39 2.31 -15.65
C SER B 156 -37.18 0.81 -15.88
N PHE B 157 -36.31 0.50 -16.85
CA PHE B 157 -36.11 -0.87 -17.30
C PHE B 157 -35.82 -1.79 -16.14
N ARG B 158 -34.95 -1.35 -15.22
CA ARG B 158 -34.69 -2.07 -13.99
C ARG B 158 -34.42 -1.03 -12.90
N ASP B 159 -34.02 -1.51 -11.72
CA ASP B 159 -33.75 -0.66 -10.57
C ASP B 159 -32.27 -0.63 -10.21
N GLY B 160 -31.62 -1.78 -10.18
CA GLY B 160 -30.23 -1.90 -9.81
C GLY B 160 -29.31 -1.84 -11.00
N PHE B 161 -28.30 -2.71 -11.00
CA PHE B 161 -27.27 -2.74 -12.04
C PHE B 161 -27.59 -3.72 -13.16
N VAL B 162 -28.86 -3.98 -13.43
CA VAL B 162 -29.27 -4.83 -14.54
C VAL B 162 -29.36 -3.94 -15.78
N LEU B 163 -28.34 -3.99 -16.62
CA LEU B 163 -28.14 -3.00 -17.67
C LEU B 163 -28.81 -3.43 -18.98
N SER B 164 -28.61 -2.60 -20.01
CA SER B 164 -29.09 -2.86 -21.36
C SER B 164 -27.88 -2.94 -22.28
N VAL B 165 -27.79 -4.02 -23.05
CA VAL B 165 -26.60 -4.26 -23.87
C VAL B 165 -26.75 -3.69 -25.28
N CYS B 166 -27.95 -3.71 -25.84
CA CYS B 166 -28.18 -3.23 -27.20
C CYS B 166 -29.60 -2.66 -27.26
N LEU B 167 -30.10 -2.46 -28.48
CA LEU B 167 -31.46 -1.97 -28.68
C LEU B 167 -31.77 -2.07 -30.16
N ALA B 168 -33.05 -2.36 -30.47
CA ALA B 168 -33.47 -2.47 -31.85
C ALA B 168 -34.95 -2.15 -31.96
N ILE B 169 -35.34 -1.49 -33.05
CA ILE B 169 -36.72 -1.06 -33.25
C ILE B 169 -37.19 -1.46 -34.65
N LEU B 170 -38.38 -2.05 -34.70
CA LEU B 170 -39.11 -2.28 -35.94
C LEU B 170 -40.55 -2.66 -35.64
N PRO B 171 -41.53 -2.00 -36.27
CA PRO B 171 -42.92 -2.46 -36.12
C PRO B 171 -43.13 -3.80 -36.82
N GLY B 172 -43.76 -4.73 -36.11
CA GLY B 172 -43.98 -6.06 -36.63
C GLY B 172 -44.87 -6.09 -37.86
N THR B 173 -46.12 -5.73 -37.69
CA THR B 173 -47.03 -5.63 -38.83
C THR B 173 -47.84 -4.34 -38.82
N ASN B 174 -48.37 -3.94 -37.67
CA ASN B 174 -49.19 -2.74 -37.56
C ASN B 174 -48.79 -1.85 -36.39
N VAL B 175 -48.11 -2.40 -35.40
CA VAL B 175 -47.83 -1.67 -34.16
C VAL B 175 -46.33 -1.66 -33.88
N PRO B 176 -45.81 -0.65 -33.18
CA PRO B 176 -44.37 -0.63 -32.87
C PRO B 176 -43.96 -1.81 -32.00
N VAL B 177 -42.78 -2.33 -32.25
CA VAL B 177 -42.20 -3.45 -31.48
C VAL B 177 -40.78 -3.07 -31.11
N LEU B 178 -40.45 -3.22 -29.83
CA LEU B 178 -39.13 -2.88 -29.30
C LEU B 178 -38.42 -4.15 -28.86
N ALA B 179 -37.12 -4.25 -29.18
CA ALA B 179 -36.30 -5.39 -28.77
C ALA B 179 -35.08 -4.85 -28.04
N CYS B 180 -35.08 -4.99 -26.71
CA CYS B 180 -33.97 -4.57 -25.86
C CYS B 180 -33.18 -5.79 -25.40
N GLY B 181 -32.03 -5.54 -24.78
CA GLY B 181 -31.19 -6.61 -24.32
C GLY B 181 -30.88 -6.60 -22.83
N ASP B 182 -31.12 -7.71 -22.15
CA ASP B 182 -30.77 -7.87 -20.75
C ASP B 182 -29.50 -8.71 -20.64
N ASP B 183 -28.56 -8.21 -19.82
CA ASP B 183 -27.15 -8.56 -19.90
C ASP B 183 -26.89 -10.05 -19.90
N ASP B 184 -27.48 -10.79 -18.96
CA ASP B 184 -27.11 -12.18 -18.75
C ASP B 184 -27.38 -13.03 -20.00
N CYS B 185 -28.65 -13.21 -20.36
CA CYS B 185 -29.00 -14.02 -21.51
C CYS B 185 -30.18 -13.50 -22.30
N ARG B 186 -30.76 -12.35 -21.95
CA ARG B 186 -32.15 -12.13 -22.29
C ARG B 186 -32.31 -11.09 -23.40
N ILE B 187 -33.37 -11.26 -24.18
CA ILE B 187 -33.83 -10.27 -25.15
C ILE B 187 -35.30 -9.98 -24.88
N HIS B 188 -35.59 -8.74 -24.56
CA HIS B 188 -36.93 -8.31 -24.16
C HIS B 188 -37.68 -7.77 -25.37
N LEU B 189 -38.85 -8.36 -25.67
CA LEU B 189 -39.69 -7.94 -26.79
C LEU B 189 -40.93 -7.31 -26.20
N TYR B 190 -41.09 -6.00 -26.41
CA TYR B 190 -42.16 -5.20 -25.84
C TYR B 190 -43.22 -4.90 -26.90
N ILE B 191 -44.33 -4.30 -26.46
CA ILE B 191 -45.38 -3.84 -27.34
C ILE B 191 -46.28 -2.87 -26.57
N GLN B 192 -46.79 -1.84 -27.24
CA GLN B 192 -47.68 -0.87 -26.63
C GLN B 192 -49.13 -1.18 -26.95
N GLN B 193 -50.00 -0.93 -25.97
CA GLN B 193 -51.44 -1.07 -26.19
C GLN B 193 -52.02 0.18 -26.86
N ASP B 194 -51.96 1.31 -26.17
CA ASP B 194 -52.24 2.61 -26.77
C ASP B 194 -51.00 3.49 -26.73
N ASP B 195 -50.40 3.66 -25.55
CA ASP B 195 -49.08 4.28 -25.43
C ASP B 195 -48.18 3.58 -24.42
N GLN B 196 -48.70 2.71 -23.56
CA GLN B 196 -47.89 2.04 -22.55
C GLN B 196 -47.33 0.75 -23.13
N PHE B 197 -46.00 0.63 -23.15
CA PHE B 197 -45.35 -0.57 -23.67
C PHE B 197 -45.39 -1.64 -22.59
N GLN B 198 -46.06 -2.76 -22.89
CA GLN B 198 -46.19 -3.88 -21.99
C GLN B 198 -45.39 -5.06 -22.52
N LYS B 199 -44.73 -5.78 -21.61
CA LYS B 199 -43.81 -6.84 -22.01
C LYS B 199 -44.56 -7.94 -22.74
N ALA B 200 -44.27 -8.10 -24.04
CA ALA B 200 -44.87 -9.19 -24.80
C ALA B 200 -44.19 -10.52 -24.46
N LEU B 201 -42.86 -10.56 -24.54
CA LEU B 201 -42.16 -11.81 -24.24
C LEU B 201 -40.70 -11.51 -23.96
N SER B 202 -39.99 -12.52 -23.45
CA SER B 202 -38.56 -12.44 -23.22
C SER B 202 -37.91 -13.73 -23.70
N LEU B 203 -36.98 -13.61 -24.63
CA LEU B 203 -36.27 -14.75 -25.20
C LEU B 203 -34.94 -14.94 -24.47
N CYS B 204 -34.51 -16.20 -24.39
CA CYS B 204 -33.27 -16.52 -23.69
C CYS B 204 -32.65 -17.76 -24.32
N GLY B 205 -31.55 -17.58 -25.04
CA GLY B 205 -30.84 -18.71 -25.62
C GLY B 205 -29.33 -18.56 -25.67
N HIS B 206 -28.82 -17.50 -25.06
CA HIS B 206 -27.39 -17.20 -25.11
C HIS B 206 -26.73 -17.53 -23.78
N GLU B 207 -25.59 -18.22 -23.85
CA GLU B 207 -24.87 -18.56 -22.63
C GLU B 207 -24.15 -17.34 -22.05
N ASP B 208 -23.70 -16.43 -22.90
CA ASP B 208 -22.88 -15.31 -22.50
C ASP B 208 -23.59 -13.98 -22.79
N TRP B 209 -22.86 -12.89 -22.64
CA TRP B 209 -23.40 -11.56 -22.92
C TRP B 209 -23.75 -11.42 -24.39
N ILE B 210 -24.95 -10.91 -24.66
CA ILE B 210 -25.41 -10.63 -26.01
C ILE B 210 -24.93 -9.24 -26.40
N ARG B 211 -24.42 -9.11 -27.62
CA ARG B 211 -23.91 -7.85 -28.11
C ARG B 211 -24.70 -7.24 -29.25
N GLY B 212 -25.10 -8.03 -30.25
CA GLY B 212 -25.73 -7.50 -31.45
C GLY B 212 -27.12 -8.06 -31.67
N VAL B 213 -28.05 -7.17 -32.05
CA VAL B 213 -29.42 -7.54 -32.38
C VAL B 213 -29.85 -6.73 -33.60
N GLU B 214 -30.49 -7.39 -34.56
CA GLU B 214 -30.90 -6.73 -35.79
C GLU B 214 -32.21 -7.31 -36.30
N TRP B 215 -33.06 -6.44 -36.86
CA TRP B 215 -34.31 -6.79 -37.49
C TRP B 215 -34.10 -7.10 -38.98
N ALA B 216 -35.07 -7.81 -39.55
CA ALA B 216 -35.14 -8.01 -41.01
C ALA B 216 -36.56 -8.44 -41.34
N THR B 217 -36.91 -8.32 -42.63
CA THR B 217 -38.21 -8.76 -43.11
C THR B 217 -38.03 -9.53 -44.40
N PHE B 218 -38.74 -10.65 -44.52
CA PHE B 218 -38.70 -11.46 -45.75
C PHE B 218 -40.08 -12.03 -45.97
N GLY B 219 -40.74 -11.59 -47.05
CA GLY B 219 -42.10 -12.00 -47.32
C GLY B 219 -43.06 -11.60 -46.22
N ARG B 220 -43.53 -12.59 -45.45
CA ARG B 220 -44.40 -12.31 -44.31
C ARG B 220 -43.67 -12.49 -42.98
N ASP B 221 -42.47 -13.04 -43.01
CA ASP B 221 -41.78 -13.46 -41.80
C ASP B 221 -40.71 -12.44 -41.40
N LEU B 222 -40.76 -12.00 -40.16
CA LEU B 222 -39.68 -11.19 -39.62
C LEU B 222 -38.49 -12.08 -39.29
N PHE B 223 -37.32 -11.45 -39.20
CA PHE B 223 -36.09 -12.14 -38.89
C PHE B 223 -35.38 -11.38 -37.78
N LEU B 224 -34.95 -12.09 -36.75
CA LEU B 224 -34.20 -11.48 -35.65
C LEU B 224 -32.83 -12.14 -35.58
N ALA B 225 -31.80 -11.36 -35.86
CA ALA B 225 -30.42 -11.85 -35.79
C ALA B 225 -29.79 -11.33 -34.52
N SER B 226 -28.92 -12.16 -33.93
CA SER B 226 -28.25 -11.79 -32.69
C SER B 226 -26.89 -12.44 -32.65
N CYS B 227 -25.97 -11.77 -31.96
CA CYS B 227 -24.60 -12.24 -31.81
C CYS B 227 -24.13 -11.95 -30.39
N SER B 228 -23.43 -12.92 -29.81
CA SER B 228 -22.99 -12.87 -28.43
C SER B 228 -21.52 -13.26 -28.33
N GLN B 229 -21.04 -13.39 -27.09
CA GLN B 229 -19.65 -13.71 -26.81
C GLN B 229 -19.43 -15.19 -26.58
N ASP B 230 -20.45 -16.03 -26.79
CA ASP B 230 -20.37 -17.46 -26.52
C ASP B 230 -20.02 -18.27 -27.76
N CYS B 231 -19.28 -17.67 -28.70
CA CYS B 231 -18.84 -18.34 -29.93
C CYS B 231 -20.03 -18.89 -30.73
N LEU B 232 -21.12 -18.13 -30.78
CA LEU B 232 -22.32 -18.57 -31.48
C LEU B 232 -23.07 -17.37 -32.02
N ILE B 233 -23.62 -17.52 -33.22
CA ILE B 233 -24.46 -16.51 -33.86
C ILE B 233 -25.86 -17.12 -33.97
N ARG B 234 -26.87 -16.40 -33.49
CA ARG B 234 -28.18 -16.96 -33.23
C ARG B 234 -29.24 -16.22 -34.03
N ILE B 235 -30.04 -16.95 -34.79
CA ILE B 235 -31.05 -16.35 -35.66
C ILE B 235 -32.40 -16.99 -35.35
N TRP B 236 -33.44 -16.14 -35.30
CA TRP B 236 -34.81 -16.64 -35.22
C TRP B 236 -35.61 -16.06 -36.37
N ARG B 237 -36.07 -16.94 -37.27
CA ARG B 237 -37.18 -16.58 -38.12
C ARG B 237 -38.46 -16.56 -37.28
N LEU B 238 -39.34 -15.62 -37.57
CA LEU B 238 -40.43 -15.30 -36.65
C LEU B 238 -41.67 -14.92 -37.45
N TYR B 239 -42.76 -15.68 -37.27
CA TYR B 239 -44.05 -15.34 -37.85
C TYR B 239 -45.03 -15.10 -36.70
N MET B 240 -45.72 -13.97 -36.74
CA MET B 240 -46.52 -13.53 -35.59
C MET B 240 -47.89 -13.06 -36.06
N LYS B 241 -48.65 -12.56 -35.09
CA LYS B 241 -49.73 -11.63 -35.29
C LYS B 241 -49.63 -10.57 -34.19
N PRO B 242 -49.86 -9.30 -34.51
CA PRO B 242 -49.81 -8.26 -33.46
C PRO B 242 -50.79 -8.56 -32.34
N ALA B 243 -50.41 -8.20 -31.11
CA ALA B 243 -51.18 -8.61 -29.94
C ALA B 243 -52.59 -8.06 -29.99
N SER B 244 -53.56 -8.94 -30.20
CA SER B 244 -54.96 -8.56 -30.22
C SER B 244 -55.43 -8.02 -28.87
N PHE B 245 -54.84 -8.48 -27.77
CA PHE B 245 -55.15 -7.94 -26.45
C PHE B 245 -54.45 -6.60 -26.29
N THR B 268 -53.44 -11.65 -28.73
CA THR B 268 -52.54 -12.66 -29.29
C THR B 268 -51.10 -12.41 -28.82
N THR B 269 -50.24 -13.41 -29.01
CA THR B 269 -48.83 -13.28 -28.65
C THR B 269 -47.96 -13.60 -29.86
N VAL B 270 -46.65 -13.71 -29.64
CA VAL B 270 -45.69 -13.93 -30.71
C VAL B 270 -45.42 -15.42 -30.80
N ALA B 271 -45.03 -15.88 -32.00
CA ALA B 271 -44.72 -17.28 -32.25
C ALA B 271 -43.32 -17.38 -32.84
N VAL B 272 -42.33 -17.42 -31.95
CA VAL B 272 -40.94 -17.43 -32.39
C VAL B 272 -40.51 -18.84 -32.78
N THR B 273 -39.49 -18.91 -33.63
CA THR B 273 -38.93 -20.19 -34.08
C THR B 273 -37.41 -20.10 -34.06
N LEU B 274 -36.77 -21.14 -33.52
CA LEU B 274 -35.32 -21.21 -33.54
C LEU B 274 -34.84 -21.95 -34.79
N GLU B 275 -33.60 -21.68 -35.17
CA GLU B 275 -33.02 -22.26 -36.37
C GLU B 275 -31.59 -22.71 -36.11
N THR B 276 -30.94 -23.19 -37.16
CA THR B 276 -29.55 -23.63 -37.06
C THR B 276 -28.62 -22.44 -36.84
N VAL B 277 -27.49 -22.70 -36.19
CA VAL B 277 -26.50 -21.68 -35.93
C VAL B 277 -25.20 -22.06 -36.65
N LEU B 278 -24.20 -21.19 -36.54
CA LEU B 278 -22.92 -21.37 -37.20
C LEU B 278 -21.82 -21.48 -36.16
N ALA B 279 -20.58 -21.50 -36.64
CA ALA B 279 -19.37 -21.63 -35.81
C ALA B 279 -18.36 -20.55 -36.19
N GLY B 280 -18.82 -19.31 -36.24
CA GLY B 280 -18.03 -18.22 -36.75
C GLY B 280 -17.13 -17.55 -35.73
N HIS B 281 -15.86 -17.44 -36.09
CA HIS B 281 -14.88 -16.51 -35.52
C HIS B 281 -14.37 -16.94 -34.14
N GLU B 282 -15.05 -17.90 -33.52
CA GLU B 282 -14.69 -18.44 -32.20
C GLU B 282 -14.21 -17.34 -31.24
N ASN B 283 -14.97 -16.25 -31.17
CA ASN B 283 -14.61 -15.12 -30.31
C ASN B 283 -15.84 -14.22 -30.15
N TRP B 284 -15.62 -13.04 -29.58
CA TRP B 284 -16.69 -12.06 -29.43
C TRP B 284 -17.13 -11.53 -30.79
N VAL B 285 -18.40 -11.14 -30.86
CA VAL B 285 -18.99 -10.54 -32.06
C VAL B 285 -19.63 -9.24 -31.61
N ASN B 286 -19.00 -8.11 -31.92
CA ASN B 286 -19.51 -6.82 -31.45
C ASN B 286 -20.73 -6.37 -32.22
N ALA B 287 -20.85 -6.78 -33.49
CA ALA B 287 -21.95 -6.30 -34.32
C ALA B 287 -22.33 -7.37 -35.34
N VAL B 288 -23.55 -7.26 -35.85
CA VAL B 288 -24.06 -8.14 -36.90
C VAL B 288 -25.15 -7.39 -37.64
N HIS B 289 -25.32 -7.66 -38.94
CA HIS B 289 -26.29 -6.91 -39.73
C HIS B 289 -26.82 -7.76 -40.87
N TRP B 290 -28.01 -7.41 -41.35
CA TRP B 290 -28.59 -8.00 -42.54
C TRP B 290 -28.14 -7.21 -43.78
N GLN B 291 -28.79 -7.47 -44.91
CA GLN B 291 -28.58 -6.66 -46.10
C GLN B 291 -29.84 -5.85 -46.41
N PRO B 292 -29.71 -4.54 -46.64
CA PRO B 292 -30.90 -3.71 -46.84
C PRO B 292 -31.53 -3.91 -48.21
N SER B 293 -32.58 -3.15 -48.50
CA SER B 293 -33.30 -3.24 -49.76
C SER B 293 -32.91 -2.08 -50.67
N PHE B 294 -32.56 -2.39 -51.92
CA PHE B 294 -32.08 -1.41 -52.87
C PHE B 294 -32.90 -1.46 -54.14
N TYR B 295 -32.98 -0.31 -54.83
CA TYR B 295 -33.75 -0.18 -56.05
C TYR B 295 -32.86 -0.55 -57.24
N LYS B 296 -33.26 -1.59 -57.98
CA LYS B 296 -32.55 -2.03 -59.16
C LYS B 296 -33.55 -2.58 -60.17
N ASP B 297 -33.27 -2.31 -61.45
CA ASP B 297 -34.11 -2.70 -62.58
C ASP B 297 -35.60 -2.46 -62.30
N GLY B 298 -35.88 -1.36 -61.60
CA GLY B 298 -37.25 -0.93 -61.40
C GLY B 298 -37.94 -1.50 -60.17
N VAL B 299 -37.32 -2.47 -59.50
CA VAL B 299 -37.93 -3.13 -58.36
C VAL B 299 -36.96 -3.13 -57.19
N LEU B 300 -37.49 -3.44 -56.01
CA LEU B 300 -36.70 -3.47 -54.79
C LEU B 300 -36.19 -4.87 -54.50
N GLN B 301 -34.92 -4.97 -54.12
CA GLN B 301 -34.28 -6.23 -53.79
C GLN B 301 -33.74 -6.20 -52.38
N GLN B 302 -34.06 -7.23 -51.60
CA GLN B 302 -33.47 -7.42 -50.27
C GLN B 302 -32.97 -8.85 -50.15
N PRO B 303 -31.68 -9.07 -50.42
CA PRO B 303 -31.13 -10.43 -50.35
C PRO B 303 -31.05 -10.92 -48.91
N VAL B 304 -30.80 -12.23 -48.79
CA VAL B 304 -30.68 -12.89 -47.50
C VAL B 304 -29.19 -12.95 -47.19
N ARG B 305 -28.70 -12.00 -46.39
CA ARG B 305 -27.30 -11.96 -46.02
C ARG B 305 -27.17 -11.56 -44.56
N LEU B 306 -26.23 -12.20 -43.86
CA LEU B 306 -25.91 -11.87 -42.48
C LEU B 306 -24.42 -11.61 -42.37
N LEU B 307 -24.05 -10.42 -41.87
CA LEU B 307 -22.67 -10.00 -41.82
C LEU B 307 -22.30 -9.61 -40.40
N SER B 308 -21.18 -10.14 -39.91
CA SER B 308 -20.78 -9.97 -38.52
C SER B 308 -19.52 -9.11 -38.43
N ALA B 309 -19.16 -8.77 -37.19
CA ALA B 309 -18.00 -7.94 -36.88
C ALA B 309 -17.38 -8.50 -35.60
N SER B 310 -16.46 -9.45 -35.75
CA SER B 310 -15.87 -10.12 -34.59
C SER B 310 -14.57 -9.43 -34.19
N MET B 311 -13.81 -10.07 -33.30
CA MET B 311 -12.62 -9.48 -32.72
C MET B 311 -11.33 -10.15 -33.18
N ASP B 312 -11.39 -11.26 -33.90
CA ASP B 312 -10.20 -11.96 -34.34
C ASP B 312 -9.66 -11.45 -35.67
N LYS B 313 -10.00 -10.22 -36.06
CA LYS B 313 -9.58 -9.62 -37.33
C LYS B 313 -9.95 -10.52 -38.51
N THR B 314 -11.14 -11.13 -38.41
CA THR B 314 -11.67 -11.93 -39.50
C THR B 314 -13.14 -11.58 -39.67
N MET B 315 -13.63 -11.73 -40.89
CA MET B 315 -15.02 -11.47 -41.21
C MET B 315 -15.50 -12.52 -42.19
N ILE B 316 -16.72 -13.01 -41.98
CA ILE B 316 -17.26 -14.15 -42.70
C ILE B 316 -18.49 -13.71 -43.48
N LEU B 317 -18.52 -13.99 -44.78
CA LEU B 317 -19.65 -13.67 -45.63
C LEU B 317 -20.63 -14.85 -45.67
N TRP B 318 -21.58 -14.87 -44.74
CA TRP B 318 -22.53 -15.99 -44.69
C TRP B 318 -23.46 -15.96 -45.91
N ALA B 319 -23.95 -17.15 -46.27
CA ALA B 319 -24.83 -17.35 -47.41
C ALA B 319 -26.09 -18.11 -46.97
N PRO B 320 -27.22 -17.93 -47.67
CA PRO B 320 -28.47 -18.54 -47.19
C PRO B 320 -28.56 -20.02 -47.49
N ASP B 321 -28.33 -20.84 -46.47
CA ASP B 321 -28.64 -22.27 -46.47
C ASP B 321 -27.84 -23.08 -47.47
N GLU B 322 -27.08 -22.40 -48.33
CA GLU B 322 -26.38 -23.04 -49.45
C GLU B 322 -27.22 -24.12 -50.10
N GLU B 323 -28.50 -23.80 -50.33
CA GLU B 323 -29.46 -24.69 -50.97
C GLU B 323 -29.75 -25.93 -50.12
N SER B 324 -29.12 -26.04 -48.95
CA SER B 324 -29.30 -27.20 -48.10
C SER B 324 -29.65 -26.84 -46.67
N GLY B 325 -29.15 -25.72 -46.16
CA GLY B 325 -29.35 -25.34 -44.77
C GLY B 325 -28.08 -25.14 -43.98
N VAL B 326 -26.91 -25.46 -44.56
CA VAL B 326 -25.65 -25.33 -43.85
C VAL B 326 -25.25 -23.88 -43.60
N TRP B 327 -25.67 -22.96 -44.47
CA TRP B 327 -25.35 -21.54 -44.35
C TRP B 327 -23.85 -21.28 -44.38
N LEU B 328 -23.09 -22.10 -45.09
CA LEU B 328 -21.64 -21.92 -45.10
C LEU B 328 -21.27 -20.66 -45.89
N GLU B 329 -20.05 -20.19 -45.67
CA GLU B 329 -19.58 -18.91 -46.19
C GLU B 329 -19.24 -19.00 -47.66
N GLN B 330 -18.62 -17.93 -48.16
CA GLN B 330 -18.01 -17.92 -49.49
C GLN B 330 -16.55 -17.51 -49.44
N VAL B 331 -16.19 -16.58 -48.56
CA VAL B 331 -14.79 -16.22 -48.32
C VAL B 331 -14.72 -15.48 -46.99
N ARG B 332 -13.70 -15.79 -46.20
CA ARG B 332 -13.46 -15.09 -44.95
C ARG B 332 -12.23 -14.18 -45.09
N VAL B 333 -12.49 -12.88 -45.13
CA VAL B 333 -11.42 -11.89 -45.25
C VAL B 333 -10.74 -11.75 -43.90
N GLY B 334 -9.50 -11.33 -43.93
CA GLY B 334 -8.78 -11.06 -42.70
C GLY B 334 -7.65 -12.05 -42.47
N GLU B 335 -6.53 -11.53 -41.99
CA GLU B 335 -5.36 -12.33 -41.65
C GLU B 335 -5.03 -12.08 -40.19
N VAL B 336 -4.78 -13.16 -39.45
CA VAL B 336 -4.67 -13.11 -38.00
C VAL B 336 -3.31 -12.56 -37.56
N GLY B 337 -2.48 -12.16 -38.52
CA GLY B 337 -1.13 -11.74 -38.23
C GLY B 337 -0.99 -10.45 -37.43
N GLY B 338 -1.42 -9.33 -38.02
CA GLY B 338 -1.13 -8.03 -37.46
C GLY B 338 -1.84 -7.66 -36.17
N ASN B 339 -3.15 -7.44 -36.24
CA ASN B 339 -3.93 -6.94 -35.10
C ASN B 339 -4.89 -8.03 -34.63
N THR B 340 -4.84 -8.32 -33.34
CA THR B 340 -5.69 -9.36 -32.77
C THR B 340 -6.98 -8.79 -32.17
N LEU B 341 -7.15 -7.46 -32.19
CA LEU B 341 -8.24 -6.81 -31.48
C LEU B 341 -9.48 -6.58 -32.35
N GLY B 342 -9.44 -6.96 -33.62
CA GLY B 342 -10.62 -6.99 -34.46
C GLY B 342 -11.25 -5.63 -34.68
N PHE B 343 -12.57 -5.62 -34.77
CA PHE B 343 -13.35 -4.48 -35.23
C PHE B 343 -14.51 -4.22 -34.28
N TYR B 344 -15.15 -3.06 -34.45
CA TYR B 344 -16.36 -2.72 -33.71
C TYR B 344 -17.61 -2.51 -34.56
N ASP B 345 -17.52 -2.58 -35.89
CA ASP B 345 -18.70 -2.32 -36.70
C ASP B 345 -18.44 -2.80 -38.13
N CYS B 346 -19.50 -3.28 -38.78
CA CYS B 346 -19.47 -3.59 -40.19
C CYS B 346 -20.82 -3.23 -40.81
N GLN B 347 -20.79 -2.48 -41.91
CA GLN B 347 -22.00 -2.02 -42.58
C GLN B 347 -21.83 -2.16 -44.10
N PHE B 348 -22.95 -1.99 -44.79
CA PHE B 348 -23.04 -2.15 -46.24
C PHE B 348 -23.02 -0.79 -46.94
N GLY B 349 -22.75 -0.84 -48.24
CA GLY B 349 -22.84 0.34 -49.07
C GLY B 349 -24.27 0.59 -49.50
N GLU B 350 -24.48 0.92 -50.77
CA GLU B 350 -25.85 1.05 -51.27
C GLU B 350 -26.50 -0.32 -51.43
N ASN B 351 -25.72 -1.33 -51.78
CA ASN B 351 -26.18 -2.70 -51.93
C ASN B 351 -25.02 -3.62 -51.57
N GLY B 352 -25.11 -4.88 -51.98
CA GLY B 352 -24.10 -5.86 -51.63
C GLY B 352 -22.80 -5.72 -52.39
N THR B 353 -22.44 -4.48 -52.72
CA THR B 353 -21.21 -4.18 -53.47
C THR B 353 -19.99 -3.99 -52.57
N MET B 354 -20.03 -3.03 -51.66
CA MET B 354 -18.88 -2.73 -50.82
C MET B 354 -19.29 -2.80 -49.35
N ILE B 355 -18.34 -3.23 -48.52
CA ILE B 355 -18.57 -3.48 -47.10
C ILE B 355 -17.51 -2.75 -46.29
N ILE B 356 -17.95 -1.98 -45.29
CA ILE B 356 -17.06 -1.15 -44.49
C ILE B 356 -17.01 -1.69 -43.07
N ALA B 357 -15.87 -1.50 -42.42
CA ALA B 357 -15.64 -1.99 -41.07
C ALA B 357 -14.85 -0.96 -40.27
N HIS B 358 -15.04 -0.98 -38.95
CA HIS B 358 -14.47 0.00 -38.03
C HIS B 358 -13.45 -0.70 -37.15
N ALA B 359 -12.19 -0.31 -37.26
CA ALA B 359 -11.12 -0.96 -36.51
C ALA B 359 -11.12 -0.51 -35.06
N PHE B 360 -10.43 -1.29 -34.23
CA PHE B 360 -10.37 -1.00 -32.79
C PHE B 360 -9.64 0.32 -32.53
N HIS B 361 -8.49 0.52 -33.17
CA HIS B 361 -7.71 1.72 -32.94
C HIS B 361 -8.38 2.98 -33.49
N GLY B 362 -9.43 2.84 -34.30
CA GLY B 362 -10.14 3.98 -34.83
C GLY B 362 -10.06 4.16 -36.33
N ALA B 363 -9.34 3.30 -37.04
CA ALA B 363 -9.23 3.38 -38.49
C ALA B 363 -10.37 2.64 -39.16
N LEU B 364 -10.60 2.94 -40.43
CA LEU B 364 -11.66 2.31 -41.20
C LEU B 364 -11.07 1.35 -42.22
N HIS B 365 -11.91 0.43 -42.70
CA HIS B 365 -11.46 -0.57 -43.66
C HIS B 365 -12.60 -0.87 -44.62
N LEU B 366 -12.39 -0.60 -45.91
CA LEU B 366 -13.42 -0.78 -46.92
C LEU B 366 -13.00 -1.88 -47.88
N TRP B 367 -13.97 -2.71 -48.27
CA TRP B 367 -13.74 -3.80 -49.21
C TRP B 367 -14.75 -3.73 -50.34
N LYS B 368 -14.30 -4.08 -51.54
CA LYS B 368 -15.13 -4.08 -52.73
C LYS B 368 -14.89 -5.37 -53.52
N GLN B 369 -15.94 -5.85 -54.19
CA GLN B 369 -15.86 -7.10 -54.93
C GLN B 369 -15.47 -6.89 -56.40
N SER B 370 -16.12 -5.95 -57.08
CA SER B 370 -15.83 -5.61 -58.47
C SER B 370 -16.03 -6.81 -59.40
N THR B 371 -17.28 -7.29 -59.42
CA THR B 371 -17.77 -8.32 -60.34
C THR B 371 -17.02 -9.64 -60.23
N VAL B 372 -16.30 -9.89 -59.13
CA VAL B 372 -15.60 -11.15 -58.93
C VAL B 372 -15.98 -11.68 -57.55
N ASN B 373 -16.17 -13.00 -57.49
CA ASN B 373 -16.64 -13.63 -56.25
C ASN B 373 -15.69 -13.41 -55.08
N PRO B 374 -14.38 -13.64 -55.21
CA PRO B 374 -13.47 -13.26 -54.11
C PRO B 374 -13.32 -11.75 -54.02
N ARG B 375 -13.61 -11.20 -52.85
CA ARG B 375 -13.55 -9.77 -52.66
C ARG B 375 -12.09 -9.32 -52.46
N GLN B 376 -11.86 -8.03 -52.70
CA GLN B 376 -10.55 -7.43 -52.50
C GLN B 376 -10.73 -6.11 -51.77
N TRP B 377 -9.62 -5.48 -51.42
CA TRP B 377 -9.66 -4.23 -50.67
C TRP B 377 -10.09 -3.08 -51.58
N ALA B 378 -10.60 -2.02 -50.94
CA ALA B 378 -11.03 -0.79 -51.63
C ALA B 378 -10.36 0.39 -50.93
N PRO B 379 -9.05 0.57 -51.13
CA PRO B 379 -8.35 1.67 -50.46
C PRO B 379 -8.53 3.01 -51.16
N GLU B 380 -7.74 4.01 -50.72
CA GLU B 380 -7.66 5.33 -51.33
C GLU B 380 -8.94 6.13 -51.11
N ILE B 381 -9.89 5.56 -50.38
CA ILE B 381 -11.18 6.19 -50.13
C ILE B 381 -11.39 6.49 -48.65
N VAL B 382 -10.95 5.61 -47.76
CA VAL B 382 -11.25 5.76 -46.34
C VAL B 382 -10.47 6.95 -45.79
N ILE B 383 -11.17 7.80 -45.03
CA ILE B 383 -10.51 8.95 -44.42
C ILE B 383 -9.92 8.54 -43.06
N SER B 384 -8.77 9.12 -42.75
CA SER B 384 -8.08 8.80 -41.51
C SER B 384 -7.61 10.07 -40.84
N GLY B 385 -7.48 10.01 -39.52
CA GLY B 385 -7.01 11.13 -38.73
C GLY B 385 -6.57 10.69 -37.35
N HIS B 386 -6.11 11.64 -36.53
CA HIS B 386 -5.68 11.31 -35.19
C HIS B 386 -6.86 10.86 -34.34
N PHE B 387 -6.60 9.90 -33.44
CA PHE B 387 -7.60 9.46 -32.47
C PHE B 387 -7.22 9.93 -31.06
N ASP B 388 -6.39 10.96 -30.97
CA ASP B 388 -6.12 11.65 -29.71
C ASP B 388 -5.73 13.09 -30.06
N GLY B 389 -5.81 13.96 -29.07
CA GLY B 389 -5.71 15.40 -29.28
C GLY B 389 -4.47 15.88 -30.02
N VAL B 390 -4.67 16.73 -31.02
CA VAL B 390 -3.59 17.27 -31.85
C VAL B 390 -2.96 18.43 -31.09
N GLN B 391 -1.63 18.38 -30.95
CA GLN B 391 -0.92 19.38 -30.16
C GLN B 391 -0.30 20.49 -30.99
N ASP B 392 0.27 20.17 -32.15
CA ASP B 392 1.00 21.17 -32.92
C ASP B 392 1.10 20.74 -34.36
N LEU B 393 1.42 21.71 -35.23
CA LEU B 393 1.68 21.45 -36.64
C LEU B 393 2.50 22.61 -37.18
N MET B 394 3.10 22.40 -38.34
CA MET B 394 3.82 23.49 -39.00
C MET B 394 3.71 23.35 -40.51
N TRP B 395 3.60 24.48 -41.18
CA TRP B 395 3.42 24.52 -42.63
C TRP B 395 4.67 24.03 -43.35
N ASP B 396 4.46 23.56 -44.58
CA ASP B 396 5.58 23.21 -45.44
C ASP B 396 6.39 24.46 -45.75
N PRO B 397 7.71 24.32 -45.96
CA PRO B 397 8.52 25.49 -46.34
C PRO B 397 8.02 26.20 -47.59
N GLU B 398 7.49 25.46 -48.56
CA GLU B 398 6.94 26.06 -49.77
C GLU B 398 5.44 25.86 -49.93
N GLY B 399 4.86 24.88 -49.24
CA GLY B 399 3.42 24.69 -49.30
C GLY B 399 3.00 23.37 -49.92
N GLU B 400 3.81 22.34 -49.77
CA GLU B 400 3.57 21.04 -50.39
C GLU B 400 2.80 20.08 -49.50
N PHE B 401 3.18 19.92 -48.24
CA PHE B 401 2.53 18.96 -47.36
C PHE B 401 2.29 19.63 -46.00
N ILE B 402 1.89 18.82 -45.02
CA ILE B 402 1.69 19.29 -43.65
C ILE B 402 1.95 18.14 -42.70
N ILE B 403 2.47 18.47 -41.52
CA ILE B 403 2.88 17.49 -40.52
C ILE B 403 2.23 17.85 -39.19
N THR B 404 1.63 16.85 -38.53
CA THR B 404 0.91 17.05 -37.28
C THR B 404 1.37 16.04 -36.24
N THR B 405 1.40 16.47 -34.99
CA THR B 405 1.75 15.62 -33.85
C THR B 405 0.59 15.63 -32.87
N SER B 406 0.37 14.50 -32.20
CA SER B 406 -0.78 14.37 -31.33
C SER B 406 -0.46 13.43 -30.18
N THR B 407 -1.30 13.46 -29.15
CA THR B 407 -1.11 12.66 -27.96
C THR B 407 -1.42 11.19 -28.18
N ASP B 408 -1.67 10.77 -29.42
CA ASP B 408 -1.83 9.36 -29.73
C ASP B 408 -0.51 8.65 -29.93
N GLN B 409 0.59 9.26 -29.49
CA GLN B 409 1.95 8.72 -29.56
C GLN B 409 2.44 8.55 -31.00
N THR B 410 1.83 9.22 -31.96
CA THR B 410 2.21 9.13 -33.36
C THR B 410 2.32 10.51 -33.98
N THR B 411 2.97 10.56 -35.14
CA THR B 411 3.04 11.74 -35.97
C THR B 411 2.51 11.39 -37.35
N ARG B 412 1.79 12.32 -37.96
CA ARG B 412 1.15 12.05 -39.25
C ARG B 412 1.51 13.13 -40.26
N LEU B 413 1.56 12.73 -41.52
CA LEU B 413 1.95 13.59 -42.63
C LEU B 413 0.91 13.50 -43.73
N PHE B 414 0.29 14.64 -44.04
CA PHE B 414 -0.72 14.77 -45.08
C PHE B 414 -0.14 15.51 -46.28
N ALA B 415 -0.63 15.18 -47.48
CA ALA B 415 -0.24 15.88 -48.70
C ALA B 415 -1.34 15.67 -49.72
N PRO B 416 -1.59 16.64 -50.59
CA PRO B 416 -2.70 16.54 -51.55
C PRO B 416 -2.40 15.54 -52.66
N TRP B 417 -3.48 15.07 -53.27
CA TRP B 417 -3.43 14.10 -54.37
C TRP B 417 -3.74 14.82 -55.67
N LYS B 418 -2.72 15.06 -56.49
CA LYS B 418 -2.90 15.66 -57.81
C LYS B 418 -2.88 14.63 -58.93
N LYS B 419 -2.84 13.34 -58.59
CA LYS B 419 -2.89 12.27 -59.59
C LYS B 419 -4.31 11.74 -59.68
N LYS B 420 -5.29 12.65 -59.63
CA LYS B 420 -6.70 12.31 -59.67
C LYS B 420 -7.05 11.52 -60.92
N ASP B 421 -8.28 10.99 -60.99
CA ASP B 421 -8.70 10.01 -61.98
C ASP B 421 -8.24 10.34 -63.39
N GLN B 422 -8.00 9.29 -64.19
CA GLN B 422 -7.36 9.45 -65.50
C GLN B 422 -8.11 10.43 -66.40
N LYS B 423 -9.44 10.53 -66.24
CA LYS B 423 -10.22 11.50 -66.97
C LYS B 423 -10.62 12.71 -66.13
N ASP B 424 -10.68 12.57 -64.80
CA ASP B 424 -11.06 13.66 -63.90
C ASP B 424 -9.80 14.14 -63.19
N ARG B 425 -9.18 15.18 -63.74
CA ARG B 425 -8.02 15.80 -63.11
C ARG B 425 -8.37 16.97 -62.22
N SER B 426 -9.66 17.27 -62.06
CA SER B 426 -10.08 18.43 -61.28
C SER B 426 -10.41 18.03 -59.85
N GLN B 427 -10.61 19.05 -59.01
CA GLN B 427 -10.99 18.88 -57.61
C GLN B 427 -9.94 18.06 -56.85
N VAL B 428 -8.75 18.66 -56.73
CA VAL B 428 -7.67 18.08 -55.94
C VAL B 428 -8.11 17.92 -54.50
N THR B 429 -7.87 16.75 -53.91
CA THR B 429 -8.22 16.47 -52.54
C THR B 429 -6.96 16.41 -51.68
N TRP B 430 -7.14 16.08 -50.41
CA TRP B 430 -6.04 15.92 -49.47
C TRP B 430 -6.19 14.61 -48.72
N HIS B 431 -5.07 13.92 -48.53
CA HIS B 431 -5.06 12.65 -47.83
C HIS B 431 -3.80 12.54 -46.99
N GLU B 432 -3.90 11.85 -45.86
CA GLU B 432 -2.71 11.57 -45.07
C GLU B 432 -1.81 10.63 -45.85
N ILE B 433 -0.51 10.86 -45.75
CA ILE B 433 0.46 10.17 -46.60
C ILE B 433 1.35 9.25 -45.79
N ALA B 434 1.79 9.67 -44.61
CA ALA B 434 2.78 8.86 -43.90
C ALA B 434 2.59 8.93 -42.40
N ARG B 435 3.10 7.90 -41.72
CA ARG B 435 3.19 7.85 -40.26
C ARG B 435 4.68 7.72 -39.92
N PRO B 436 5.42 8.81 -39.82
CA PRO B 436 6.86 8.73 -39.61
C PRO B 436 7.27 7.95 -38.37
N GLN B 437 6.76 8.35 -37.20
CA GLN B 437 7.20 7.77 -35.94
C GLN B 437 6.01 7.23 -35.14
N ILE B 438 6.20 6.05 -34.57
CA ILE B 438 5.29 5.51 -33.55
C ILE B 438 6.03 5.55 -32.23
N HIS B 439 5.71 6.52 -31.39
CA HIS B 439 6.55 6.86 -30.24
C HIS B 439 5.99 6.21 -28.98
N GLY B 440 6.72 6.35 -27.88
CA GLY B 440 6.29 5.78 -26.61
C GLY B 440 5.89 6.82 -25.58
N TYR B 441 5.67 8.05 -26.03
CA TYR B 441 5.23 9.14 -25.15
C TYR B 441 4.19 9.97 -25.92
N ASN B 442 3.87 11.14 -25.38
CA ASN B 442 3.06 12.11 -26.08
C ASN B 442 3.92 13.29 -26.50
N ILE B 443 3.69 13.77 -27.72
CA ILE B 443 4.52 14.77 -28.36
C ILE B 443 3.95 16.15 -28.07
N LYS B 444 4.81 17.08 -27.66
CA LYS B 444 4.35 18.39 -27.21
C LYS B 444 4.78 19.52 -28.12
N CYS B 445 6.04 19.53 -28.57
CA CYS B 445 6.53 20.63 -29.38
C CYS B 445 7.14 20.11 -30.67
N LEU B 446 7.10 20.95 -31.70
CA LEU B 446 7.57 20.53 -33.03
C LEU B 446 8.09 21.75 -33.78
N ALA B 447 9.13 21.53 -34.58
CA ALA B 447 9.66 22.54 -35.47
C ALA B 447 10.21 21.87 -36.72
N MET B 448 10.27 22.62 -37.81
CA MET B 448 10.79 22.13 -39.07
C MET B 448 12.12 22.82 -39.38
N ILE B 449 13.13 22.02 -39.66
CA ILE B 449 14.47 22.54 -39.91
C ILE B 449 14.88 22.42 -41.37
N ASP B 450 14.20 21.60 -42.16
CA ASP B 450 14.55 21.39 -43.55
C ASP B 450 13.33 20.83 -44.27
N ARG B 451 13.38 20.85 -45.60
CA ARG B 451 12.30 20.27 -46.39
C ARG B 451 12.04 18.82 -46.03
N PHE B 452 13.08 18.03 -45.72
CA PHE B 452 12.88 16.63 -45.40
C PHE B 452 13.28 16.28 -43.97
N GLN B 453 13.49 17.29 -43.11
CA GLN B 453 13.94 17.04 -41.75
C GLN B 453 13.10 17.87 -40.78
N PHE B 454 12.86 17.32 -39.59
CA PHE B 454 12.08 18.02 -38.59
C PHE B 454 12.46 17.54 -37.20
N VAL B 455 12.36 18.44 -36.23
CA VAL B 455 12.72 18.17 -34.84
C VAL B 455 11.45 18.17 -34.00
N SER B 456 11.35 17.19 -33.11
CA SER B 456 10.19 17.04 -32.23
C SER B 456 10.66 16.85 -30.80
N GLY B 457 9.95 17.50 -29.88
CA GLY B 457 10.16 17.33 -28.46
C GLY B 457 8.94 16.73 -27.79
N ALA B 458 9.09 15.49 -27.36
CA ALA B 458 8.03 14.72 -26.73
C ALA B 458 8.13 14.86 -25.21
N ASP B 459 7.46 13.98 -24.47
CA ASP B 459 7.44 13.98 -23.02
C ASP B 459 8.81 13.71 -22.40
N GLU B 460 9.77 13.18 -23.16
CA GLU B 460 11.11 12.94 -22.62
C GLU B 460 11.77 14.27 -22.26
N LYS B 461 12.98 14.19 -21.71
CA LYS B 461 13.78 15.36 -21.42
C LYS B 461 14.74 15.70 -22.56
N VAL B 462 14.65 15.01 -23.69
CA VAL B 462 15.52 15.25 -24.82
C VAL B 462 14.68 15.69 -26.02
N LEU B 463 15.37 15.99 -27.11
CA LEU B 463 14.73 16.31 -28.39
C LEU B 463 15.23 15.33 -29.45
N ARG B 464 14.35 15.01 -30.39
CA ARG B 464 14.69 14.06 -31.44
C ARG B 464 14.54 14.73 -32.80
N VAL B 465 15.29 14.21 -33.77
CA VAL B 465 15.30 14.76 -35.13
C VAL B 465 15.10 13.62 -36.11
N PHE B 466 14.15 13.79 -37.03
CA PHE B 466 13.83 12.77 -38.01
C PHE B 466 13.94 13.34 -39.41
N SER B 467 14.57 12.59 -40.31
CA SER B 467 14.76 12.99 -41.69
C SER B 467 14.17 11.95 -42.62
N ALA B 468 13.63 12.43 -43.75
CA ALA B 468 12.96 11.60 -44.75
C ALA B 468 13.95 10.66 -45.43
N PRO B 469 13.55 9.41 -45.67
CA PRO B 469 14.40 8.48 -46.39
C PRO B 469 14.19 8.62 -47.89
N ARG B 470 14.95 7.81 -48.65
CA ARG B 470 14.84 7.79 -50.11
C ARG B 470 13.77 6.82 -50.60
N ASN B 471 13.20 6.00 -49.71
CA ASN B 471 12.15 5.07 -50.11
C ASN B 471 10.78 5.74 -50.13
N PHE B 472 10.70 7.00 -49.70
CA PHE B 472 9.46 7.75 -49.61
C PHE B 472 9.24 8.64 -50.84
N VAL B 473 10.30 9.30 -51.30
CA VAL B 473 10.18 10.30 -52.36
C VAL B 473 9.65 9.69 -53.64
N GLU B 474 9.95 8.41 -53.88
CA GLU B 474 9.43 7.73 -55.06
C GLU B 474 7.90 7.78 -55.08
N ASN B 475 7.27 7.20 -54.06
CA ASN B 475 5.81 7.20 -54.01
C ASN B 475 5.26 8.61 -53.86
N PHE B 476 5.98 9.50 -53.18
CA PHE B 476 5.51 10.88 -53.03
C PHE B 476 5.38 11.55 -54.38
N SER B 477 6.39 11.42 -55.25
CA SER B 477 6.29 11.95 -56.59
C SER B 477 5.34 11.16 -57.46
N VAL B 478 5.11 9.88 -57.15
CA VAL B 478 4.10 9.12 -57.88
C VAL B 478 2.72 9.72 -57.65
N ILE B 479 2.38 10.01 -56.39
CA ILE B 479 1.03 10.43 -56.05
C ILE B 479 0.89 11.96 -56.09
N SER B 480 1.96 12.67 -55.73
CA SER B 480 1.86 14.12 -55.70
C SER B 480 2.56 14.79 -56.85
N ARG B 481 2.77 14.11 -57.98
CA ARG B 481 3.36 14.73 -59.15
C ARG B 481 3.02 13.93 -60.40
N GLU B 544 -0.73 5.79 -56.09
CA GLU B 544 -1.95 5.71 -55.28
C GLU B 544 -1.65 5.98 -53.82
N PRO B 545 -2.58 6.63 -53.12
CA PRO B 545 -2.40 6.88 -51.69
C PRO B 545 -2.24 5.58 -50.92
N PRO B 546 -1.44 5.60 -49.85
CA PRO B 546 -1.15 4.36 -49.12
C PRO B 546 -2.39 3.82 -48.40
N THR B 547 -2.39 2.50 -48.22
CA THR B 547 -3.47 1.81 -47.52
C THR B 547 -3.23 1.89 -46.01
N GLU B 548 -4.11 1.24 -45.26
CA GLU B 548 -3.96 1.21 -43.80
C GLU B 548 -2.75 0.37 -43.40
N ASP B 549 -2.60 -0.81 -44.00
CA ASP B 549 -1.51 -1.71 -43.63
C ASP B 549 -0.15 -1.10 -43.97
N HIS B 550 -0.06 -0.44 -45.13
CA HIS B 550 1.20 0.20 -45.50
C HIS B 550 1.57 1.30 -44.51
N LEU B 551 0.58 1.99 -43.97
CA LEU B 551 0.85 3.00 -42.95
C LEU B 551 1.17 2.36 -41.61
N LEU B 552 0.64 1.16 -41.35
CA LEU B 552 0.81 0.53 -40.06
C LEU B 552 2.10 -0.27 -39.97
N GLN B 553 2.72 -0.60 -41.10
CA GLN B 553 3.89 -1.47 -41.10
C GLN B 553 5.11 -0.85 -41.77
N ASN B 554 4.93 -0.15 -42.89
CA ASN B 554 6.04 0.14 -43.80
C ASN B 554 6.05 1.61 -44.22
N THR B 555 5.96 2.52 -43.25
CA THR B 555 6.09 3.95 -43.55
C THR B 555 6.97 4.69 -42.55
N LEU B 556 7.71 3.98 -41.71
CA LEU B 556 8.48 4.62 -40.65
C LEU B 556 9.66 5.39 -41.22
N TRP B 557 10.10 6.41 -40.46
CA TRP B 557 11.26 7.22 -40.79
C TRP B 557 12.38 6.94 -39.81
N PRO B 558 13.56 6.54 -40.27
CA PRO B 558 14.66 6.24 -39.34
C PRO B 558 15.10 7.47 -38.56
N GLU B 559 15.49 7.24 -37.31
CA GLU B 559 15.98 8.28 -36.42
C GLU B 559 17.49 8.46 -36.61
N ILE B 560 17.95 9.70 -36.44
CA ILE B 560 19.35 10.01 -36.66
C ILE B 560 20.01 10.63 -35.43
N GLN B 561 19.32 11.57 -34.78
CA GLN B 561 19.95 12.40 -33.76
C GLN B 561 19.31 12.17 -32.40
N LYS B 562 19.88 12.84 -31.39
CA LYS B 562 19.40 12.81 -30.01
C LYS B 562 20.01 13.98 -29.26
N LEU B 563 19.18 14.79 -28.60
CA LEU B 563 19.61 16.07 -28.03
C LEU B 563 19.51 16.05 -26.52
N TYR B 564 20.55 15.57 -25.85
CA TYR B 564 20.64 15.72 -24.40
C TYR B 564 20.99 17.16 -24.04
N GLY B 565 20.60 17.55 -22.82
CA GLY B 565 20.94 18.88 -22.34
C GLY B 565 19.86 19.50 -21.48
N HIS B 566 18.64 19.01 -21.57
CA HIS B 566 17.55 19.47 -20.72
C HIS B 566 17.42 18.58 -19.49
N GLY B 567 16.67 19.06 -18.51
CA GLY B 567 16.43 18.29 -17.30
C GLY B 567 15.04 17.71 -17.24
N TYR B 568 14.06 18.47 -17.74
CA TYR B 568 12.66 18.06 -17.66
C TYR B 568 12.00 18.08 -19.02
N GLU B 569 10.67 17.95 -19.04
CA GLU B 569 9.92 17.92 -20.29
C GLU B 569 10.17 19.18 -21.11
N ILE B 570 9.94 19.07 -22.42
CA ILE B 570 10.11 20.17 -23.35
C ILE B 570 8.75 20.78 -23.63
N VAL B 571 8.65 22.11 -23.50
CA VAL B 571 7.36 22.78 -23.58
C VAL B 571 7.21 23.59 -24.87
N CYS B 572 8.26 24.26 -25.32
CA CYS B 572 8.17 25.12 -26.49
C CYS B 572 9.50 25.15 -27.22
N VAL B 573 9.45 25.11 -28.56
CA VAL B 573 10.62 25.25 -29.40
C VAL B 573 10.32 26.23 -30.52
N ALA B 574 11.37 26.83 -31.07
CA ALA B 574 11.26 27.75 -32.20
C ALA B 574 12.31 27.39 -33.23
N CYS B 575 12.41 28.22 -34.26
CA CYS B 575 13.38 28.00 -35.32
C CYS B 575 13.77 29.33 -35.94
N ASN B 576 14.93 29.34 -36.60
CA ASN B 576 15.51 30.54 -37.19
C ASN B 576 15.03 30.69 -38.63
N ASN B 577 15.18 31.92 -39.14
CA ASN B 577 14.76 32.22 -40.50
C ASN B 577 15.59 31.45 -41.52
N SER B 578 16.89 31.35 -41.28
CA SER B 578 17.81 30.72 -42.22
C SER B 578 18.22 29.31 -41.81
N LYS B 579 17.49 28.70 -40.87
CA LYS B 579 17.74 27.32 -40.45
C LYS B 579 19.15 27.15 -39.90
N THR B 580 19.58 28.11 -39.08
CA THR B 580 20.89 28.07 -38.45
C THR B 580 20.82 27.94 -36.93
N LEU B 581 19.79 28.51 -36.31
CA LEU B 581 19.67 28.51 -34.86
C LEU B 581 18.39 27.81 -34.42
N LEU B 582 18.49 27.10 -33.29
CA LEU B 582 17.34 26.54 -32.61
C LEU B 582 17.06 27.35 -31.35
N ALA B 583 15.98 26.99 -30.66
CA ALA B 583 15.60 27.67 -29.44
C ALA B 583 14.65 26.77 -28.67
N SER B 584 15.04 26.33 -27.48
CA SER B 584 14.30 25.34 -26.72
C SER B 584 13.98 25.86 -25.33
N ALA B 585 12.92 25.29 -24.73
CA ALA B 585 12.52 25.64 -23.38
C ALA B 585 11.93 24.40 -22.71
N CYS B 586 12.35 24.15 -21.48
CA CYS B 586 11.95 22.96 -20.75
C CYS B 586 10.95 23.30 -19.65
N LYS B 587 10.04 22.36 -19.40
CA LYS B 587 9.04 22.50 -18.35
C LYS B 587 9.73 22.68 -17.00
N ALA B 588 9.58 23.87 -16.41
CA ALA B 588 10.33 24.23 -15.21
C ALA B 588 9.41 24.84 -14.17
N SER B 589 9.84 24.77 -12.92
CA SER B 589 9.14 25.40 -11.82
C SER B 589 9.99 26.38 -11.02
N GLN B 590 11.30 26.36 -11.17
CA GLN B 590 12.21 27.25 -10.45
C GLN B 590 12.94 28.13 -11.44
N LYS B 591 13.89 28.91 -10.92
CA LYS B 591 14.68 29.81 -11.77
C LYS B 591 15.94 29.13 -12.29
N GLU B 592 16.31 27.98 -11.74
CA GLU B 592 17.49 27.27 -12.24
C GLU B 592 17.20 26.55 -13.55
N HIS B 593 15.99 26.00 -13.69
CA HIS B 593 15.60 25.29 -14.90
C HIS B 593 14.87 26.16 -15.90
N ALA B 594 14.68 27.45 -15.60
CA ALA B 594 13.99 28.36 -16.50
C ALA B 594 14.90 28.96 -17.56
N ALA B 595 16.01 28.30 -17.86
CA ALA B 595 17.01 28.85 -18.77
C ALA B 595 16.72 28.43 -20.20
N ILE B 596 16.57 29.42 -21.09
CA ILE B 596 16.44 29.16 -22.51
C ILE B 596 17.75 28.64 -23.06
N ILE B 597 17.66 27.66 -23.96
CA ILE B 597 18.83 27.01 -24.52
C ILE B 597 18.80 27.13 -26.04
N LEU B 598 19.92 27.50 -26.62
CA LEU B 598 20.08 27.61 -28.07
C LEU B 598 21.05 26.53 -28.55
N TRP B 599 20.85 26.09 -29.79
CA TRP B 599 21.61 24.99 -30.35
C TRP B 599 22.15 25.36 -31.72
N SER B 600 22.93 24.46 -32.30
CA SER B 600 23.48 24.62 -33.63
C SER B 600 22.88 23.60 -34.57
N THR B 601 22.31 24.08 -35.67
CA THR B 601 21.67 23.17 -36.62
C THR B 601 22.69 22.26 -37.28
N ALA B 602 23.86 22.79 -37.64
CA ALA B 602 24.85 22.01 -38.37
C ALA B 602 25.56 20.99 -37.49
N SER B 603 25.85 21.34 -36.23
CA SER B 603 26.69 20.51 -35.39
C SER B 603 25.96 19.86 -34.23
N TRP B 604 24.77 20.35 -33.87
CA TRP B 604 24.01 19.86 -32.72
C TRP B 604 24.84 19.97 -31.44
N LYS B 605 25.20 21.20 -31.09
CA LYS B 605 25.96 21.48 -29.88
C LYS B 605 25.43 22.74 -29.22
N GLN B 606 25.29 22.68 -27.90
CA GLN B 606 24.81 23.83 -27.15
C GLN B 606 25.87 24.94 -27.16
N VAL B 607 25.45 26.15 -27.54
CA VAL B 607 26.34 27.28 -27.66
C VAL B 607 25.95 28.45 -26.77
N GLN B 608 24.79 28.40 -26.13
CA GLN B 608 24.32 29.51 -25.31
C GLN B 608 23.32 28.98 -24.29
N SER B 609 23.15 29.73 -23.20
CA SER B 609 22.17 29.39 -22.18
C SER B 609 21.81 30.70 -21.46
N LEU B 610 20.61 31.20 -21.74
CA LEU B 610 20.17 32.46 -21.17
C LEU B 610 19.23 32.20 -20.00
N ALA B 611 19.21 33.13 -19.04
CA ALA B 611 18.42 32.91 -17.83
C ALA B 611 18.01 34.26 -17.25
N PHE B 612 16.76 34.65 -17.48
CA PHE B 612 16.18 35.79 -16.80
C PHE B 612 14.84 35.48 -16.17
N HIS B 613 14.00 34.68 -16.83
CA HIS B 613 12.62 34.49 -16.39
C HIS B 613 12.56 33.67 -15.11
N THR B 614 11.58 33.99 -14.26
CA THR B 614 11.40 33.35 -12.98
C THR B 614 10.63 32.04 -13.06
N LEU B 615 10.04 31.72 -14.21
CA LEU B 615 9.28 30.49 -14.35
C LEU B 615 9.42 29.99 -15.78
N THR B 616 8.72 28.90 -16.08
CA THR B 616 8.84 28.27 -17.39
C THR B 616 8.30 29.17 -18.49
N VAL B 617 8.98 29.14 -19.64
CA VAL B 617 8.63 29.97 -20.78
C VAL B 617 7.59 29.23 -21.61
N THR B 618 6.37 29.76 -21.64
CA THR B 618 5.30 29.10 -22.39
C THR B 618 5.49 29.26 -23.89
N GLN B 619 5.94 30.44 -24.34
CA GLN B 619 6.11 30.67 -25.77
C GLN B 619 7.24 31.64 -25.98
N MET B 620 7.81 31.61 -27.19
CA MET B 620 8.93 32.47 -27.55
C MET B 620 9.23 32.28 -29.03
N THR B 621 9.67 33.36 -29.67
CA THR B 621 9.75 33.39 -31.13
C THR B 621 10.81 34.39 -31.56
N PHE B 622 11.52 34.02 -32.63
CA PHE B 622 12.45 34.93 -33.29
C PHE B 622 11.70 36.02 -34.03
N SER B 623 12.38 37.14 -34.23
CA SER B 623 11.88 38.18 -35.12
C SER B 623 12.12 37.77 -36.57
N PRO B 624 11.37 38.35 -37.51
CA PRO B 624 11.66 38.09 -38.93
C PRO B 624 13.10 38.41 -39.29
N ASP B 625 13.67 39.48 -38.75
CA ASP B 625 15.10 39.73 -38.83
C ASP B 625 15.78 39.20 -37.58
N ASP B 626 17.09 39.03 -37.65
CA ASP B 626 17.84 38.44 -36.53
C ASP B 626 18.20 39.45 -35.46
N LYS B 627 17.52 40.60 -35.40
CA LYS B 627 17.88 41.64 -34.44
C LYS B 627 17.29 41.41 -33.06
N PHE B 628 16.31 40.54 -32.91
CA PHE B 628 15.62 40.38 -31.63
C PHE B 628 15.19 38.93 -31.45
N LEU B 629 14.69 38.62 -30.25
CA LEU B 629 14.10 37.33 -29.94
C LEU B 629 13.20 37.52 -28.72
N LEU B 630 11.90 37.35 -28.90
CA LEU B 630 10.94 37.65 -27.84
C LEU B 630 10.54 36.39 -27.11
N ALA B 631 10.20 36.53 -25.84
CA ALA B 631 9.76 35.40 -25.03
C ALA B 631 8.66 35.85 -24.07
N VAL B 632 7.70 34.96 -23.83
CA VAL B 632 6.62 35.15 -22.87
C VAL B 632 6.49 33.88 -22.06
N SER B 633 6.32 34.03 -20.75
CA SER B 633 6.30 32.88 -19.84
C SER B 633 5.03 32.88 -19.00
N ARG B 634 4.96 32.00 -18.01
CA ARG B 634 3.82 31.91 -17.12
C ARG B 634 3.89 32.89 -15.97
N ASP B 635 4.97 33.68 -15.88
CA ASP B 635 5.13 34.69 -14.84
C ASP B 635 4.58 36.04 -15.26
N ARG B 636 3.58 36.05 -16.14
CA ARG B 636 2.91 37.25 -16.66
C ARG B 636 3.88 38.40 -16.91
N THR B 637 4.95 38.08 -17.65
CA THR B 637 5.88 39.09 -18.11
C THR B 637 6.59 38.58 -19.35
N TRP B 638 6.98 39.52 -20.20
CA TRP B 638 7.68 39.23 -21.43
C TRP B 638 9.14 39.66 -21.31
N SER B 639 9.96 39.21 -22.25
CA SER B 639 11.38 39.51 -22.24
C SER B 639 11.91 39.49 -23.66
N LEU B 640 12.53 40.61 -24.08
CA LEU B 640 13.21 40.70 -25.37
C LEU B 640 14.69 40.45 -25.12
N TRP B 641 15.00 39.24 -24.64
CA TRP B 641 16.31 38.90 -24.07
C TRP B 641 17.12 38.12 -25.10
N LYS B 642 17.96 38.82 -25.85
CA LYS B 642 18.84 38.21 -26.82
C LYS B 642 20.26 38.74 -26.64
N ARG B 643 21.24 37.86 -26.81
CA ARG B 643 22.64 38.22 -26.67
C ARG B 643 23.47 37.69 -27.83
N GLN B 644 24.79 37.80 -27.73
CA GLN B 644 25.66 37.39 -28.83
C GLN B 644 25.57 35.88 -29.05
N ASP B 645 25.55 35.49 -30.33
CA ASP B 645 25.54 34.07 -30.67
C ASP B 645 26.87 33.41 -30.33
N ALA B 646 27.98 34.14 -30.46
CA ALA B 646 29.32 33.65 -30.19
C ALA B 646 29.65 32.41 -31.01
N THR B 647 29.18 32.34 -32.25
CA THR B 647 29.42 31.19 -33.11
C THR B 647 30.75 31.33 -33.83
N SER B 656 30.38 45.47 -33.01
CA SER B 656 29.04 45.99 -32.69
C SER B 656 28.14 44.87 -32.17
N LEU B 657 27.12 45.24 -31.39
CA LEU B 657 26.18 44.28 -30.88
C LEU B 657 25.25 43.78 -31.98
N PHE B 658 24.88 42.50 -31.90
CA PHE B 658 23.99 41.86 -32.86
C PHE B 658 22.75 41.32 -32.14
N ALA B 659 22.27 42.08 -31.17
CA ALA B 659 21.12 41.68 -30.35
C ALA B 659 20.63 42.93 -29.61
N PHE B 660 19.67 42.73 -28.71
CA PHE B 660 19.15 43.81 -27.88
C PHE B 660 18.40 43.18 -26.71
N THR B 661 18.34 43.91 -25.60
CA THR B 661 17.67 43.43 -24.40
C THR B 661 16.80 44.52 -23.80
N ASN B 662 15.62 44.13 -23.34
CA ASN B 662 14.69 45.00 -22.63
C ASN B 662 13.59 44.14 -22.04
N LYS B 663 13.13 44.53 -20.85
CA LYS B 663 12.14 43.76 -20.12
C LYS B 663 11.14 44.73 -19.50
N ILE B 664 10.31 44.22 -18.59
CA ILE B 664 9.29 45.04 -17.92
C ILE B 664 8.96 44.40 -16.58
N THR B 665 8.44 45.22 -15.67
CA THR B 665 8.09 44.72 -14.33
C THR B 665 6.83 43.87 -14.38
N SER B 666 5.70 44.47 -14.75
CA SER B 666 4.44 43.78 -14.87
C SER B 666 3.44 44.71 -15.55
N VAL B 667 2.71 44.16 -16.53
CA VAL B 667 1.63 44.88 -17.19
C VAL B 667 0.37 44.04 -17.16
N HIS B 668 0.48 42.79 -17.61
CA HIS B 668 -0.66 41.88 -17.63
C HIS B 668 -1.00 41.42 -16.23
N SER B 669 -2.18 40.81 -16.09
CA SER B 669 -2.64 40.29 -14.81
C SER B 669 -2.69 38.78 -14.73
N ARG B 670 -2.73 38.09 -15.87
CA ARG B 670 -2.82 36.63 -15.91
C ARG B 670 -1.67 36.07 -16.75
N ILE B 671 -1.66 34.75 -16.88
CA ILE B 671 -0.61 34.08 -17.64
C ILE B 671 -0.64 34.51 -19.10
N ILE B 672 0.52 34.82 -19.66
CA ILE B 672 0.64 35.16 -21.06
C ILE B 672 0.76 33.89 -21.88
N TRP B 673 0.16 33.88 -23.06
CA TRP B 673 0.14 32.69 -23.90
C TRP B 673 0.82 32.88 -25.23
N SER B 674 0.52 33.96 -25.96
CA SER B 674 0.97 34.08 -27.34
C SER B 674 1.75 35.37 -27.55
N CYS B 675 2.75 35.29 -28.42
CA CYS B 675 3.53 36.45 -28.83
C CYS B 675 3.79 36.36 -30.31
N ASP B 676 3.73 37.50 -31.00
CA ASP B 676 3.92 37.53 -32.45
C ASP B 676 4.62 38.82 -32.85
N TRP B 677 5.24 38.79 -34.03
CA TRP B 677 6.02 39.88 -34.58
C TRP B 677 5.29 40.50 -35.76
N SER B 678 5.96 41.43 -36.42
CA SER B 678 5.44 42.17 -37.58
C SER B 678 6.34 41.94 -38.78
N PRO B 679 5.80 42.03 -40.00
CA PRO B 679 6.65 41.85 -41.19
C PRO B 679 7.80 42.84 -41.28
N ASP B 680 7.62 44.07 -40.81
CA ASP B 680 8.66 45.08 -40.85
C ASP B 680 9.39 45.22 -39.52
N ASN B 681 9.13 44.33 -38.56
CA ASN B 681 9.78 44.33 -37.25
C ASN B 681 9.57 45.63 -36.49
N LYS B 682 8.46 46.32 -36.74
CA LYS B 682 8.20 47.59 -36.10
C LYS B 682 7.35 47.48 -34.85
N TYR B 683 6.56 46.42 -34.72
CA TYR B 683 5.66 46.26 -33.59
C TYR B 683 5.63 44.78 -33.22
N PHE B 684 5.28 44.49 -31.97
CA PHE B 684 5.04 43.11 -31.56
C PHE B 684 3.80 43.04 -30.69
N PHE B 685 3.11 41.91 -30.81
CA PHE B 685 1.79 41.71 -30.21
C PHE B 685 1.90 40.63 -29.15
N THR B 686 1.27 40.84 -28.00
CA THR B 686 1.21 39.81 -26.97
C THR B 686 -0.23 39.61 -26.53
N GLY B 687 -0.62 38.35 -26.36
CA GLY B 687 -1.95 37.99 -25.92
C GLY B 687 -1.93 37.01 -24.76
N SER B 688 -2.58 37.38 -23.66
CA SER B 688 -2.57 36.60 -22.44
C SER B 688 -3.97 36.05 -22.15
N ARG B 689 -4.04 35.18 -21.14
CA ARG B 689 -5.30 34.52 -20.82
C ARG B 689 -6.37 35.48 -20.33
N ASP B 690 -5.98 36.67 -19.88
CA ASP B 690 -6.96 37.67 -19.44
C ASP B 690 -7.60 38.41 -20.61
N LYS B 691 -7.51 37.83 -21.82
CA LYS B 691 -8.11 38.35 -23.05
C LYS B 691 -7.94 39.87 -23.19
N LYS B 692 -6.68 40.28 -23.16
CA LYS B 692 -6.29 41.68 -23.39
C LYS B 692 -5.09 41.67 -24.33
N VAL B 693 -5.35 41.65 -25.63
CA VAL B 693 -4.27 41.67 -26.61
C VAL B 693 -3.67 43.06 -26.67
N VAL B 694 -2.36 43.16 -26.51
CA VAL B 694 -1.69 44.45 -26.41
C VAL B 694 -0.53 44.51 -27.39
N VAL B 695 -0.41 45.65 -28.05
CA VAL B 695 0.64 45.94 -29.03
C VAL B 695 1.71 46.79 -28.36
N TRP B 696 2.97 46.55 -28.72
CA TRP B 696 4.09 47.35 -28.26
C TRP B 696 4.95 47.75 -29.46
N GLY B 697 5.41 49.00 -29.45
CA GLY B 697 6.09 49.59 -30.58
C GLY B 697 7.59 49.63 -30.42
N GLU B 698 8.29 49.70 -31.54
CA GLU B 698 9.74 49.76 -31.56
C GLU B 698 10.23 51.18 -31.80
N PRO B 709 16.27 52.87 -23.55
CA PRO B 709 15.09 52.99 -24.41
C PRO B 709 13.79 52.68 -23.68
N ILE B 710 12.67 52.97 -24.31
CA ILE B 710 11.35 52.75 -23.72
C ILE B 710 10.51 51.97 -24.73
N ARG B 711 9.68 51.06 -24.22
CA ARG B 711 8.83 50.20 -25.04
C ARG B 711 7.39 50.34 -24.55
N PRO B 712 6.73 51.45 -24.87
CA PRO B 712 5.36 51.66 -24.37
C PRO B 712 4.31 50.91 -25.19
N CYS B 713 3.05 51.13 -24.85
CA CYS B 713 1.95 50.52 -25.58
C CYS B 713 1.39 51.50 -26.60
N SER B 714 0.43 51.01 -27.40
CA SER B 714 -0.31 51.86 -28.33
C SER B 714 -1.81 51.86 -28.03
N SER B 715 -2.40 50.69 -27.85
CA SER B 715 -3.80 50.57 -27.46
C SER B 715 -4.03 49.18 -26.90
N ILE B 716 -5.15 49.02 -26.19
CA ILE B 716 -5.53 47.75 -25.61
C ILE B 716 -6.86 47.32 -26.19
N LEU B 717 -7.06 46.01 -26.28
CA LEU B 717 -8.27 45.45 -26.87
C LEU B 717 -8.77 44.30 -26.00
N ASP B 718 -10.08 44.25 -25.79
CA ASP B 718 -10.73 43.19 -25.04
C ASP B 718 -11.49 42.27 -25.99
N VAL B 719 -11.35 40.96 -25.76
CA VAL B 719 -11.98 39.96 -26.60
C VAL B 719 -12.97 39.19 -25.74
N GLY B 720 -14.04 38.69 -26.39
CA GLY B 720 -15.10 38.02 -25.68
C GLY B 720 -14.67 36.83 -24.86
N SER B 721 -13.59 36.16 -25.24
CA SER B 721 -13.08 35.01 -24.51
C SER B 721 -11.56 35.08 -24.50
N SER B 722 -10.94 34.24 -23.68
CA SER B 722 -9.50 34.25 -23.54
C SER B 722 -8.83 33.81 -24.84
N VAL B 723 -7.64 34.34 -25.09
CA VAL B 723 -6.88 34.04 -26.28
C VAL B 723 -5.91 32.90 -25.98
N THR B 724 -5.64 32.10 -27.00
CA THR B 724 -4.63 31.05 -26.90
C THR B 724 -3.64 31.04 -28.05
N ALA B 725 -3.95 31.69 -29.18
CA ALA B 725 -2.98 31.78 -30.27
C ALA B 725 -3.16 33.12 -30.98
N VAL B 726 -2.04 33.70 -31.42
CA VAL B 726 -2.05 34.94 -32.18
C VAL B 726 -1.09 34.80 -33.35
N SER B 727 -1.56 35.18 -34.55
CA SER B 727 -0.73 35.17 -35.74
C SER B 727 -1.03 36.41 -36.57
N VAL B 728 -0.05 36.82 -37.37
CA VAL B 728 -0.15 38.01 -38.20
C VAL B 728 0.13 37.62 -39.65
N CYS B 729 -0.72 38.06 -40.57
CA CYS B 729 -0.52 37.77 -41.98
C CYS B 729 0.78 38.39 -42.46
N PRO B 730 1.65 37.62 -43.12
CA PRO B 730 2.92 38.19 -43.60
C PRO B 730 2.73 39.29 -44.63
N VAL B 731 1.68 39.24 -45.43
CA VAL B 731 1.49 40.19 -46.51
C VAL B 731 1.02 41.51 -45.94
N LEU B 732 1.70 42.59 -46.31
CA LEU B 732 1.35 43.93 -45.87
C LEU B 732 0.26 44.53 -46.74
N ASN B 733 -0.24 45.70 -46.33
CA ASN B 733 -1.23 46.43 -47.08
C ASN B 733 -0.79 47.88 -47.27
N PRO B 734 -1.17 48.53 -48.38
CA PRO B 734 -0.69 49.89 -48.65
C PRO B 734 -1.11 50.92 -47.62
N ALA B 735 -2.24 50.73 -46.94
CA ALA B 735 -2.75 51.71 -46.00
C ALA B 735 -2.08 51.66 -44.64
N GLN B 736 -0.93 50.99 -44.53
CA GLN B 736 -0.16 50.91 -43.29
C GLN B 736 -1.01 50.31 -42.16
N ARG B 737 -1.52 49.11 -42.39
CA ARG B 737 -2.35 48.40 -41.44
C ARG B 737 -1.79 47.01 -41.20
N TYR B 738 -2.36 46.31 -40.21
CA TYR B 738 -1.92 44.98 -39.86
C TYR B 738 -3.13 44.07 -39.69
N ILE B 739 -2.91 42.77 -39.91
CA ILE B 739 -3.97 41.76 -39.84
C ILE B 739 -3.57 40.75 -38.78
N VAL B 740 -4.49 40.48 -37.85
CA VAL B 740 -4.27 39.50 -36.79
C VAL B 740 -5.39 38.48 -36.83
N ALA B 741 -5.01 37.21 -36.68
CA ALA B 741 -5.96 36.09 -36.63
C ALA B 741 -5.74 35.37 -35.31
N ILE B 742 -6.60 35.62 -34.35
CA ILE B 742 -6.44 35.09 -33.00
C ILE B 742 -7.38 33.90 -32.81
N GLY B 743 -6.90 32.91 -32.08
CA GLY B 743 -7.68 31.71 -31.77
C GLY B 743 -7.86 31.58 -30.27
N LEU B 744 -9.10 31.31 -29.87
CA LEU B 744 -9.55 31.38 -28.48
C LEU B 744 -9.72 29.99 -27.89
N GLU B 745 -10.19 29.95 -26.64
CA GLU B 745 -10.31 28.71 -25.89
C GLU B 745 -11.52 27.90 -26.32
N SER B 746 -12.63 28.55 -26.69
CA SER B 746 -13.87 27.87 -26.97
C SER B 746 -13.91 27.18 -28.33
N GLY B 747 -12.98 27.52 -29.23
CA GLY B 747 -12.98 26.94 -30.55
C GLY B 747 -13.47 27.90 -31.60
N LYS B 748 -13.05 29.17 -31.50
CA LYS B 748 -13.43 30.21 -32.44
C LYS B 748 -12.19 30.96 -32.88
N ILE B 749 -12.27 31.54 -34.08
CA ILE B 749 -11.19 32.34 -34.64
C ILE B 749 -11.74 33.73 -34.95
N CYS B 750 -10.99 34.75 -34.54
CA CYS B 750 -11.40 36.12 -34.77
C CYS B 750 -10.30 36.85 -35.53
N ILE B 751 -10.69 37.55 -36.59
CA ILE B 751 -9.75 38.27 -37.44
C ILE B 751 -9.99 39.76 -37.25
N TYR B 752 -8.92 40.48 -36.89
CA TYR B 752 -8.98 41.91 -36.63
C TYR B 752 -7.96 42.63 -37.51
N SER B 753 -8.24 43.90 -37.77
CA SER B 753 -7.32 44.78 -38.47
C SER B 753 -6.89 45.88 -37.52
N TRP B 754 -5.58 46.03 -37.35
CA TRP B 754 -5.02 47.03 -36.46
C TRP B 754 -4.46 48.19 -37.28
N ASN B 755 -4.83 49.40 -36.88
CA ASN B 755 -4.44 50.61 -37.59
C ASN B 755 -3.79 51.57 -36.62
N LYS B 756 -2.69 52.20 -37.04
CA LYS B 756 -1.98 53.13 -36.18
C LYS B 756 -2.85 54.34 -35.88
N THR B 757 -2.78 54.81 -34.63
CA THR B 757 -3.56 55.96 -34.19
C THR B 757 -3.15 57.23 -34.94
N TRP B 764 -12.98 53.74 -32.21
CA TRP B 764 -11.63 53.59 -32.75
C TRP B 764 -11.66 53.30 -34.24
N THR B 765 -10.63 52.61 -34.72
CA THR B 765 -10.53 52.29 -36.14
C THR B 765 -10.06 50.86 -36.39
N SER B 766 -10.40 49.91 -35.52
CA SER B 766 -9.96 48.53 -35.71
C SER B 766 -11.12 47.66 -36.16
N CYS B 767 -10.92 46.89 -37.22
CA CYS B 767 -11.93 45.95 -37.68
C CYS B 767 -12.13 44.86 -36.64
N VAL B 768 -13.39 44.51 -36.38
CA VAL B 768 -13.72 43.62 -35.28
C VAL B 768 -14.62 42.46 -35.70
N GLU B 769 -15.19 42.48 -36.90
CA GLU B 769 -16.20 41.50 -37.30
C GLU B 769 -15.67 40.64 -38.44
N THR B 770 -14.98 39.56 -38.09
CA THR B 770 -14.63 38.52 -39.06
C THR B 770 -14.38 37.23 -38.28
N ASN B 771 -15.38 36.34 -38.25
CA ASN B 771 -15.26 35.12 -37.50
C ASN B 771 -16.16 34.07 -38.12
N PRO B 772 -15.82 32.78 -38.02
CA PRO B 772 -16.65 31.74 -38.62
C PRO B 772 -17.67 31.16 -37.66
N SER B 773 -18.55 30.29 -38.18
CA SER B 773 -19.48 29.53 -37.37
C SER B 773 -19.28 28.05 -37.67
N GLN B 774 -19.50 27.22 -36.66
CA GLN B 774 -19.16 25.80 -36.72
C GLN B 774 -17.69 25.63 -37.07
N SER B 775 -16.83 26.25 -36.28
CA SER B 775 -15.40 26.32 -36.54
C SER B 775 -14.62 25.22 -35.83
N HIS B 776 -14.68 25.19 -34.50
CA HIS B 776 -13.92 24.22 -33.72
C HIS B 776 -14.68 23.93 -32.44
N SER B 777 -14.74 22.65 -32.07
CA SER B 777 -15.45 22.25 -30.86
C SER B 777 -14.68 22.59 -29.59
N LEU B 778 -13.36 22.39 -29.58
CA LEU B 778 -12.56 22.58 -28.39
C LEU B 778 -11.42 23.55 -28.66
N GLY B 779 -10.51 23.64 -27.69
CA GLY B 779 -9.48 24.67 -27.70
C GLY B 779 -8.53 24.65 -28.87
N ILE B 780 -8.06 25.83 -29.28
CA ILE B 780 -7.10 25.98 -30.36
C ILE B 780 -5.71 26.09 -29.75
N ARG B 781 -4.71 25.55 -30.46
CA ARG B 781 -3.34 25.56 -29.96
C ARG B 781 -2.45 26.53 -30.72
N ARG B 782 -2.51 26.54 -32.05
CA ARG B 782 -1.67 27.44 -32.84
C ARG B 782 -2.30 27.68 -34.21
N LEU B 783 -1.85 28.76 -34.85
CA LEU B 783 -2.35 29.15 -36.17
C LEU B 783 -1.13 29.43 -37.06
N CYS B 784 -1.06 28.72 -38.18
CA CYS B 784 0.10 28.78 -39.07
C CYS B 784 -0.30 29.40 -40.40
N TRP B 785 0.23 30.59 -40.69
CA TRP B 785 0.09 31.17 -42.01
C TRP B 785 1.01 30.46 -43.00
N LYS B 786 0.67 30.56 -44.28
CA LYS B 786 1.45 29.95 -45.35
C LYS B 786 2.28 31.03 -46.04
N SER B 787 3.59 30.80 -46.11
CA SER B 787 4.48 31.77 -46.74
C SER B 787 4.83 31.34 -48.16
N HIS B 811 -4.88 31.98 -46.43
CA HIS B 811 -4.59 30.57 -46.19
C HIS B 811 -3.84 30.35 -44.88
N PHE B 812 -4.46 29.60 -43.98
CA PHE B 812 -3.83 29.23 -42.72
C PHE B 812 -4.51 27.97 -42.20
N ALA B 813 -3.80 27.26 -41.33
CA ALA B 813 -4.27 25.99 -40.78
C ALA B 813 -4.55 26.14 -39.29
N SER B 814 -5.57 25.44 -38.81
CA SER B 814 -5.97 25.47 -37.42
C SER B 814 -5.94 24.06 -36.84
N CYS B 815 -5.49 23.95 -35.59
CA CYS B 815 -5.42 22.68 -34.90
C CYS B 815 -6.02 22.83 -33.51
N GLY B 816 -6.48 21.71 -32.95
CA GLY B 816 -7.12 21.74 -31.66
C GLY B 816 -6.99 20.46 -30.86
N GLU B 817 -7.52 20.48 -29.64
CA GLU B 817 -7.48 19.34 -28.74
C GLU B 817 -8.67 18.40 -28.92
N ASP B 818 -9.30 18.42 -30.08
CA ASP B 818 -10.48 17.60 -30.34
C ASP B 818 -10.36 16.81 -31.64
N HIS B 819 -9.14 16.37 -31.96
CA HIS B 819 -8.83 15.58 -33.16
C HIS B 819 -9.05 16.34 -34.45
N THR B 820 -9.28 17.65 -34.40
CA THR B 820 -9.65 18.43 -35.58
C THR B 820 -8.47 19.28 -36.04
N VAL B 821 -8.02 19.02 -37.27
CA VAL B 821 -7.07 19.88 -37.96
C VAL B 821 -7.68 20.27 -39.30
N LYS B 822 -7.71 21.57 -39.57
CA LYS B 822 -8.43 22.09 -40.73
C LYS B 822 -7.59 23.12 -41.46
N ILE B 823 -7.86 23.26 -42.76
CA ILE B 823 -7.19 24.24 -43.62
C ILE B 823 -8.23 25.25 -44.10
N TYR B 824 -7.97 26.53 -43.87
CA TYR B 824 -8.93 27.58 -44.18
C TYR B 824 -8.47 28.37 -45.40
N ARG B 825 -9.23 29.41 -45.74
CA ARG B 825 -8.90 30.28 -46.85
C ARG B 825 -9.57 31.63 -46.64
N VAL B 826 -8.83 32.71 -46.84
CA VAL B 826 -9.35 34.06 -46.78
C VAL B 826 -9.14 34.73 -48.13
N ASN B 827 -10.11 35.51 -48.57
CA ASN B 827 -10.09 36.12 -49.89
C ASN B 827 -10.51 37.59 -49.75
N ARG B 828 -9.54 38.50 -49.81
CA ARG B 828 -9.81 39.92 -49.67
C ARG B 828 -8.67 40.75 -50.25
N SER C 85 -11.40 -23.42 -12.22
CA SER C 85 -10.76 -23.92 -11.01
C SER C 85 -10.00 -22.81 -10.29
N GLY C 86 -8.68 -22.85 -10.40
CA GLY C 86 -7.84 -21.87 -9.73
C GLY C 86 -7.91 -20.51 -10.36
N ILE C 87 -7.26 -19.53 -9.74
CA ILE C 87 -7.27 -18.15 -10.19
C ILE C 87 -5.89 -17.83 -10.77
N ALA C 88 -5.89 -17.25 -11.97
CA ALA C 88 -4.66 -16.89 -12.66
C ALA C 88 -4.34 -15.42 -12.43
N VAL C 89 -3.09 -15.16 -12.08
CA VAL C 89 -2.68 -13.79 -11.76
C VAL C 89 -2.35 -13.03 -13.05
N VAL C 90 -2.75 -11.76 -13.08
CA VAL C 90 -2.48 -10.87 -14.20
C VAL C 90 -1.68 -9.68 -13.68
N ALA C 91 -0.57 -9.38 -14.36
CA ALA C 91 0.32 -8.31 -13.96
C ALA C 91 0.37 -7.22 -15.02
N VAL C 92 0.40 -5.96 -14.56
CA VAL C 92 0.46 -4.80 -15.43
C VAL C 92 1.61 -3.91 -14.97
N MET C 93 1.76 -2.78 -15.66
CA MET C 93 2.77 -1.79 -15.30
C MET C 93 2.30 -0.41 -15.76
N CYS C 94 2.88 0.62 -15.18
CA CYS C 94 2.52 2.01 -15.46
C CYS C 94 3.56 2.65 -16.36
N LYS C 95 3.34 3.94 -16.67
CA LYS C 95 4.28 4.72 -17.46
C LYS C 95 5.41 5.26 -16.59
N PRO C 96 6.59 5.49 -17.16
CA PRO C 96 7.69 6.02 -16.36
C PRO C 96 7.41 7.43 -15.87
N HIS C 97 8.00 7.75 -14.73
CA HIS C 97 7.79 9.03 -14.07
C HIS C 97 8.90 9.21 -13.04
N ARG C 98 8.80 10.25 -12.22
CA ARG C 98 9.78 10.55 -11.20
C ARG C 98 9.11 10.41 -9.83
N CYS C 99 9.84 9.84 -8.87
CA CYS C 99 9.33 9.70 -7.52
C CYS C 99 9.19 11.08 -6.90
N PRO C 100 8.23 11.29 -5.99
CA PRO C 100 7.83 12.65 -5.62
C PRO C 100 8.82 13.39 -4.72
N HIS C 101 9.76 12.72 -4.07
CA HIS C 101 10.63 13.43 -3.13
C HIS C 101 11.90 13.97 -3.79
N ILE C 102 12.05 13.82 -5.11
CA ILE C 102 13.23 14.34 -5.79
C ILE C 102 13.22 15.87 -5.80
N SER C 103 12.04 16.48 -5.71
CA SER C 103 11.94 17.92 -5.84
C SER C 103 12.50 18.63 -4.61
N PHE C 104 12.54 17.95 -3.46
CA PHE C 104 13.02 18.59 -2.24
C PHE C 104 14.48 18.29 -1.96
N THR C 105 14.85 17.02 -1.87
CA THR C 105 16.23 16.65 -1.57
C THR C 105 17.14 16.87 -2.77
N GLY C 106 16.89 16.15 -3.86
CA GLY C 106 17.72 16.28 -5.04
C GLY C 106 18.21 14.94 -5.57
N ASN C 107 17.78 13.85 -4.95
CA ASN C 107 18.12 12.51 -5.42
C ASN C 107 17.11 11.50 -4.92
N ILE C 108 16.93 10.40 -5.66
CA ILE C 108 16.01 9.34 -5.28
C ILE C 108 16.69 8.42 -4.27
N CYS C 109 15.92 7.49 -3.71
CA CYS C 109 16.45 6.54 -2.75
C CYS C 109 17.65 5.80 -3.32
N ILE C 110 18.65 5.59 -2.47
CA ILE C 110 20.00 5.21 -2.90
C ILE C 110 20.03 3.89 -3.65
N TYR C 111 19.37 2.88 -3.11
CA TYR C 111 19.53 1.52 -3.60
C TYR C 111 18.61 1.19 -4.77
N CYS C 112 17.78 2.14 -5.20
CA CYS C 112 16.78 1.86 -6.21
C CYS C 112 17.34 2.09 -7.60
N PRO C 113 17.39 1.07 -8.46
CA PRO C 113 17.91 1.25 -9.81
C PRO C 113 16.80 1.59 -10.81
N GLY C 114 17.22 1.82 -12.04
CA GLY C 114 16.29 2.05 -13.13
C GLY C 114 15.66 3.43 -13.09
N GLY C 115 14.76 3.70 -14.04
CA GLY C 115 14.02 4.94 -14.04
C GLY C 115 14.33 5.83 -15.24
N PRO C 116 13.82 7.05 -15.23
CA PRO C 116 14.11 7.98 -16.33
C PRO C 116 15.56 8.43 -16.36
N ASP C 117 16.29 8.29 -15.27
CA ASP C 117 17.65 8.79 -15.21
C ASP C 117 18.64 7.64 -15.08
N SER C 118 18.43 6.58 -15.84
CA SER C 118 19.32 5.42 -15.79
C SER C 118 19.51 4.87 -17.18
N ASP C 119 20.55 4.05 -17.34
CA ASP C 119 20.88 3.45 -18.62
C ASP C 119 19.79 2.54 -19.14
N PHE C 120 18.87 2.10 -18.28
CA PHE C 120 17.73 1.29 -18.72
C PHE C 120 16.64 2.22 -19.26
N GLU C 121 16.80 2.58 -20.53
CA GLU C 121 15.91 3.54 -21.15
C GLU C 121 14.49 3.01 -21.23
N TYR C 122 13.52 3.92 -21.08
CA TYR C 122 12.10 3.61 -21.16
C TYR C 122 11.74 2.45 -20.22
N SER C 123 12.26 2.55 -19.00
CA SER C 123 11.94 1.56 -17.96
C SER C 123 11.50 2.30 -16.72
N THR C 124 10.44 1.81 -16.09
CA THR C 124 9.91 2.45 -14.89
C THR C 124 10.89 2.30 -13.73
N GLN C 125 10.54 2.93 -12.61
CA GLN C 125 11.40 2.90 -11.44
C GLN C 125 11.44 1.49 -10.86
N SER C 126 12.53 1.21 -10.14
CA SER C 126 12.70 -0.04 -9.41
C SER C 126 12.61 -1.25 -10.32
N TYR C 127 13.02 -1.08 -11.59
CA TYR C 127 12.98 -2.17 -12.54
C TYR C 127 14.06 -1.97 -13.59
N THR C 128 14.67 -3.07 -14.02
CA THR C 128 15.66 -3.02 -15.09
C THR C 128 14.98 -2.99 -16.46
N GLY C 129 14.23 -4.03 -16.77
CA GLY C 129 13.56 -4.13 -18.05
C GLY C 129 13.62 -5.50 -18.67
N TYR C 130 14.25 -6.45 -17.99
CA TYR C 130 14.51 -7.77 -18.54
C TYR C 130 13.67 -8.87 -17.90
N GLU C 131 12.60 -8.52 -17.21
CA GLU C 131 11.70 -9.39 -16.47
C GLU C 131 10.43 -9.65 -17.27
N PRO C 132 9.77 -10.82 -17.08
CA PRO C 132 8.63 -11.18 -17.93
C PRO C 132 7.55 -10.10 -18.02
N THR C 133 7.01 -9.71 -16.87
CA THR C 133 6.04 -8.63 -16.84
C THR C 133 6.63 -7.37 -17.48
N SER C 134 7.93 -7.16 -17.28
CA SER C 134 8.54 -5.94 -17.78
C SER C 134 8.56 -5.88 -19.29
N MET C 135 9.04 -6.92 -19.98
CA MET C 135 9.11 -6.79 -21.43
C MET C 135 7.74 -6.95 -22.06
N ARG C 136 6.82 -7.68 -21.40
CA ARG C 136 5.45 -7.65 -21.90
C ARG C 136 4.89 -6.23 -21.87
N ALA C 137 5.12 -5.51 -20.77
CA ALA C 137 4.64 -4.14 -20.68
C ALA C 137 5.31 -3.26 -21.73
N ILE C 138 6.63 -3.40 -21.90
CA ILE C 138 7.34 -2.48 -22.79
C ILE C 138 7.01 -2.78 -24.24
N ARG C 139 6.65 -4.03 -24.57
CA ARG C 139 6.20 -4.33 -25.92
C ARG C 139 4.74 -3.96 -26.11
N ALA C 140 4.01 -3.75 -25.02
CA ALA C 140 2.65 -3.23 -25.10
C ALA C 140 2.61 -1.72 -25.22
N ARG C 141 3.74 -1.03 -25.03
CA ARG C 141 3.79 0.44 -25.01
C ARG C 141 2.97 1.02 -23.86
N TYR C 142 2.83 0.26 -22.77
CA TYR C 142 2.28 0.75 -21.52
C TYR C 142 0.83 1.23 -21.67
N ASP C 143 -0.04 0.30 -22.07
CA ASP C 143 -1.48 0.53 -22.07
C ASP C 143 -2.17 -0.67 -21.44
N PRO C 144 -3.06 -0.45 -20.46
CA PRO C 144 -3.67 -1.60 -19.76
C PRO C 144 -4.40 -2.57 -20.67
N PHE C 145 -5.13 -2.05 -21.66
CA PHE C 145 -6.00 -2.90 -22.47
C PHE C 145 -5.19 -3.96 -23.22
N LEU C 146 -4.17 -3.52 -23.95
CA LEU C 146 -3.43 -4.44 -24.80
C LEU C 146 -2.74 -5.53 -23.99
N GLN C 147 -2.04 -5.15 -22.93
CA GLN C 147 -1.28 -6.12 -22.16
C GLN C 147 -2.19 -7.05 -21.36
N THR C 148 -3.32 -6.54 -20.86
CA THR C 148 -4.29 -7.43 -20.24
C THR C 148 -4.80 -8.44 -21.25
N ARG C 149 -5.08 -7.99 -22.48
CA ARG C 149 -5.56 -8.91 -23.50
C ARG C 149 -4.52 -9.97 -23.83
N HIS C 150 -3.25 -9.57 -23.97
CA HIS C 150 -2.19 -10.56 -24.23
C HIS C 150 -2.12 -11.59 -23.12
N ARG C 151 -2.12 -11.13 -21.86
CA ARG C 151 -2.01 -12.06 -20.74
C ARG C 151 -3.19 -13.03 -20.71
N ILE C 152 -4.41 -12.51 -20.86
CA ILE C 152 -5.60 -13.35 -20.80
C ILE C 152 -5.59 -14.36 -21.93
N GLU C 153 -5.27 -13.90 -23.15
CA GLU C 153 -5.25 -14.80 -24.29
C GLU C 153 -4.21 -15.89 -24.12
N GLN C 154 -3.01 -15.54 -23.63
CA GLN C 154 -1.96 -16.53 -23.46
C GLN C 154 -2.35 -17.57 -22.42
N LEU C 155 -2.88 -17.12 -21.28
CA LEU C 155 -3.29 -18.07 -20.25
C LEU C 155 -4.42 -18.96 -20.73
N LYS C 156 -5.36 -18.40 -21.49
CA LYS C 156 -6.45 -19.21 -22.03
C LYS C 156 -5.91 -20.25 -23.01
N GLN C 157 -4.98 -19.85 -23.87
CA GLN C 157 -4.43 -20.78 -24.85
C GLN C 157 -3.58 -21.86 -24.18
N LEU C 158 -3.01 -21.56 -23.02
CA LEU C 158 -2.18 -22.54 -22.34
C LEU C 158 -2.99 -23.76 -21.91
N GLY C 159 -4.29 -23.58 -21.65
CA GLY C 159 -5.15 -24.70 -21.34
C GLY C 159 -5.83 -24.62 -20.00
N HIS C 160 -5.96 -23.41 -19.45
CA HIS C 160 -6.57 -23.20 -18.13
C HIS C 160 -7.96 -22.56 -18.22
N SER C 161 -8.06 -21.40 -18.87
CA SER C 161 -9.34 -20.71 -19.04
C SER C 161 -10.01 -20.44 -17.70
N VAL C 162 -9.28 -19.76 -16.81
CA VAL C 162 -9.74 -19.52 -15.45
C VAL C 162 -10.94 -18.61 -15.45
N ASP C 163 -11.66 -18.56 -14.32
CA ASP C 163 -12.83 -17.71 -14.17
C ASP C 163 -12.51 -16.40 -13.46
N LYS C 164 -11.71 -16.45 -12.41
CA LYS C 164 -11.32 -15.28 -11.64
C LYS C 164 -9.90 -14.87 -11.98
N VAL C 165 -9.62 -13.58 -11.80
CA VAL C 165 -8.30 -13.01 -12.00
C VAL C 165 -8.02 -12.02 -10.86
N GLU C 166 -6.75 -11.69 -10.68
CA GLU C 166 -6.35 -10.66 -9.71
C GLU C 166 -5.29 -9.78 -10.35
N PHE C 167 -5.61 -8.51 -10.53
CA PHE C 167 -4.65 -7.55 -11.09
C PHE C 167 -3.56 -7.22 -10.08
N ILE C 168 -2.38 -6.90 -10.59
CA ILE C 168 -1.30 -6.35 -9.77
C ILE C 168 -0.67 -5.18 -10.50
N VAL C 169 -0.61 -4.03 -9.84
CA VAL C 169 0.02 -2.82 -10.38
C VAL C 169 1.42 -2.74 -9.80
N MET C 170 2.41 -2.53 -10.66
CA MET C 170 3.81 -2.58 -10.25
C MET C 170 4.57 -1.36 -10.75
N GLY C 171 5.57 -0.96 -9.98
CA GLY C 171 6.52 0.04 -10.42
C GLY C 171 6.21 1.46 -10.02
N GLY C 172 6.96 2.00 -9.08
CA GLY C 172 6.93 3.41 -8.77
C GLY C 172 5.71 3.81 -7.95
N THR C 173 5.73 5.06 -7.48
CA THR C 173 4.67 5.63 -6.67
C THR C 173 3.47 5.91 -7.58
N PHE C 174 2.48 5.03 -7.50
CA PHE C 174 1.35 5.11 -8.42
C PHE C 174 0.53 6.38 -8.23
N MET C 175 0.42 6.89 -7.01
CA MET C 175 -0.33 8.13 -6.81
C MET C 175 0.56 9.35 -6.60
N ALA C 176 1.74 9.36 -7.21
CA ALA C 176 2.46 10.61 -7.36
C ALA C 176 2.10 11.32 -8.66
N LEU C 177 1.34 10.66 -9.53
CA LEU C 177 0.93 11.15 -10.84
C LEU C 177 -0.26 12.08 -10.72
N PRO C 178 -0.54 12.91 -11.72
CA PRO C 178 -1.80 13.63 -11.74
C PRO C 178 -2.98 12.67 -11.82
N GLU C 179 -4.10 13.07 -11.22
CA GLU C 179 -5.23 12.16 -11.07
C GLU C 179 -5.81 11.74 -12.41
N GLU C 180 -5.59 12.54 -13.45
CA GLU C 180 -6.17 12.22 -14.75
C GLU C 180 -5.63 10.91 -15.29
N TYR C 181 -4.31 10.71 -15.21
CA TYR C 181 -3.75 9.44 -15.67
C TYR C 181 -4.19 8.29 -14.80
N ARG C 182 -4.32 8.51 -13.48
CA ARG C 182 -4.81 7.47 -12.59
C ARG C 182 -6.19 7.00 -13.01
N ASP C 183 -7.09 7.95 -13.23
CA ASP C 183 -8.46 7.66 -13.65
C ASP C 183 -8.47 6.93 -14.97
N TYR C 184 -7.72 7.44 -15.95
CA TYR C 184 -7.68 6.80 -17.27
C TYR C 184 -7.18 5.37 -17.16
N PHE C 185 -6.09 5.16 -16.42
CA PHE C 185 -5.50 3.85 -16.28
C PHE C 185 -6.47 2.86 -15.64
N ILE C 186 -7.06 3.25 -14.50
CA ILE C 186 -7.92 2.31 -13.79
C ILE C 186 -9.19 2.02 -14.58
N ARG C 187 -9.79 3.05 -15.18
CA ARG C 187 -11.02 2.84 -15.93
C ARG C 187 -10.78 1.96 -17.15
N SER C 188 -9.66 2.16 -17.86
CA SER C 188 -9.39 1.30 -19.01
C SER C 188 -9.05 -0.11 -18.57
N LEU C 189 -8.36 -0.25 -17.43
CA LEU C 189 -8.04 -1.57 -16.91
C LEU C 189 -9.30 -2.35 -16.55
N HIS C 190 -10.29 -1.67 -15.96
CA HIS C 190 -11.57 -2.32 -15.67
C HIS C 190 -12.36 -2.60 -16.95
N ASP C 191 -12.35 -1.68 -17.91
CA ASP C 191 -13.10 -1.89 -19.13
C ASP C 191 -12.53 -3.02 -19.97
N ALA C 192 -11.23 -3.29 -19.83
CA ALA C 192 -10.61 -4.39 -20.57
C ALA C 192 -11.15 -5.75 -20.18
N LEU C 193 -12.05 -5.82 -19.21
CA LEU C 193 -12.57 -7.11 -18.75
C LEU C 193 -13.60 -7.66 -19.73
N SER C 194 -14.66 -6.89 -20.01
CA SER C 194 -15.75 -7.35 -20.86
C SER C 194 -15.91 -6.59 -22.16
N GLY C 195 -15.65 -5.29 -22.20
CA GLY C 195 -15.70 -4.56 -23.45
C GLY C 195 -16.44 -3.25 -23.40
N HIS C 196 -16.85 -2.82 -22.21
CA HIS C 196 -17.56 -1.55 -22.08
C HIS C 196 -16.65 -0.39 -22.45
N THR C 197 -17.28 0.73 -22.82
CA THR C 197 -16.55 1.91 -23.26
C THR C 197 -16.81 3.07 -22.29
N SER C 198 -16.66 2.79 -21.00
CA SER C 198 -16.99 3.76 -19.96
C SER C 198 -16.22 5.06 -20.14
N ASN C 199 -16.92 6.18 -19.96
CA ASN C 199 -16.31 7.50 -19.97
C ASN C 199 -15.71 7.88 -18.63
N ASN C 200 -16.03 7.15 -17.56
CA ASN C 200 -15.59 7.52 -16.23
C ASN C 200 -15.46 6.27 -15.38
N ILE C 201 -14.71 6.40 -14.28
CA ILE C 201 -14.38 5.25 -13.45
C ILE C 201 -15.63 4.69 -12.77
N HIS C 202 -16.56 5.58 -12.38
CA HIS C 202 -17.76 5.16 -11.67
C HIS C 202 -18.54 4.14 -12.48
N GLU C 203 -18.95 4.51 -13.69
CA GLU C 203 -19.66 3.58 -14.55
C GLU C 203 -18.77 2.39 -14.93
N ALA C 204 -17.46 2.59 -14.97
CA ALA C 204 -16.56 1.48 -15.29
C ALA C 204 -16.71 0.35 -14.28
N ILE C 205 -16.61 0.67 -12.99
CA ILE C 205 -16.76 -0.38 -11.98
C ILE C 205 -18.21 -0.85 -11.88
N LYS C 206 -19.16 0.08 -12.03
CA LYS C 206 -20.58 -0.30 -11.96
C LYS C 206 -20.96 -1.27 -13.05
N TYR C 207 -20.23 -1.26 -14.17
CA TYR C 207 -20.46 -2.22 -15.24
C TYR C 207 -19.61 -3.47 -15.07
N SER C 208 -18.40 -3.31 -14.54
CA SER C 208 -17.52 -4.45 -14.30
C SER C 208 -18.11 -5.42 -13.28
N GLU C 209 -18.87 -4.92 -12.31
CA GLU C 209 -19.44 -5.82 -11.30
C GLU C 209 -20.43 -6.80 -11.91
N ARG C 210 -20.95 -6.52 -13.11
CA ARG C 210 -21.92 -7.37 -13.77
C ARG C 210 -21.31 -8.30 -14.80
N SER C 211 -19.98 -8.38 -14.84
CA SER C 211 -19.29 -9.10 -15.90
C SER C 211 -19.26 -10.60 -15.60
N PHE C 212 -18.65 -11.34 -16.52
CA PHE C 212 -18.28 -12.73 -16.31
C PHE C 212 -16.81 -12.90 -15.90
N THR C 213 -15.97 -11.92 -16.17
CA THR C 213 -14.60 -11.92 -15.68
C THR C 213 -14.63 -11.50 -14.21
N LYS C 214 -14.60 -12.48 -13.32
CA LYS C 214 -14.79 -12.24 -11.89
C LYS C 214 -13.47 -11.80 -11.28
N CYS C 215 -13.11 -10.52 -11.45
CA CYS C 215 -11.92 -9.98 -10.82
C CYS C 215 -12.16 -9.82 -9.33
N VAL C 216 -11.22 -10.30 -8.52
CA VAL C 216 -11.41 -10.35 -7.08
C VAL C 216 -10.64 -9.26 -6.33
N GLY C 217 -9.65 -8.62 -6.94
CA GLY C 217 -8.92 -7.57 -6.25
C GLY C 217 -7.82 -6.98 -7.10
N ILE C 218 -7.38 -5.80 -6.71
CA ILE C 218 -6.27 -5.10 -7.34
C ILE C 218 -5.33 -4.62 -6.23
N THR C 219 -4.02 -4.74 -6.47
CA THR C 219 -3.02 -4.40 -5.47
C THR C 219 -2.25 -3.18 -5.93
N ILE C 220 -2.03 -2.25 -5.01
CA ILE C 220 -1.34 -0.99 -5.30
C ILE C 220 -0.20 -0.81 -4.30
N GLU C 221 0.94 -0.36 -4.81
CA GLU C 221 2.13 -0.09 -4.00
C GLU C 221 2.24 1.40 -3.75
N THR C 222 2.51 1.78 -2.50
CA THR C 222 2.56 3.19 -2.14
C THR C 222 3.54 3.39 -1.00
N ARG C 223 4.27 4.50 -1.06
CA ARG C 223 5.23 4.89 -0.04
C ARG C 223 4.54 5.66 1.09
N PRO C 224 5.10 5.62 2.31
CA PRO C 224 4.35 6.12 3.48
C PRO C 224 3.92 7.57 3.41
N ASP C 225 4.70 8.46 2.82
CA ASP C 225 4.28 9.86 2.79
C ASP C 225 3.21 10.13 1.74
N TYR C 226 2.78 9.10 1.00
CA TYR C 226 1.70 9.22 0.04
C TYR C 226 0.59 8.23 0.33
N CYS C 227 0.48 7.78 1.58
CA CYS C 227 -0.65 6.99 2.06
C CYS C 227 -1.33 7.79 3.16
N MET C 228 -2.25 8.65 2.77
CA MET C 228 -2.94 9.57 3.67
C MET C 228 -4.45 9.41 3.48
N LYS C 229 -5.21 10.35 4.02
CA LYS C 229 -6.67 10.27 3.93
C LYS C 229 -7.14 10.27 2.49
N ARG C 230 -6.70 11.24 1.69
CA ARG C 230 -7.13 11.35 0.30
C ARG C 230 -6.68 10.12 -0.49
N HIS C 231 -5.43 9.72 -0.31
CA HIS C 231 -4.91 8.57 -1.04
C HIS C 231 -5.63 7.29 -0.65
N LEU C 232 -5.98 7.13 0.62
CA LEU C 232 -6.71 5.96 1.05
C LEU C 232 -8.12 5.95 0.46
N SER C 233 -8.75 7.13 0.42
CA SER C 233 -10.07 7.22 -0.21
C SER C 233 -9.99 6.82 -1.69
N ASP C 234 -8.95 7.28 -2.38
CA ASP C 234 -8.79 6.95 -3.79
C ASP C 234 -8.55 5.45 -3.97
N MET C 235 -7.69 4.86 -3.13
CA MET C 235 -7.64 3.41 -3.03
C MET C 235 -9.01 2.77 -2.98
N LEU C 236 -9.85 3.19 -2.03
CA LEU C 236 -11.13 2.51 -1.83
C LEU C 236 -12.05 2.70 -3.03
N THR C 237 -11.97 3.87 -3.67
CA THR C 237 -12.84 4.12 -4.83
C THR C 237 -12.52 3.19 -5.99
N TYR C 238 -11.23 2.95 -6.27
CA TYR C 238 -10.87 2.05 -7.37
C TYR C 238 -11.19 0.60 -7.05
N GLY C 239 -11.55 0.28 -5.83
CA GLY C 239 -11.94 -1.08 -5.50
C GLY C 239 -10.80 -2.02 -5.18
N CYS C 240 -9.65 -1.50 -4.77
CA CYS C 240 -8.53 -2.34 -4.39
C CYS C 240 -8.74 -2.90 -2.99
N THR C 241 -8.20 -4.09 -2.76
CA THR C 241 -8.34 -4.79 -1.49
C THR C 241 -7.08 -4.75 -0.65
N ARG C 242 -5.92 -5.04 -1.22
CA ARG C 242 -4.65 -5.02 -0.50
C ARG C 242 -3.78 -3.89 -1.02
N LEU C 243 -2.88 -3.42 -0.16
CA LEU C 243 -1.87 -2.44 -0.55
C LEU C 243 -0.54 -2.83 0.04
N GLU C 244 0.54 -2.42 -0.63
CA GLU C 244 1.88 -2.75 -0.21
C GLU C 244 2.68 -1.48 0.05
N ILE C 245 3.47 -1.49 1.12
CA ILE C 245 4.27 -0.34 1.51
C ILE C 245 5.69 -0.81 1.77
N GLY C 246 6.65 0.06 1.47
CA GLY C 246 8.03 -0.25 1.72
C GLY C 246 8.64 0.57 2.85
N VAL C 247 8.92 -0.09 3.98
CA VAL C 247 9.61 0.54 5.10
C VAL C 247 11.08 0.18 5.13
N GLN C 248 11.40 -1.09 4.86
CA GLN C 248 12.75 -1.57 4.60
C GLN C 248 13.64 -1.57 5.83
N SER C 249 13.20 -0.93 6.92
CA SER C 249 14.01 -0.84 8.12
C SER C 249 13.20 -0.11 9.19
N VAL C 250 13.60 -0.30 10.44
CA VAL C 250 12.95 0.30 11.58
C VAL C 250 13.85 1.24 12.35
N TYR C 251 15.00 1.59 11.80
CA TYR C 251 15.95 2.49 12.46
C TYR C 251 15.89 3.84 11.76
N GLU C 252 15.78 4.90 12.56
CA GLU C 252 15.65 6.25 12.00
C GLU C 252 16.92 6.66 11.25
N ASP C 253 18.09 6.27 11.76
CA ASP C 253 19.33 6.65 11.11
C ASP C 253 19.44 6.07 9.71
N VAL C 254 18.90 4.86 9.49
CA VAL C 254 18.91 4.29 8.15
C VAL C 254 18.07 5.13 7.20
N ALA C 255 16.91 5.61 7.64
CA ALA C 255 16.11 6.49 6.81
C ALA C 255 16.84 7.80 6.52
N ARG C 256 17.50 8.36 7.53
CA ARG C 256 18.25 9.60 7.32
C ARG C 256 19.41 9.37 6.35
N ASP C 257 19.98 8.17 6.37
CA ASP C 257 21.13 7.87 5.53
C ASP C 257 20.72 7.62 4.09
N THR C 258 19.87 6.62 3.86
CA THR C 258 19.49 6.24 2.50
C THR C 258 18.60 7.27 1.81
N ASN C 259 18.29 8.38 2.48
CA ASN C 259 17.54 9.48 1.89
C ASN C 259 16.17 9.02 1.38
N ARG C 260 15.35 8.58 2.33
CA ARG C 260 13.96 8.24 2.04
C ARG C 260 13.04 9.45 2.14
N GLY C 261 13.48 10.52 2.79
CA GLY C 261 12.69 11.74 2.84
C GLY C 261 11.51 11.70 3.80
N HIS C 262 11.41 10.67 4.62
CA HIS C 262 10.34 10.60 5.59
C HIS C 262 10.82 9.90 6.84
N THR C 263 10.41 10.42 8.00
CA THR C 263 10.80 9.83 9.28
C THR C 263 10.09 8.50 9.49
N VAL C 264 10.57 7.71 10.45
CA VAL C 264 9.99 6.39 10.69
C VAL C 264 8.59 6.47 11.29
N LYS C 265 8.24 7.57 11.96
CA LYS C 265 6.89 7.70 12.49
C LYS C 265 5.84 7.66 11.39
N ALA C 266 6.22 8.05 10.17
CA ALA C 266 5.30 7.99 9.04
C ALA C 266 4.86 6.55 8.80
N ALA C 267 5.77 5.59 8.97
CA ALA C 267 5.38 4.19 8.84
C ALA C 267 4.33 3.81 9.87
N CYS C 268 4.50 4.27 11.11
CA CYS C 268 3.51 4.00 12.15
C CYS C 268 2.15 4.57 11.80
N GLU C 269 2.12 5.84 11.38
CA GLU C 269 0.85 6.47 11.05
C GLU C 269 0.19 5.80 9.84
N SER C 270 0.98 5.44 8.83
CA SER C 270 0.43 4.79 7.65
C SER C 270 -0.15 3.42 8.00
N PHE C 271 0.57 2.64 8.80
CA PHE C 271 0.03 1.37 9.25
C PHE C 271 -1.26 1.56 10.03
N HIS C 272 -1.29 2.55 10.92
CA HIS C 272 -2.49 2.81 11.72
C HIS C 272 -3.69 3.10 10.82
N LEU C 273 -3.53 4.07 9.92
CA LEU C 273 -4.65 4.49 9.07
C LEU C 273 -5.09 3.36 8.14
N ALA C 274 -4.13 2.66 7.53
CA ALA C 274 -4.49 1.59 6.61
C ALA C 274 -5.16 0.44 7.31
N LYS C 275 -4.70 0.07 8.51
CA LYS C 275 -5.25 -1.10 9.18
C LYS C 275 -6.61 -0.79 9.79
N ASP C 276 -6.82 0.44 10.27
CA ASP C 276 -8.12 0.82 10.82
C ASP C 276 -9.07 1.37 9.75
N SER C 277 -8.92 0.95 8.50
CA SER C 277 -9.87 1.28 7.46
C SER C 277 -10.24 0.08 6.58
N GLY C 278 -9.83 -1.12 6.97
CA GLY C 278 -10.29 -2.32 6.28
C GLY C 278 -9.29 -2.93 5.32
N PHE C 279 -8.18 -2.24 5.06
CA PHE C 279 -7.18 -2.73 4.12
C PHE C 279 -6.32 -3.81 4.76
N LYS C 280 -5.67 -4.59 3.91
CA LYS C 280 -4.75 -5.64 4.33
C LYS C 280 -3.35 -5.24 3.89
N VAL C 281 -2.51 -4.87 4.84
CA VAL C 281 -1.20 -4.31 4.54
C VAL C 281 -0.18 -5.44 4.42
N VAL C 282 0.60 -5.41 3.35
CA VAL C 282 1.76 -6.28 3.19
C VAL C 282 2.98 -5.41 3.01
N THR C 283 4.02 -5.63 3.82
CA THR C 283 5.12 -4.71 3.92
C THR C 283 6.37 -5.27 3.26
N HIS C 284 7.32 -4.38 2.98
CA HIS C 284 8.60 -4.73 2.37
C HIS C 284 9.72 -4.54 3.38
N MET C 285 10.57 -5.54 3.52
CA MET C 285 11.74 -5.46 4.39
C MET C 285 12.94 -6.05 3.66
N MET C 286 14.09 -5.41 3.77
CA MET C 286 15.30 -5.91 3.14
C MET C 286 16.37 -6.23 4.18
N PRO C 287 17.01 -7.39 4.11
CA PRO C 287 18.21 -7.61 4.91
C PRO C 287 19.39 -6.86 4.32
N ASP C 288 20.40 -6.63 5.16
CA ASP C 288 21.71 -6.15 4.72
C ASP C 288 21.62 -4.78 4.02
N LEU C 289 21.10 -3.82 4.76
CA LEU C 289 21.15 -2.42 4.35
C LEU C 289 22.54 -1.88 4.67
N PRO C 290 22.93 -0.77 4.05
CA PRO C 290 24.22 -0.15 4.42
C PRO C 290 24.25 0.23 5.88
N ASN C 291 25.42 0.07 6.48
CA ASN C 291 25.67 0.45 7.87
C ASN C 291 24.82 -0.36 8.83
N VAL C 292 24.40 -1.55 8.42
CA VAL C 292 23.64 -2.47 9.27
C VAL C 292 24.40 -3.77 9.40
N GLY C 293 24.68 -4.17 10.63
CA GLY C 293 25.45 -5.38 10.87
C GLY C 293 24.66 -6.65 10.64
N LEU C 294 25.10 -7.75 11.25
CA LEU C 294 24.42 -9.03 11.12
C LEU C 294 23.47 -9.31 12.28
N GLU C 295 23.96 -9.16 13.52
CA GLU C 295 23.09 -9.36 14.68
C GLU C 295 22.01 -8.28 14.74
N ARG C 296 22.33 -7.07 14.26
CA ARG C 296 21.32 -6.03 14.19
C ARG C 296 20.13 -6.45 13.34
N ASP C 297 20.36 -7.29 12.32
CA ASP C 297 19.27 -7.77 11.47
C ASP C 297 18.29 -8.63 12.26
N ILE C 298 18.81 -9.61 13.01
CA ILE C 298 17.94 -10.46 13.81
C ILE C 298 17.24 -9.64 14.88
N GLU C 299 17.95 -8.68 15.49
CA GLU C 299 17.31 -7.84 16.49
C GLU C 299 16.17 -7.02 15.90
N GLN C 300 16.39 -6.43 14.72
CA GLN C 300 15.34 -5.62 14.10
C GLN C 300 14.17 -6.49 13.66
N PHE C 301 14.42 -7.72 13.23
CA PHE C 301 13.30 -8.56 12.83
C PHE C 301 12.52 -9.06 14.04
N ILE C 302 13.20 -9.32 15.16
CA ILE C 302 12.50 -9.66 16.38
C ILE C 302 11.63 -8.50 16.84
N GLU C 303 12.16 -7.28 16.79
CA GLU C 303 11.36 -6.10 17.09
C GLU C 303 10.17 -5.99 16.15
N PHE C 304 10.38 -6.29 14.86
CA PHE C 304 9.33 -6.24 13.86
C PHE C 304 8.21 -7.23 14.14
N PHE C 305 8.53 -8.45 14.54
CA PHE C 305 7.53 -9.49 14.73
C PHE C 305 7.05 -9.59 16.17
N GLU C 306 7.52 -8.73 17.08
CA GLU C 306 7.00 -8.75 18.44
C GLU C 306 6.31 -7.45 18.83
N ASN C 307 6.82 -6.30 18.39
CA ASN C 307 6.22 -5.01 18.69
C ASN C 307 4.83 -4.94 18.08
N PRO C 308 3.81 -4.57 18.86
CA PRO C 308 2.46 -4.41 18.30
C PRO C 308 2.39 -3.37 17.20
N ALA C 309 3.23 -2.34 17.28
CA ALA C 309 3.18 -1.25 16.30
C ALA C 309 3.55 -1.74 14.90
N PHE C 310 4.58 -2.59 14.79
CA PHE C 310 5.09 -2.99 13.48
C PHE C 310 4.71 -4.39 13.06
N ARG C 311 3.52 -4.87 13.39
CA ARG C 311 3.11 -6.20 12.95
C ARG C 311 2.38 -6.08 11.61
N PRO C 312 2.91 -6.66 10.54
CA PRO C 312 2.20 -6.64 9.26
C PRO C 312 1.36 -7.88 9.05
N ASP C 313 0.59 -7.90 7.97
CA ASP C 313 -0.18 -9.08 7.60
C ASP C 313 0.51 -9.91 6.53
N GLY C 314 1.54 -9.36 5.88
CA GLY C 314 2.29 -10.07 4.85
C GLY C 314 3.71 -9.57 4.77
N LEU C 315 4.67 -10.48 4.67
CA LEU C 315 6.08 -10.15 4.67
C LEU C 315 6.61 -10.18 3.24
N LYS C 316 7.45 -9.20 2.91
CA LYS C 316 8.05 -9.08 1.59
C LYS C 316 9.56 -9.05 1.79
N LEU C 317 10.20 -10.22 1.75
CA LEU C 317 11.64 -10.33 1.94
C LEU C 317 12.35 -10.01 0.63
N TYR C 318 13.31 -9.10 0.68
CA TYR C 318 14.05 -8.67 -0.51
C TYR C 318 15.51 -8.47 -0.14
N PRO C 319 16.38 -9.44 -0.42
CA PRO C 319 17.81 -9.24 -0.17
C PRO C 319 18.34 -8.07 -0.97
N THR C 320 19.25 -7.32 -0.36
CA THR C 320 19.81 -6.11 -0.95
C THR C 320 20.74 -6.51 -2.08
N LEU C 321 20.61 -5.82 -3.22
CA LEU C 321 21.46 -6.05 -4.38
C LEU C 321 22.12 -4.75 -4.82
N VAL C 322 23.31 -4.88 -5.39
CA VAL C 322 24.07 -3.74 -5.87
C VAL C 322 23.97 -3.74 -7.39
N ILE C 323 23.48 -2.63 -7.94
CA ILE C 323 23.27 -2.50 -9.38
C ILE C 323 23.74 -1.12 -9.82
N ARG C 324 24.37 -1.06 -10.98
CA ARG C 324 25.00 0.16 -11.46
C ARG C 324 23.99 1.30 -11.56
N GLY C 325 24.53 2.51 -11.63
CA GLY C 325 23.71 3.70 -11.77
C GLY C 325 23.07 4.20 -10.49
N THR C 326 23.52 3.71 -9.34
CA THR C 326 22.93 4.06 -8.06
C THR C 326 24.04 4.42 -7.08
N GLY C 327 23.65 5.12 -6.00
CA GLY C 327 24.61 5.46 -4.97
C GLY C 327 25.23 4.25 -4.31
N LEU C 328 24.50 3.14 -4.26
CA LEU C 328 25.03 1.91 -3.69
C LEU C 328 26.23 1.42 -4.50
N TYR C 329 26.13 1.50 -5.83
CA TYR C 329 27.26 1.11 -6.66
C TYR C 329 28.46 2.03 -6.42
N GLU C 330 28.20 3.33 -6.23
CA GLU C 330 29.29 4.26 -5.94
C GLU C 330 29.98 3.89 -4.63
N LEU C 331 29.20 3.54 -3.60
CA LEU C 331 29.78 3.13 -2.34
C LEU C 331 30.56 1.82 -2.50
N TRP C 332 29.99 0.87 -3.22
CA TRP C 332 30.63 -0.44 -3.37
C TRP C 332 31.91 -0.37 -4.18
N LYS C 333 32.01 0.56 -5.12
CA LYS C 333 33.24 0.69 -5.89
C LYS C 333 34.40 1.15 -5.02
N SER C 334 34.15 2.07 -4.09
CA SER C 334 35.19 2.56 -3.20
C SER C 334 35.54 1.58 -2.09
N GLY C 335 34.99 0.37 -2.13
CA GLY C 335 35.34 -0.66 -1.18
C GLY C 335 34.70 -0.48 0.18
N ARG C 336 33.77 0.47 0.28
CA ARG C 336 33.11 0.73 1.56
C ARG C 336 32.13 -0.38 1.91
N TYR C 337 31.12 -0.57 1.07
CA TYR C 337 30.10 -1.57 1.33
C TYR C 337 30.63 -2.98 1.09
N ARG C 338 29.94 -3.96 1.66
CA ARG C 338 30.28 -5.36 1.46
C ARG C 338 29.01 -6.19 1.61
N SER C 339 29.03 -7.39 1.05
CA SER C 339 27.87 -8.27 1.04
C SER C 339 28.12 -9.51 1.88
N TYR C 340 27.03 -10.09 2.38
CA TYR C 340 27.11 -11.26 3.22
C TYR C 340 27.60 -12.47 2.41
N SER C 341 28.20 -13.42 3.12
CA SER C 341 28.58 -14.68 2.52
C SER C 341 27.34 -15.52 2.24
N PRO C 342 27.42 -16.43 1.26
CA PRO C 342 26.27 -17.28 0.95
C PRO C 342 25.73 -18.04 2.15
N SER C 343 26.62 -18.69 2.91
CA SER C 343 26.19 -19.45 4.08
C SER C 343 25.55 -18.54 5.12
N ASP C 344 26.11 -17.36 5.34
CA ASP C 344 25.51 -16.41 6.28
C ASP C 344 24.11 -16.02 5.84
N LEU C 345 23.94 -15.78 4.54
CA LEU C 345 22.60 -15.43 4.04
C LEU C 345 21.63 -16.58 4.22
N ILE C 346 22.07 -17.81 3.96
CA ILE C 346 21.18 -18.96 4.14
C ILE C 346 20.75 -19.09 5.59
N GLU C 347 21.72 -18.96 6.51
CA GLU C 347 21.41 -19.06 7.93
C GLU C 347 20.47 -17.94 8.37
N LEU C 348 20.72 -16.72 7.92
CA LEU C 348 19.86 -15.59 8.30
C LEU C 348 18.45 -15.78 7.79
N VAL C 349 18.29 -16.22 6.55
CA VAL C 349 16.96 -16.46 6.00
C VAL C 349 16.26 -17.57 6.78
N ALA C 350 16.99 -18.62 7.14
CA ALA C 350 16.40 -19.70 7.93
C ALA C 350 15.92 -19.19 9.28
N ARG C 351 16.74 -18.39 9.95
CA ARG C 351 16.36 -17.85 11.25
C ARG C 351 15.13 -16.95 11.13
N ILE C 352 15.13 -16.07 10.13
CA ILE C 352 14.02 -15.14 9.97
C ILE C 352 12.73 -15.88 9.65
N LEU C 353 12.77 -16.82 8.71
CA LEU C 353 11.57 -17.56 8.33
C LEU C 353 11.17 -18.59 9.38
N ALA C 354 12.03 -18.85 10.37
CA ALA C 354 11.68 -19.73 11.48
C ALA C 354 10.86 -19.05 12.57
N LEU C 355 10.96 -17.73 12.69
CA LEU C 355 10.28 -16.98 13.74
C LEU C 355 9.06 -16.23 13.23
N VAL C 356 8.61 -16.53 12.01
CA VAL C 356 7.43 -15.90 11.44
C VAL C 356 6.18 -16.47 12.11
N PRO C 357 5.26 -15.63 12.57
CA PRO C 357 4.05 -16.12 13.22
C PRO C 357 3.18 -16.89 12.24
N PRO C 358 2.38 -17.84 12.75
CA PRO C 358 1.52 -18.63 11.85
C PRO C 358 0.48 -17.81 11.08
N TRP C 359 0.13 -16.61 11.55
CA TRP C 359 -0.86 -15.78 10.87
C TRP C 359 -0.24 -14.82 9.88
N THR C 360 1.06 -14.90 9.65
CA THR C 360 1.76 -14.01 8.73
C THR C 360 2.26 -14.81 7.54
N ARG C 361 1.96 -14.30 6.34
CA ARG C 361 2.36 -14.94 5.09
C ARG C 361 3.60 -14.25 4.53
N VAL C 362 4.41 -15.01 3.80
CA VAL C 362 5.63 -14.52 3.19
C VAL C 362 5.41 -14.50 1.68
N TYR C 363 5.16 -13.31 1.14
CA TYR C 363 4.87 -13.19 -0.29
C TYR C 363 6.12 -13.44 -1.12
N ARG C 364 7.13 -12.58 -0.96
CA ARG C 364 8.37 -12.70 -1.71
C ARG C 364 9.55 -12.88 -0.77
N VAL C 365 10.46 -13.77 -1.15
CA VAL C 365 11.67 -14.03 -0.38
C VAL C 365 12.91 -13.50 -1.06
N GLN C 366 12.92 -13.40 -2.39
CA GLN C 366 14.11 -12.94 -3.11
C GLN C 366 13.67 -11.98 -4.21
N ARG C 367 14.62 -11.16 -4.65
CA ARG C 367 14.36 -10.23 -5.74
C ARG C 367 14.35 -10.96 -7.07
N ASP C 368 13.63 -10.40 -8.04
CA ASP C 368 13.37 -11.06 -9.31
C ASP C 368 14.39 -10.71 -10.40
N ILE C 369 15.42 -9.95 -10.07
CA ILE C 369 16.40 -9.50 -11.05
C ILE C 369 17.18 -10.68 -11.58
N PRO C 370 17.46 -10.74 -12.89
CA PRO C 370 18.24 -11.87 -13.44
C PRO C 370 19.69 -11.89 -12.97
N MET C 371 20.46 -12.84 -13.53
CA MET C 371 21.83 -13.06 -13.06
C MET C 371 22.76 -11.87 -13.32
N PRO C 372 23.03 -11.48 -14.56
CA PRO C 372 24.17 -10.58 -14.80
C PRO C 372 23.91 -9.12 -14.43
N LEU C 373 22.67 -8.75 -14.13
CA LEU C 373 22.37 -7.34 -13.88
C LEU C 373 22.96 -6.89 -12.54
N VAL C 374 23.00 -7.77 -11.55
CA VAL C 374 23.52 -7.45 -10.23
C VAL C 374 24.99 -7.85 -10.18
N SER C 375 25.82 -6.97 -9.61
CA SER C 375 27.25 -7.26 -9.51
C SER C 375 27.54 -8.22 -8.37
N SER C 376 27.18 -7.83 -7.14
CA SER C 376 27.41 -8.64 -5.96
C SER C 376 26.10 -8.93 -5.25
N GLY C 377 25.97 -10.16 -4.76
CA GLY C 377 24.78 -10.62 -4.09
C GLY C 377 24.53 -12.08 -4.35
N VAL C 378 23.30 -12.50 -4.06
CA VAL C 378 22.92 -13.89 -4.31
C VAL C 378 22.79 -14.09 -5.81
N GLU C 379 23.58 -15.02 -6.36
CA GLU C 379 23.64 -15.25 -7.79
C GLU C 379 22.80 -16.46 -8.22
N HIS C 380 21.98 -16.99 -7.33
CA HIS C 380 21.14 -18.13 -7.65
C HIS C 380 19.76 -17.92 -7.02
N GLY C 381 18.72 -18.05 -7.83
CA GLY C 381 17.39 -17.65 -7.43
C GLY C 381 16.54 -18.75 -6.82
N ASN C 382 17.17 -19.87 -6.44
CA ASN C 382 16.47 -20.96 -5.76
C ASN C 382 16.66 -20.91 -4.25
N LEU C 383 16.69 -19.70 -3.68
CA LEU C 383 16.91 -19.51 -2.25
C LEU C 383 15.86 -20.23 -1.39
N ARG C 384 14.67 -20.47 -1.93
CA ARG C 384 13.62 -21.12 -1.15
C ARG C 384 14.05 -22.49 -0.66
N GLU C 385 14.56 -23.33 -1.56
CA GLU C 385 14.90 -24.69 -1.18
C GLU C 385 16.12 -24.73 -0.27
N LEU C 386 17.09 -23.85 -0.51
CA LEU C 386 18.26 -23.78 0.36
C LEU C 386 17.85 -23.37 1.77
N ALA C 387 16.96 -22.38 1.90
CA ALA C 387 16.49 -21.97 3.21
C ALA C 387 15.72 -23.10 3.89
N PHE C 388 14.88 -23.81 3.14
CA PHE C 388 14.13 -24.91 3.73
C PHE C 388 15.05 -26.03 4.19
N ALA C 389 16.07 -26.34 3.40
CA ALA C 389 17.04 -27.36 3.80
C ALA C 389 17.82 -26.94 5.04
N ARG C 390 18.22 -25.67 5.11
CA ARG C 390 18.92 -25.19 6.29
C ARG C 390 18.03 -25.27 7.53
N MET C 391 16.75 -24.92 7.40
CA MET C 391 15.84 -25.05 8.52
C MET C 391 15.65 -26.50 8.93
N LYS C 392 15.56 -27.42 7.97
CA LYS C 392 15.43 -28.83 8.30
C LYS C 392 16.67 -29.34 9.02
N ASP C 393 17.85 -28.91 8.59
CA ASP C 393 19.08 -29.30 9.28
C ASP C 393 19.18 -28.66 10.66
N LEU C 394 18.55 -27.50 10.85
CA LEU C 394 18.68 -26.77 12.11
C LEU C 394 17.94 -27.49 13.24
N GLY C 395 16.63 -27.63 13.12
CA GLY C 395 15.83 -28.24 14.16
C GLY C 395 14.51 -27.55 14.39
N ILE C 396 14.29 -26.46 13.66
CA ILE C 396 13.06 -25.68 13.74
C ILE C 396 12.27 -25.90 12.45
N GLN C 397 10.95 -26.00 12.59
CA GLN C 397 10.06 -26.19 11.45
C GLN C 397 9.16 -24.99 11.26
N CYS C 398 9.04 -24.56 10.00
CA CYS C 398 8.32 -23.34 9.67
C CYS C 398 6.83 -23.49 9.95
N ARG C 399 6.20 -22.36 10.28
CA ARG C 399 4.75 -22.31 10.43
C ARG C 399 4.14 -21.23 9.55
N ASP C 400 4.81 -20.87 8.45
CA ASP C 400 4.29 -19.87 7.53
C ASP C 400 3.03 -20.39 6.83
N VAL C 401 2.16 -19.45 6.44
CA VAL C 401 0.95 -19.79 5.73
C VAL C 401 1.22 -20.44 4.38
N ARG C 402 2.33 -20.10 3.72
CA ARG C 402 2.62 -20.67 2.41
C ARG C 402 2.86 -22.17 2.50
N THR C 403 3.57 -22.62 3.52
CA THR C 403 3.85 -24.06 3.67
C THR C 403 2.76 -24.80 4.44
N ARG C 404 1.82 -24.11 5.07
CA ARG C 404 0.73 -24.74 5.80
C ARG C 404 -0.56 -24.76 5.01
N GLU C 405 -0.49 -24.94 3.69
CA GLU C 405 -1.66 -25.00 2.84
C GLU C 405 -1.77 -26.36 2.17
N VAL C 406 -2.97 -26.69 1.72
CA VAL C 406 -3.24 -27.96 1.06
C VAL C 406 -2.45 -28.09 -0.23
N TYR C 418 -7.98 -36.50 11.46
CA TYR C 418 -8.41 -36.44 10.07
C TYR C 418 -9.49 -35.38 9.89
N GLN C 419 -9.94 -34.80 11.00
CA GLN C 419 -10.93 -33.74 11.00
C GLN C 419 -10.33 -32.45 11.55
N VAL C 420 -10.70 -31.34 10.91
CA VAL C 420 -10.18 -30.03 11.28
C VAL C 420 -11.01 -29.47 12.45
N GLU C 421 -10.43 -28.49 13.13
CA GLU C 421 -11.07 -27.88 14.29
C GLU C 421 -10.81 -26.38 14.25
N LEU C 422 -11.73 -25.62 14.84
CA LEU C 422 -11.65 -24.17 14.82
C LEU C 422 -10.65 -23.67 15.85
N VAL C 423 -9.65 -22.91 15.38
CA VAL C 423 -8.64 -22.32 16.23
C VAL C 423 -8.75 -20.81 16.11
N ARG C 424 -8.69 -20.12 17.25
CA ARG C 424 -8.79 -18.67 17.30
C ARG C 424 -7.55 -18.09 17.97
N ARG C 425 -7.04 -17.01 17.39
CA ARG C 425 -5.89 -16.32 17.94
C ARG C 425 -6.19 -14.83 18.07
N ASP C 426 -5.58 -14.19 19.07
CA ASP C 426 -5.78 -12.78 19.33
C ASP C 426 -4.43 -12.12 19.61
N TYR C 427 -4.39 -10.81 19.34
CA TYR C 427 -3.22 -9.98 19.61
C TYR C 427 -3.62 -8.53 19.33
N VAL C 428 -2.81 -7.61 19.85
CA VAL C 428 -2.99 -6.19 19.58
C VAL C 428 -1.97 -5.75 18.55
N ALA C 429 -2.44 -5.15 17.46
CA ALA C 429 -1.58 -4.64 16.43
C ALA C 429 -2.06 -3.26 16.01
N ASN C 430 -1.13 -2.31 15.94
CA ASN C 430 -1.38 -0.96 15.45
C ASN C 430 -2.42 -0.22 16.28
N GLY C 431 -2.66 -0.66 17.51
CA GLY C 431 -3.57 0.01 18.41
C GLY C 431 -5.02 -0.39 18.29
N GLY C 432 -5.32 -1.66 18.06
CA GLY C 432 -6.70 -2.11 17.96
C GLY C 432 -6.77 -3.62 18.02
N TRP C 433 -7.66 -4.12 18.87
CA TRP C 433 -7.78 -5.56 19.12
C TRP C 433 -8.26 -6.25 17.85
N GLU C 434 -7.60 -7.36 17.51
CA GLU C 434 -7.93 -8.11 16.31
C GLU C 434 -8.30 -9.54 16.68
N THR C 435 -8.63 -10.35 15.68
CA THR C 435 -8.83 -11.78 15.88
C THR C 435 -8.62 -12.49 14.56
N PHE C 436 -8.14 -13.73 14.66
CA PHE C 436 -7.78 -14.52 13.49
C PHE C 436 -8.32 -15.93 13.70
N LEU C 437 -9.29 -16.33 12.88
CA LEU C 437 -9.94 -17.62 13.00
C LEU C 437 -9.47 -18.52 11.86
N SER C 438 -9.32 -19.81 12.14
CA SER C 438 -8.90 -20.75 11.12
C SER C 438 -9.44 -22.13 11.43
N TYR C 439 -9.39 -22.99 10.42
CA TYR C 439 -9.76 -24.39 10.56
C TYR C 439 -8.48 -25.21 10.41
N GLU C 440 -7.86 -25.55 11.53
CA GLU C 440 -6.56 -26.21 11.52
C GLU C 440 -6.72 -27.71 11.69
N ASP C 441 -5.76 -28.45 11.15
CA ASP C 441 -5.67 -29.90 11.30
C ASP C 441 -4.38 -30.20 12.04
N PRO C 442 -4.40 -30.13 13.38
CA PRO C 442 -3.15 -30.29 14.14
C PRO C 442 -2.54 -31.68 14.02
N ASP C 443 -3.23 -32.60 13.34
CA ASP C 443 -2.64 -33.90 13.04
C ASP C 443 -1.44 -33.75 12.11
N GLN C 444 -1.66 -33.22 10.92
CA GLN C 444 -0.59 -32.96 9.96
C GLN C 444 -0.29 -31.48 9.79
N ASP C 445 -0.88 -30.63 10.63
CA ASP C 445 -0.55 -29.21 10.71
C ASP C 445 -0.76 -28.50 9.36
N ILE C 446 -2.02 -28.45 8.95
CA ILE C 446 -2.44 -27.74 7.74
C ILE C 446 -3.74 -27.00 8.05
N LEU C 447 -4.28 -26.32 7.04
CA LEU C 447 -5.51 -25.56 7.20
C LEU C 447 -6.25 -25.54 5.87
N ILE C 448 -7.55 -25.26 5.93
CA ILE C 448 -8.40 -25.27 4.74
C ILE C 448 -9.25 -24.00 4.65
N GLY C 449 -9.36 -23.27 5.76
CA GLY C 449 -10.15 -22.06 5.77
C GLY C 449 -9.67 -21.12 6.84
N LEU C 450 -9.82 -19.82 6.59
CA LEU C 450 -9.29 -18.81 7.49
C LEU C 450 -10.10 -17.52 7.34
N LEU C 451 -9.94 -16.63 8.32
CA LEU C 451 -10.65 -15.36 8.33
C LEU C 451 -9.96 -14.42 9.31
N ARG C 452 -9.99 -13.13 8.99
CA ARG C 452 -9.45 -12.08 9.84
C ARG C 452 -10.54 -11.08 10.19
N LEU C 453 -10.56 -10.64 11.45
CA LEU C 453 -11.56 -9.69 11.88
C LEU C 453 -10.89 -8.67 12.79
N ARG C 454 -11.42 -7.45 12.80
CA ARG C 454 -10.80 -6.40 13.60
C ARG C 454 -11.86 -5.39 14.02
N LYS C 455 -11.76 -4.92 15.26
CA LYS C 455 -12.68 -3.91 15.76
C LYS C 455 -12.20 -2.51 15.39
N CYS C 456 -13.14 -1.64 15.02
CA CYS C 456 -12.80 -0.25 14.75
C CYS C 456 -12.16 0.39 15.97
N SER C 457 -10.88 0.74 15.84
CA SER C 457 -10.11 1.20 17.00
C SER C 457 -10.65 2.50 17.57
N GLU C 458 -10.48 3.61 16.85
CA GLU C 458 -10.98 4.91 17.28
C GLU C 458 -10.72 5.97 16.21
N GLU C 459 -11.68 6.89 16.04
CA GLU C 459 -11.59 8.00 15.10
C GLU C 459 -11.24 7.54 13.69
N THR C 460 -11.86 6.46 13.22
CA THR C 460 -11.64 6.01 11.85
C THR C 460 -12.41 6.91 10.90
N PHE C 461 -11.69 7.61 10.03
CA PHE C 461 -12.29 8.68 9.25
C PHE C 461 -13.30 8.16 8.23
N ARG C 462 -13.19 6.89 7.84
CA ARG C 462 -14.09 6.35 6.83
C ARG C 462 -15.53 6.40 7.31
N PHE C 463 -16.32 7.25 6.66
CA PHE C 463 -17.69 7.51 7.12
C PHE C 463 -18.58 6.28 7.04
N GLU C 464 -18.31 5.36 6.12
CA GLU C 464 -19.07 4.12 6.07
C GLU C 464 -18.95 3.36 7.38
N LEU C 465 -17.82 3.50 8.06
CA LEU C 465 -17.66 2.90 9.38
C LEU C 465 -18.31 3.75 10.46
N GLY C 466 -17.84 4.98 10.63
CA GLY C 466 -18.44 5.90 11.56
C GLY C 466 -18.32 5.51 13.02
N GLY C 467 -17.46 4.54 13.30
CA GLY C 467 -17.23 4.11 14.67
C GLY C 467 -18.23 3.06 15.12
N GLY C 468 -17.82 2.29 16.13
CA GLY C 468 -18.67 1.24 16.66
C GLY C 468 -19.00 0.14 15.68
N VAL C 469 -18.03 -0.30 14.89
CA VAL C 469 -18.24 -1.31 13.86
C VAL C 469 -17.05 -2.27 13.85
N SER C 470 -17.19 -3.35 13.09
CA SER C 470 -16.16 -4.36 12.91
C SER C 470 -15.90 -4.56 11.41
N ILE C 471 -14.71 -5.02 11.08
CA ILE C 471 -14.32 -5.20 9.69
C ILE C 471 -13.72 -6.58 9.52
N VAL C 472 -14.19 -7.31 8.50
CA VAL C 472 -13.59 -8.56 8.08
C VAL C 472 -12.59 -8.23 6.99
N ARG C 473 -11.30 -8.32 7.31
CA ARG C 473 -10.25 -7.88 6.40
C ARG C 473 -10.01 -8.87 5.27
N GLU C 474 -10.23 -10.17 5.48
CA GLU C 474 -10.02 -11.16 4.44
C GLU C 474 -10.79 -12.43 4.81
N LEU C 475 -11.30 -13.11 3.78
CA LEU C 475 -11.83 -14.46 3.92
C LEU C 475 -11.27 -15.28 2.76
N HIS C 476 -10.99 -16.55 3.03
CA HIS C 476 -10.39 -17.38 1.99
C HIS C 476 -10.76 -18.83 2.23
N VAL C 477 -11.05 -19.54 1.15
CA VAL C 477 -11.43 -20.95 1.20
C VAL C 477 -10.57 -21.72 0.21
N TYR C 478 -10.17 -22.92 0.63
CA TYR C 478 -9.36 -23.81 -0.21
C TYR C 478 -10.22 -25.00 -0.62
N GLY C 479 -9.60 -25.93 -1.34
CA GLY C 479 -10.29 -27.12 -1.79
C GLY C 479 -9.73 -27.69 -3.09
N GLY C 496 -19.32 -26.42 2.82
CA GLY C 496 -19.27 -24.96 2.86
C GLY C 496 -18.73 -24.43 4.17
N PHE C 497 -17.42 -24.14 4.19
CA PHE C 497 -16.79 -23.65 5.41
C PHE C 497 -16.96 -22.14 5.54
N GLY C 498 -17.19 -21.45 4.42
CA GLY C 498 -17.26 -20.01 4.44
C GLY C 498 -18.41 -19.49 5.28
N MET C 499 -19.59 -20.12 5.16
CA MET C 499 -20.73 -19.67 5.94
C MET C 499 -20.52 -19.98 7.42
N LEU C 500 -19.81 -21.07 7.72
CA LEU C 500 -19.45 -21.34 9.11
C LEU C 500 -18.54 -20.27 9.68
N LEU C 501 -17.52 -19.87 8.92
CA LEU C 501 -16.61 -18.83 9.38
C LEU C 501 -17.34 -17.50 9.55
N MET C 502 -18.26 -17.20 8.62
CA MET C 502 -19.07 -15.99 8.76
C MET C 502 -19.98 -16.06 9.99
N GLU C 503 -20.52 -17.23 10.29
CA GLU C 503 -21.31 -17.42 11.50
C GLU C 503 -20.51 -17.12 12.74
N GLU C 504 -19.30 -17.68 12.83
CA GLU C 504 -18.44 -17.43 13.98
C GLU C 504 -18.07 -15.96 14.07
N ALA C 505 -17.77 -15.33 12.93
CA ALA C 505 -17.42 -13.91 12.93
C ALA C 505 -18.58 -13.05 13.41
N GLU C 506 -19.80 -13.36 12.95
CA GLU C 506 -20.97 -12.62 13.43
C GLU C 506 -21.18 -12.80 14.93
N ARG C 507 -20.98 -14.02 15.43
CA ARG C 507 -21.12 -14.27 16.86
C ARG C 507 -20.11 -13.45 17.64
N ILE C 508 -18.86 -13.42 17.19
CA ILE C 508 -17.82 -12.67 17.91
C ILE C 508 -18.10 -11.18 17.84
N ALA C 509 -18.58 -10.69 16.69
CA ALA C 509 -18.90 -9.27 16.56
C ALA C 509 -20.02 -8.88 17.50
N ARG C 510 -21.05 -9.71 17.61
CA ARG C 510 -22.20 -9.34 18.43
C ARG C 510 -21.88 -9.48 19.92
N GLU C 511 -21.15 -10.53 20.30
CA GLU C 511 -20.95 -10.85 21.71
C GLU C 511 -19.85 -10.02 22.34
N GLU C 512 -18.62 -10.16 21.84
CA GLU C 512 -17.45 -9.60 22.52
C GLU C 512 -17.23 -8.14 22.17
N HIS C 513 -17.19 -7.81 20.88
CA HIS C 513 -16.89 -6.44 20.46
C HIS C 513 -17.90 -5.43 20.96
N GLY C 514 -19.14 -5.84 21.19
CA GLY C 514 -20.18 -4.89 21.55
C GLY C 514 -20.49 -3.92 20.44
N SER C 515 -20.61 -4.40 19.22
CA SER C 515 -20.81 -3.56 18.05
C SER C 515 -22.26 -3.62 17.58
N GLY C 516 -22.65 -2.60 16.81
CA GLY C 516 -24.01 -2.53 16.30
C GLY C 516 -24.10 -2.84 14.82
N LYS C 517 -23.04 -2.53 14.07
CA LYS C 517 -22.99 -2.74 12.63
C LYS C 517 -21.67 -3.40 12.27
N MET C 518 -21.67 -4.23 11.23
CA MET C 518 -20.47 -4.91 10.78
C MET C 518 -20.31 -4.71 9.27
N ALA C 519 -19.06 -4.66 8.81
CA ALA C 519 -18.75 -4.41 7.42
C ALA C 519 -17.64 -5.35 6.95
N VAL C 520 -17.66 -5.67 5.66
CA VAL C 520 -16.64 -6.51 5.04
C VAL C 520 -16.25 -5.92 3.70
N ILE C 521 -14.96 -5.98 3.40
CA ILE C 521 -14.40 -5.50 2.15
C ILE C 521 -14.37 -6.66 1.15
N SER C 522 -14.74 -6.37 -0.08
CA SER C 522 -14.76 -7.40 -1.12
C SER C 522 -14.47 -6.76 -2.47
N GLY C 523 -13.83 -7.54 -3.34
CA GLY C 523 -13.66 -7.11 -4.71
C GLY C 523 -14.98 -7.04 -5.45
N VAL C 524 -15.01 -6.22 -6.50
CA VAL C 524 -16.24 -5.93 -7.23
C VAL C 524 -16.82 -7.20 -7.84
N GLY C 525 -15.96 -8.19 -8.07
CA GLY C 525 -16.38 -9.47 -8.62
C GLY C 525 -16.95 -10.45 -7.64
N THR C 526 -16.97 -10.13 -6.35
CA THR C 526 -17.51 -11.03 -5.34
C THR C 526 -18.53 -10.39 -4.41
N ARG C 527 -18.89 -9.12 -4.60
CA ARG C 527 -19.87 -8.49 -3.74
C ARG C 527 -21.25 -9.11 -3.91
N ASN C 528 -21.42 -9.88 -4.98
CA ASN C 528 -22.64 -10.67 -5.14
C ASN C 528 -22.71 -11.84 -4.18
N TYR C 529 -21.57 -12.50 -3.92
CA TYR C 529 -21.54 -13.65 -3.02
C TYR C 529 -21.92 -13.31 -1.59
N TYR C 530 -21.81 -12.05 -1.19
CA TYR C 530 -22.22 -11.64 0.14
C TYR C 530 -23.68 -11.20 0.20
N ARG C 531 -24.40 -11.31 -0.91
CA ARG C 531 -25.82 -10.98 -0.95
C ARG C 531 -26.71 -12.15 -0.58
N LYS C 532 -26.22 -13.39 -0.71
CA LYS C 532 -26.97 -14.54 -0.26
C LYS C 532 -27.06 -14.63 1.26
N ILE C 533 -26.24 -13.86 1.98
CA ILE C 533 -26.27 -13.84 3.43
C ILE C 533 -27.18 -12.74 3.97
N GLY C 534 -27.34 -11.63 3.25
CA GLY C 534 -28.21 -10.57 3.71
C GLY C 534 -27.51 -9.25 3.89
N TYR C 535 -26.44 -9.03 3.11
CA TYR C 535 -25.66 -7.80 3.18
C TYR C 535 -26.14 -6.81 2.15
N ARG C 536 -26.02 -5.52 2.50
CA ARG C 536 -26.26 -4.44 1.56
C ARG C 536 -24.92 -3.82 1.17
N LEU C 537 -24.97 -2.78 0.35
CA LEU C 537 -23.77 -2.07 -0.06
C LEU C 537 -23.77 -0.66 0.50
N GLN C 538 -22.70 -0.30 1.19
CA GLN C 538 -22.47 1.09 1.61
C GLN C 538 -21.04 1.45 1.24
N GLY C 539 -20.88 2.47 0.40
CA GLY C 539 -19.61 2.75 -0.20
C GLY C 539 -19.12 1.54 -0.97
N PRO C 540 -17.87 1.14 -0.74
CA PRO C 540 -17.36 -0.12 -1.28
C PRO C 540 -17.50 -1.32 -0.35
N TYR C 541 -18.20 -1.19 0.77
CA TYR C 541 -18.30 -2.27 1.75
C TYR C 541 -19.64 -2.98 1.64
N MET C 542 -19.62 -4.27 1.97
CA MET C 542 -20.84 -5.00 2.29
C MET C 542 -21.14 -4.83 3.77
N VAL C 543 -22.40 -4.51 4.07
CA VAL C 543 -22.79 -4.04 5.39
C VAL C 543 -23.93 -4.90 5.92
N LYS C 544 -23.85 -5.18 7.22
CA LYS C 544 -24.92 -5.87 7.94
C LYS C 544 -25.14 -5.17 9.28
N MET C 545 -26.37 -5.26 9.78
CA MET C 545 -26.72 -4.72 11.07
C MET C 545 -26.82 -5.83 12.10
N LEU C 546 -26.38 -5.52 13.33
CA LEU C 546 -26.35 -6.50 14.41
C LEU C 546 -27.49 -6.28 15.38
#